data_7RUI
# 
_entry.id   7RUI 
# 
_audit_conform.dict_name       mmcif_pdbx.dic 
_audit_conform.dict_version    5.380 
_audit_conform.dict_location   http://mmcif.pdb.org/dictionaries/ascii/mmcif_pdbx.dic 
# 
loop_
_database_2.database_id 
_database_2.database_code 
_database_2.pdbx_database_accession 
_database_2.pdbx_DOI 
PDB   7RUI         pdb_00007rui 10.2210/pdb7rui/pdb 
WWPDB D_1000258629 ?            ?                   
# 
loop_
_pdbx_database_related.db_name 
_pdbx_database_related.details 
_pdbx_database_related.db_id 
_pdbx_database_related.content_type 
PDB 'derivative structure' 7JKX unspecified 
PDB 'derivative structure' 7JKW unspecified 
PDB 'derivative structure' 7JKY unspecified 
PDB 'BD2 with derivative'  7JKZ unspecified 
# 
_pdbx_database_status.status_code                     REL 
_pdbx_database_status.status_code_sf                  REL 
_pdbx_database_status.status_code_mr                  ? 
_pdbx_database_status.entry_id                        7RUI 
_pdbx_database_status.recvd_initial_deposition_date   2021-08-17 
_pdbx_database_status.SG_entry                        N 
_pdbx_database_status.deposit_site                    RCSB 
_pdbx_database_status.process_site                    RCSB 
_pdbx_database_status.status_code_cs                  ? 
_pdbx_database_status.status_code_nmr_data            ? 
_pdbx_database_status.methods_development_category    ? 
_pdbx_database_status.pdb_format_compatible           Y 
# 
loop_
_audit_author.name 
_audit_author.pdbx_ordinal 
_audit_author.identifier_ORCID 
'Ratia, K.M.'      1 0000-0002-4834-9207 
'Xiong, R.'        2 0000-0002-6350-9037 
'Li, Y.'           3 0000-0002-4780-6154 
'Shen, Z.'         4 ?                   
'Zhao, J.'         5 ?                   
'Huang, F.'        6 ?                   
'Dubrovyskyii, O.' 7 ?                   
'Thatcher, G.R.'   8 0000-0002-7757-1739 
# 
_citation.abstract                  ? 
_citation.abstract_id_CAS           ? 
_citation.book_id_ISBN              ? 
_citation.book_publisher            ? 
_citation.book_publisher_city       ? 
_citation.book_title                ? 
_citation.coordinate_linkage        ? 
_citation.country                   ? 
_citation.database_id_Medline       ? 
_citation.details                   ? 
_citation.id                        primary 
_citation.journal_abbrev            'To Be Published' 
_citation.journal_id_ASTM           ? 
_citation.journal_id_CSD            0353 
_citation.journal_id_ISSN           ? 
_citation.journal_full              ? 
_citation.journal_issue             ? 
_citation.journal_volume            ? 
_citation.language                  ? 
_citation.page_first                ? 
_citation.page_last                 ? 
_citation.title                     'Bromodomain-containing protein 4 (BRD4) bromodomain 1 (BD1) complexed with XR844' 
_citation.year                      ? 
_citation.database_id_CSD           ? 
_citation.pdbx_database_id_DOI      ? 
_citation.pdbx_database_id_PubMed   ? 
_citation.pdbx_database_id_patent   ? 
_citation.unpublished_flag          ? 
# 
loop_
_citation_author.citation_id 
_citation_author.name 
_citation_author.ordinal 
_citation_author.identifier_ORCID 
primary 'Xiong, R.'        1 0000-0002-6350-9037 
primary 'Ratia, K.M.'      2 0000-0002-4834-9207 
primary 'Li, Y.'           3 0000-0002-4780-6154 
primary 'Shen, Z.'         4 ?                   
primary 'Zhao, J.'         5 ?                   
primary 'Huang, F.'        6 ?                   
primary 'Dubrovyskyii, O.' 7 ?                   
primary 'Thatcher, G.R.'   8 0000-0002-7757-1739 
# 
_cell.angle_alpha                  90.000 
_cell.angle_alpha_esd              ? 
_cell.angle_beta                   90.000 
_cell.angle_beta_esd               ? 
_cell.angle_gamma                  90.000 
_cell.angle_gamma_esd              ? 
_cell.entry_id                     7RUI 
_cell.details                      ? 
_cell.formula_units_Z              ? 
_cell.length_a                     38.158 
_cell.length_a_esd                 ? 
_cell.length_b                     42.303 
_cell.length_b_esd                 ? 
_cell.length_c                     90.557 
_cell.length_c_esd                 ? 
_cell.volume                       ? 
_cell.volume_esd                   ? 
_cell.Z_PDB                        4 
_cell.reciprocal_angle_alpha       ? 
_cell.reciprocal_angle_beta        ? 
_cell.reciprocal_angle_gamma       ? 
_cell.reciprocal_angle_alpha_esd   ? 
_cell.reciprocal_angle_beta_esd    ? 
_cell.reciprocal_angle_gamma_esd   ? 
_cell.reciprocal_length_a          ? 
_cell.reciprocal_length_b          ? 
_cell.reciprocal_length_c          ? 
_cell.reciprocal_length_a_esd      ? 
_cell.reciprocal_length_b_esd      ? 
_cell.reciprocal_length_c_esd      ? 
_cell.pdbx_unique_axis             ? 
# 
_symmetry.entry_id                         7RUI 
_symmetry.cell_setting                     ? 
_symmetry.Int_Tables_number                19 
_symmetry.space_group_name_Hall            ? 
_symmetry.space_group_name_H-M             'P 21 21 21' 
_symmetry.pdbx_full_space_group_name_H-M   ? 
# 
loop_
_entity.id 
_entity.type 
_entity.src_method 
_entity.pdbx_description 
_entity.formula_weight 
_entity.pdbx_number_of_molecules 
_entity.pdbx_ec 
_entity.pdbx_mutation 
_entity.pdbx_fragment 
_entity.details 
1 polymer     man 'Bromodomain-containing protein 4' 15123.376 1   ? ? 'bromodomain 1 (UNP residues 44-168)' ? 
2 non-polymer syn 
;N-{1-[1,1-di(pyridin-2-yl)ethyl]-6-(5-{[(2-fluorophenyl)carbamoyl]amino}-1-methyl-6-oxo-1,6-dihydropyridin-3-yl)-1H-indol-4-yl}-2,2,2-trifluoroethane-1-sulfonamide
;
719.708   1   ? ? ?                                     ? 
3 water       nat water 18.015    119 ? ? ?                                     ? 
# 
_entity_name_com.entity_id   1 
_entity_name_com.name        'Protein HUNK1' 
# 
_entity_poly.entity_id                      1 
_entity_poly.type                           'polypeptide(L)' 
_entity_poly.nstd_linkage                   no 
_entity_poly.nstd_monomer                   no 
_entity_poly.pdbx_seq_one_letter_code       
;LENPPPPETSNPNKPKRQTNQLQYLLRVVLKTLWKHQFAWPFQQPVDAVKLNLPDYYKIIKTPMDMGTIKKRLENNYYWN
AQECIQDFNTMFTNCYIYNKPGDDIVLMAEALEKLFLQKINELPTEE
;
_entity_poly.pdbx_seq_one_letter_code_can   
;LENPPPPETSNPNKPKRQTNQLQYLLRVVLKTLWKHQFAWPFQQPVDAVKLNLPDYYKIIKTPMDMGTIKKRLENNYYWN
AQECIQDFNTMFTNCYIYNKPGDDIVLMAEALEKLFLQKINELPTEE
;
_entity_poly.pdbx_strand_id                 A 
_entity_poly.pdbx_target_identifier         ? 
# 
loop_
_entity_poly_seq.entity_id 
_entity_poly_seq.num 
_entity_poly_seq.mon_id 
_entity_poly_seq.hetero 
1 1   LEU n 
1 2   GLU n 
1 3   ASN n 
1 4   PRO n 
1 5   PRO n 
1 6   PRO n 
1 7   PRO n 
1 8   GLU n 
1 9   THR n 
1 10  SER n 
1 11  ASN n 
1 12  PRO n 
1 13  ASN n 
1 14  LYS n 
1 15  PRO n 
1 16  LYS n 
1 17  ARG n 
1 18  GLN n 
1 19  THR n 
1 20  ASN n 
1 21  GLN n 
1 22  LEU n 
1 23  GLN n 
1 24  TYR n 
1 25  LEU n 
1 26  LEU n 
1 27  ARG n 
1 28  VAL n 
1 29  VAL n 
1 30  LEU n 
1 31  LYS n 
1 32  THR n 
1 33  LEU n 
1 34  TRP n 
1 35  LYS n 
1 36  HIS n 
1 37  GLN n 
1 38  PHE n 
1 39  ALA n 
1 40  TRP n 
1 41  PRO n 
1 42  PHE n 
1 43  GLN n 
1 44  GLN n 
1 45  PRO n 
1 46  VAL n 
1 47  ASP n 
1 48  ALA n 
1 49  VAL n 
1 50  LYS n 
1 51  LEU n 
1 52  ASN n 
1 53  LEU n 
1 54  PRO n 
1 55  ASP n 
1 56  TYR n 
1 57  TYR n 
1 58  LYS n 
1 59  ILE n 
1 60  ILE n 
1 61  LYS n 
1 62  THR n 
1 63  PRO n 
1 64  MET n 
1 65  ASP n 
1 66  MET n 
1 67  GLY n 
1 68  THR n 
1 69  ILE n 
1 70  LYS n 
1 71  LYS n 
1 72  ARG n 
1 73  LEU n 
1 74  GLU n 
1 75  ASN n 
1 76  ASN n 
1 77  TYR n 
1 78  TYR n 
1 79  TRP n 
1 80  ASN n 
1 81  ALA n 
1 82  GLN n 
1 83  GLU n 
1 84  CYS n 
1 85  ILE n 
1 86  GLN n 
1 87  ASP n 
1 88  PHE n 
1 89  ASN n 
1 90  THR n 
1 91  MET n 
1 92  PHE n 
1 93  THR n 
1 94  ASN n 
1 95  CYS n 
1 96  TYR n 
1 97  ILE n 
1 98  TYR n 
1 99  ASN n 
1 100 LYS n 
1 101 PRO n 
1 102 GLY n 
1 103 ASP n 
1 104 ASP n 
1 105 ILE n 
1 106 VAL n 
1 107 LEU n 
1 108 MET n 
1 109 ALA n 
1 110 GLU n 
1 111 ALA n 
1 112 LEU n 
1 113 GLU n 
1 114 LYS n 
1 115 LEU n 
1 116 PHE n 
1 117 LEU n 
1 118 GLN n 
1 119 LYS n 
1 120 ILE n 
1 121 ASN n 
1 122 GLU n 
1 123 LEU n 
1 124 PRO n 
1 125 THR n 
1 126 GLU n 
1 127 GLU n 
# 
_entity_src_gen.entity_id                          1 
_entity_src_gen.pdbx_src_id                        1 
_entity_src_gen.pdbx_alt_source_flag               sample 
_entity_src_gen.pdbx_seq_type                      'Biological sequence' 
_entity_src_gen.pdbx_beg_seq_num                   1 
_entity_src_gen.pdbx_end_seq_num                   127 
_entity_src_gen.gene_src_common_name               Human 
_entity_src_gen.gene_src_genus                     ? 
_entity_src_gen.pdbx_gene_src_gene                 'BRD4, HUNK1' 
_entity_src_gen.gene_src_species                   ? 
_entity_src_gen.gene_src_strain                    ? 
_entity_src_gen.gene_src_tissue                    ? 
_entity_src_gen.gene_src_tissue_fraction           ? 
_entity_src_gen.gene_src_details                   ? 
_entity_src_gen.pdbx_gene_src_fragment             ? 
_entity_src_gen.pdbx_gene_src_scientific_name      'Homo sapiens' 
_entity_src_gen.pdbx_gene_src_ncbi_taxonomy_id     9606 
_entity_src_gen.pdbx_gene_src_variant              ? 
_entity_src_gen.pdbx_gene_src_cell_line            ? 
_entity_src_gen.pdbx_gene_src_atcc                 ? 
_entity_src_gen.pdbx_gene_src_organ                ? 
_entity_src_gen.pdbx_gene_src_organelle            ? 
_entity_src_gen.pdbx_gene_src_cell                 ? 
_entity_src_gen.pdbx_gene_src_cellular_location    ? 
_entity_src_gen.host_org_common_name               ? 
_entity_src_gen.pdbx_host_org_scientific_name      'Escherichia coli' 
_entity_src_gen.pdbx_host_org_ncbi_taxonomy_id     562 
_entity_src_gen.host_org_genus                     ? 
_entity_src_gen.pdbx_host_org_gene                 ? 
_entity_src_gen.pdbx_host_org_organ                ? 
_entity_src_gen.host_org_species                   ? 
_entity_src_gen.pdbx_host_org_tissue               ? 
_entity_src_gen.pdbx_host_org_tissue_fraction      ? 
_entity_src_gen.pdbx_host_org_strain               ? 
_entity_src_gen.pdbx_host_org_variant              ? 
_entity_src_gen.pdbx_host_org_cell_line            ? 
_entity_src_gen.pdbx_host_org_atcc                 ? 
_entity_src_gen.pdbx_host_org_culture_collection   ? 
_entity_src_gen.pdbx_host_org_cell                 ? 
_entity_src_gen.pdbx_host_org_organelle            ? 
_entity_src_gen.pdbx_host_org_cellular_location    ? 
_entity_src_gen.pdbx_host_org_vector_type          ? 
_entity_src_gen.pdbx_host_org_vector               ? 
_entity_src_gen.host_org_details                   ? 
_entity_src_gen.expression_system_id               ? 
_entity_src_gen.plasmid_name                       ? 
_entity_src_gen.plasmid_details                    ? 
_entity_src_gen.pdbx_description                   ? 
# 
_struct_ref.id                         1 
_struct_ref.db_name                    UNP 
_struct_ref.db_code                    BRD4_HUMAN 
_struct_ref.pdbx_db_accession          O60885 
_struct_ref.pdbx_db_isoform            ? 
_struct_ref.entity_id                  1 
_struct_ref.pdbx_seq_one_letter_code   
;NPPPPETSNPNKPKRQTNQLQYLLRVVLKTLWKHQFAWPFQQPVDAVKLNLPDYYKIIKTPMDMGTIKKRLENNYYWNAQ
ECIQDFNTMFTNCYIYNKPGDDIVLMAEALEKLFLQKINELPTEE
;
_struct_ref.pdbx_align_begin           44 
# 
_struct_ref_seq.align_id                      1 
_struct_ref_seq.ref_id                        1 
_struct_ref_seq.pdbx_PDB_id_code              7RUI 
_struct_ref_seq.pdbx_strand_id                A 
_struct_ref_seq.seq_align_beg                 3 
_struct_ref_seq.pdbx_seq_align_beg_ins_code   ? 
_struct_ref_seq.seq_align_end                 127 
_struct_ref_seq.pdbx_seq_align_end_ins_code   ? 
_struct_ref_seq.pdbx_db_accession             O60885 
_struct_ref_seq.db_align_beg                  44 
_struct_ref_seq.pdbx_db_align_beg_ins_code    ? 
_struct_ref_seq.db_align_end                  168 
_struct_ref_seq.pdbx_db_align_end_ins_code    ? 
_struct_ref_seq.pdbx_auth_seq_align_beg       44 
_struct_ref_seq.pdbx_auth_seq_align_end       168 
# 
loop_
_struct_ref_seq_dif.align_id 
_struct_ref_seq_dif.pdbx_pdb_id_code 
_struct_ref_seq_dif.mon_id 
_struct_ref_seq_dif.pdbx_pdb_strand_id 
_struct_ref_seq_dif.seq_num 
_struct_ref_seq_dif.pdbx_pdb_ins_code 
_struct_ref_seq_dif.pdbx_seq_db_name 
_struct_ref_seq_dif.pdbx_seq_db_accession_code 
_struct_ref_seq_dif.db_mon_id 
_struct_ref_seq_dif.pdbx_seq_db_seq_num 
_struct_ref_seq_dif.details 
_struct_ref_seq_dif.pdbx_auth_seq_num 
_struct_ref_seq_dif.pdbx_ordinal 
1 7RUI LEU A 1 ? UNP O60885 ? ? 'expression tag' 42 1 
1 7RUI GLU A 2 ? UNP O60885 ? ? 'expression tag' 43 2 
# 
loop_
_chem_comp.id 
_chem_comp.type 
_chem_comp.mon_nstd_flag 
_chem_comp.name 
_chem_comp.pdbx_synonyms 
_chem_comp.formula 
_chem_comp.formula_weight 
7QZ non-polymer         . 
;N-{1-[1,1-di(pyridin-2-yl)ethyl]-6-(5-{[(2-fluorophenyl)carbamoyl]amino}-1-methyl-6-oxo-1,6-dihydropyridin-3-yl)-1H-indol-4-yl}-2,2,2-trifluoroethane-1-sulfonamide
;
? 'C35 H29 F4 N7 O4 S' 719.708 
ALA 'L-peptide linking' y ALANINE ? 'C3 H7 N O2'         89.093  
ARG 'L-peptide linking' y ARGININE ? 'C6 H15 N4 O2 1'     175.209 
ASN 'L-peptide linking' y ASPARAGINE ? 'C4 H8 N2 O3'        132.118 
ASP 'L-peptide linking' y 'ASPARTIC ACID' ? 'C4 H7 N O4'         133.103 
CYS 'L-peptide linking' y CYSTEINE ? 'C3 H7 N O2 S'       121.158 
GLN 'L-peptide linking' y GLUTAMINE ? 'C5 H10 N2 O3'       146.144 
GLU 'L-peptide linking' y 'GLUTAMIC ACID' ? 'C5 H9 N O4'         147.129 
GLY 'peptide linking'   y GLYCINE ? 'C2 H5 N O2'         75.067  
HIS 'L-peptide linking' y HISTIDINE ? 'C6 H10 N3 O2 1'     156.162 
HOH non-polymer         . WATER ? 'H2 O'               18.015  
ILE 'L-peptide linking' y ISOLEUCINE ? 'C6 H13 N O2'        131.173 
LEU 'L-peptide linking' y LEUCINE ? 'C6 H13 N O2'        131.173 
LYS 'L-peptide linking' y LYSINE ? 'C6 H15 N2 O2 1'     147.195 
MET 'L-peptide linking' y METHIONINE ? 'C5 H11 N O2 S'      149.211 
PHE 'L-peptide linking' y PHENYLALANINE ? 'C9 H11 N O2'        165.189 
PRO 'L-peptide linking' y PROLINE ? 'C5 H9 N O2'         115.130 
SER 'L-peptide linking' y SERINE ? 'C3 H7 N O3'         105.093 
THR 'L-peptide linking' y THREONINE ? 'C4 H9 N O3'         119.119 
TRP 'L-peptide linking' y TRYPTOPHAN ? 'C11 H12 N2 O2'      204.225 
TYR 'L-peptide linking' y TYROSINE ? 'C9 H11 N O3'        181.189 
VAL 'L-peptide linking' y VALINE ? 'C5 H11 N O2'        117.146 
# 
_exptl.absorpt_coefficient_mu     ? 
_exptl.absorpt_correction_T_max   ? 
_exptl.absorpt_correction_T_min   ? 
_exptl.absorpt_correction_type    ? 
_exptl.absorpt_process_details    ? 
_exptl.entry_id                   7RUI 
_exptl.crystals_number            1 
_exptl.details                    ? 
_exptl.method                     'X-RAY DIFFRACTION' 
_exptl.method_details             ? 
# 
_exptl_crystal.colour                      ? 
_exptl_crystal.density_diffrn              ? 
_exptl_crystal.density_Matthews            2.42 
_exptl_crystal.density_method              ? 
_exptl_crystal.density_percent_sol         49.10 
_exptl_crystal.description                 ? 
_exptl_crystal.F_000                       ? 
_exptl_crystal.id                          1 
_exptl_crystal.preparation                 ? 
_exptl_crystal.size_max                    ? 
_exptl_crystal.size_mid                    ? 
_exptl_crystal.size_min                    ? 
_exptl_crystal.size_rad                    ? 
_exptl_crystal.colour_lustre               ? 
_exptl_crystal.colour_modifier             ? 
_exptl_crystal.colour_primary              ? 
_exptl_crystal.density_meas                ? 
_exptl_crystal.density_meas_esd            ? 
_exptl_crystal.density_meas_gt             ? 
_exptl_crystal.density_meas_lt             ? 
_exptl_crystal.density_meas_temp           ? 
_exptl_crystal.density_meas_temp_esd       ? 
_exptl_crystal.density_meas_temp_gt        ? 
_exptl_crystal.density_meas_temp_lt        ? 
_exptl_crystal.pdbx_crystal_image_url      ? 
_exptl_crystal.pdbx_crystal_image_format   ? 
_exptl_crystal.pdbx_mosaicity              ? 
_exptl_crystal.pdbx_mosaicity_esd          ? 
# 
_exptl_crystal_grow.apparatus       ? 
_exptl_crystal_grow.atmosphere      ? 
_exptl_crystal_grow.crystal_id      1 
_exptl_crystal_grow.details         ? 
_exptl_crystal_grow.method          'VAPOR DIFFUSION, HANGING DROP' 
_exptl_crystal_grow.method_ref      ? 
_exptl_crystal_grow.pH              7.5 
_exptl_crystal_grow.pressure        ? 
_exptl_crystal_grow.pressure_esd    ? 
_exptl_crystal_grow.seeding         ? 
_exptl_crystal_grow.seeding_ref     ? 
_exptl_crystal_grow.temp            289 
_exptl_crystal_grow.temp_details    ? 
_exptl_crystal_grow.temp_esd        ? 
_exptl_crystal_grow.time            ? 
_exptl_crystal_grow.pdbx_details    '1.6 M ammonium sulfate, 0.1 M HEPES, pH 7.5, 0.1 M sodium chloride' 
_exptl_crystal_grow.pdbx_pH_range   ? 
# 
_diffrn.ambient_environment              ? 
_diffrn.ambient_temp                     100 
_diffrn.ambient_temp_details             ? 
_diffrn.ambient_temp_esd                 ? 
_diffrn.crystal_id                       1 
_diffrn.crystal_support                  ? 
_diffrn.crystal_treatment                ? 
_diffrn.details                          ? 
_diffrn.id                               1 
_diffrn.ambient_pressure                 ? 
_diffrn.ambient_pressure_esd             ? 
_diffrn.ambient_pressure_gt              ? 
_diffrn.ambient_pressure_lt              ? 
_diffrn.ambient_temp_gt                  ? 
_diffrn.ambient_temp_lt                  ? 
_diffrn.pdbx_serial_crystal_experiment   N 
# 
_diffrn_detector.details                      ? 
_diffrn_detector.detector                     PIXEL 
_diffrn_detector.diffrn_id                    1 
_diffrn_detector.type                         'DECTRIS EIGER X 9M' 
_diffrn_detector.area_resol_mean              ? 
_diffrn_detector.dtime                        ? 
_diffrn_detector.pdbx_frames_total            ? 
_diffrn_detector.pdbx_collection_time_total   ? 
_diffrn_detector.pdbx_collection_date         2021-04-15 
_diffrn_detector.pdbx_frequency               ? 
# 
_diffrn_radiation.collimation                      ? 
_diffrn_radiation.diffrn_id                        1 
_diffrn_radiation.filter_edge                      ? 
_diffrn_radiation.inhomogeneity                    ? 
_diffrn_radiation.monochromator                    ? 
_diffrn_radiation.polarisn_norm                    ? 
_diffrn_radiation.polarisn_ratio                   ? 
_diffrn_radiation.probe                            ? 
_diffrn_radiation.type                             ? 
_diffrn_radiation.xray_symbol                      ? 
_diffrn_radiation.wavelength_id                    1 
_diffrn_radiation.pdbx_monochromatic_or_laue_m_l   M 
_diffrn_radiation.pdbx_wavelength_list             ? 
_diffrn_radiation.pdbx_wavelength                  ? 
_diffrn_radiation.pdbx_diffrn_protocol             'SINGLE WAVELENGTH' 
_diffrn_radiation.pdbx_analyzer                    ? 
_diffrn_radiation.pdbx_scattering_type             x-ray 
# 
_diffrn_radiation_wavelength.id           1 
_diffrn_radiation_wavelength.wavelength   1.0332 
_diffrn_radiation_wavelength.wt           1.0 
# 
_diffrn_source.current                     ? 
_diffrn_source.details                     ? 
_diffrn_source.diffrn_id                   1 
_diffrn_source.power                       ? 
_diffrn_source.size                        ? 
_diffrn_source.source                      SYNCHROTRON 
_diffrn_source.target                      ? 
_diffrn_source.type                        'APS BEAMLINE 21-ID-D' 
_diffrn_source.voltage                     ? 
_diffrn_source.take-off_angle              ? 
_diffrn_source.pdbx_wavelength_list        1.0332 
_diffrn_source.pdbx_wavelength             ? 
_diffrn_source.pdbx_synchrotron_beamline   21-ID-D 
_diffrn_source.pdbx_synchrotron_site       APS 
# 
_reflns.B_iso_Wilson_estimate                          ? 
_reflns.entry_id                                       7RUI 
_reflns.data_reduction_details                         ? 
_reflns.data_reduction_method                          ? 
_reflns.d_resolution_high                              1.350 
_reflns.d_resolution_low                               42.300 
_reflns.details                                        ? 
_reflns.limit_h_max                                    ? 
_reflns.limit_h_min                                    ? 
_reflns.limit_k_max                                    ? 
_reflns.limit_k_min                                    ? 
_reflns.limit_l_max                                    ? 
_reflns.limit_l_min                                    ? 
_reflns.number_all                                     ? 
_reflns.number_obs                                     31930 
_reflns.observed_criterion                             ? 
_reflns.observed_criterion_F_max                       ? 
_reflns.observed_criterion_F_min                       ? 
_reflns.observed_criterion_I_max                       ? 
_reflns.observed_criterion_I_min                       ? 
_reflns.observed_criterion_sigma_F                     ? 
_reflns.observed_criterion_sigma_I                     ? 
_reflns.percent_possible_obs                           97.000 
_reflns.R_free_details                                 ? 
_reflns.Rmerge_F_all                                   ? 
_reflns.Rmerge_F_obs                                   ? 
_reflns.Friedel_coverage                               ? 
_reflns.number_gt                                      ? 
_reflns.threshold_expression                           ? 
_reflns.pdbx_redundancy                                5.900 
_reflns.pdbx_Rmerge_I_obs                              0.081 
_reflns.pdbx_Rmerge_I_all                              ? 
_reflns.pdbx_Rsym_value                                ? 
_reflns.pdbx_netI_over_av_sigmaI                       ? 
_reflns.pdbx_netI_over_sigmaI                          11.700 
_reflns.pdbx_res_netI_over_av_sigmaI_2                 ? 
_reflns.pdbx_res_netI_over_sigmaI_2                    ? 
_reflns.pdbx_chi_squared                               ? 
_reflns.pdbx_scaling_rejects                           16 
_reflns.pdbx_d_res_high_opt                            ? 
_reflns.pdbx_d_res_low_opt                             ? 
_reflns.pdbx_d_res_opt_method                          ? 
_reflns.phase_calculation_details                      ? 
_reflns.pdbx_Rrim_I_all                                0.089 
_reflns.pdbx_Rpim_I_all                                0.036 
_reflns.pdbx_d_opt                                     ? 
_reflns.pdbx_number_measured_all                       188859 
_reflns.pdbx_diffrn_id                                 1 
_reflns.pdbx_ordinal                                   1 
_reflns.pdbx_CC_half                                   0.995 
_reflns.pdbx_CC_star                                   ? 
_reflns.pdbx_R_split                                   ? 
_reflns.pdbx_aniso_diffraction_limit_axis_1_ortho[1]   ? 
_reflns.pdbx_aniso_diffraction_limit_axis_1_ortho[2]   ? 
_reflns.pdbx_aniso_diffraction_limit_axis_1_ortho[3]   ? 
_reflns.pdbx_aniso_diffraction_limit_axis_2_ortho[1]   ? 
_reflns.pdbx_aniso_diffraction_limit_axis_2_ortho[2]   ? 
_reflns.pdbx_aniso_diffraction_limit_axis_2_ortho[3]   ? 
_reflns.pdbx_aniso_diffraction_limit_axis_3_ortho[1]   ? 
_reflns.pdbx_aniso_diffraction_limit_axis_3_ortho[2]   ? 
_reflns.pdbx_aniso_diffraction_limit_axis_3_ortho[3]   ? 
_reflns.pdbx_aniso_diffraction_limit_1                 ? 
_reflns.pdbx_aniso_diffraction_limit_2                 ? 
_reflns.pdbx_aniso_diffraction_limit_3                 ? 
_reflns.pdbx_aniso_B_tensor_eigenvector_1_ortho[1]     ? 
_reflns.pdbx_aniso_B_tensor_eigenvector_1_ortho[2]     ? 
_reflns.pdbx_aniso_B_tensor_eigenvector_1_ortho[3]     ? 
_reflns.pdbx_aniso_B_tensor_eigenvector_2_ortho[1]     ? 
_reflns.pdbx_aniso_B_tensor_eigenvector_2_ortho[2]     ? 
_reflns.pdbx_aniso_B_tensor_eigenvector_2_ortho[3]     ? 
_reflns.pdbx_aniso_B_tensor_eigenvector_3_ortho[1]     ? 
_reflns.pdbx_aniso_B_tensor_eigenvector_3_ortho[2]     ? 
_reflns.pdbx_aniso_B_tensor_eigenvector_3_ortho[3]     ? 
_reflns.pdbx_aniso_B_tensor_eigenvalue_1               ? 
_reflns.pdbx_aniso_B_tensor_eigenvalue_2               ? 
_reflns.pdbx_aniso_B_tensor_eigenvalue_3               ? 
_reflns.pdbx_orthogonalization_convention              ? 
_reflns.pdbx_percent_possible_ellipsoidal              ? 
_reflns.pdbx_percent_possible_spherical                ? 
_reflns.pdbx_percent_possible_ellipsoidal_anomalous    ? 
_reflns.pdbx_percent_possible_spherical_anomalous      ? 
_reflns.pdbx_redundancy_anomalous                      ? 
_reflns.pdbx_CC_half_anomalous                         ? 
_reflns.pdbx_absDiff_over_sigma_anomalous              ? 
_reflns.pdbx_percent_possible_anomalous                ? 
_reflns.pdbx_observed_signal_threshold                 ? 
_reflns.pdbx_signal_type                               ? 
_reflns.pdbx_signal_details                            ? 
_reflns.pdbx_signal_software_id                        ? 
# 
_reflns_shell.d_res_high                                    1.350 
_reflns_shell.d_res_low                                     1.370 
_reflns_shell.meanI_over_sigI_all                           ? 
_reflns_shell.meanI_over_sigI_obs                           ? 
_reflns_shell.number_measured_all                           ? 
_reflns_shell.number_measured_obs                           ? 
_reflns_shell.number_possible                               ? 
_reflns_shell.number_unique_all                             ? 
_reflns_shell.number_unique_obs                             1219 
_reflns_shell.percent_possible_all                          77.500 
_reflns_shell.percent_possible_obs                          ? 
_reflns_shell.Rmerge_F_all                                  ? 
_reflns_shell.Rmerge_F_obs                                  ? 
_reflns_shell.Rmerge_I_all                                  ? 
_reflns_shell.Rmerge_I_obs                                  0.363 
_reflns_shell.meanI_over_sigI_gt                            ? 
_reflns_shell.meanI_over_uI_all                             ? 
_reflns_shell.meanI_over_uI_gt                              ? 
_reflns_shell.number_measured_gt                            ? 
_reflns_shell.number_unique_gt                              ? 
_reflns_shell.percent_possible_gt                           ? 
_reflns_shell.Rmerge_F_gt                                   ? 
_reflns_shell.Rmerge_I_gt                                   ? 
_reflns_shell.pdbx_redundancy                               3.200 
_reflns_shell.pdbx_Rsym_value                               ? 
_reflns_shell.pdbx_chi_squared                              ? 
_reflns_shell.pdbx_netI_over_sigmaI_all                     ? 
_reflns_shell.pdbx_netI_over_sigmaI_obs                     ? 
_reflns_shell.pdbx_Rrim_I_all                               0.438 
_reflns_shell.pdbx_Rpim_I_all                               0.239 
_reflns_shell.pdbx_rejects                                  ? 
_reflns_shell.pdbx_ordinal                                  1 
_reflns_shell.pdbx_diffrn_id                                1 
_reflns_shell.pdbx_CC_half                                  0.832 
_reflns_shell.pdbx_CC_star                                  ? 
_reflns_shell.pdbx_R_split                                  ? 
_reflns_shell.pdbx_percent_possible_ellipsoidal             ? 
_reflns_shell.pdbx_percent_possible_spherical               ? 
_reflns_shell.pdbx_percent_possible_ellipsoidal_anomalous   ? 
_reflns_shell.pdbx_percent_possible_spherical_anomalous     ? 
_reflns_shell.pdbx_redundancy_anomalous                     ? 
_reflns_shell.pdbx_CC_half_anomalous                        ? 
_reflns_shell.pdbx_absDiff_over_sigma_anomalous             ? 
_reflns_shell.pdbx_percent_possible_anomalous               ? 
# 
_refine.aniso_B[1][1]                            1.5300 
_refine.aniso_B[1][2]                            0.0000 
_refine.aniso_B[1][3]                            0.0000 
_refine.aniso_B[2][2]                            -0.7400 
_refine.aniso_B[2][3]                            0.0000 
_refine.aniso_B[3][3]                            -0.7900 
_refine.B_iso_max                                57.650 
_refine.B_iso_mean                               17.9170 
_refine.B_iso_min                                11.030 
_refine.correlation_coeff_Fo_to_Fc               0.9710 
_refine.correlation_coeff_Fo_to_Fc_free          0.9670 
_refine.details                                  
'HYDROGENS HAVE BEEN ADDED IN THE RIDING POSITIONS U VALUES      : REFINED INDIVIDUALLY' 
_refine.diff_density_max                         ? 
_refine.diff_density_max_esd                     ? 
_refine.diff_density_min                         ? 
_refine.diff_density_min_esd                     ? 
_refine.diff_density_rms                         ? 
_refine.diff_density_rms_esd                     ? 
_refine.entry_id                                 7RUI 
_refine.pdbx_refine_id                           'X-RAY DIFFRACTION' 
_refine.ls_abs_structure_details                 ? 
_refine.ls_abs_structure_Flack                   ? 
_refine.ls_abs_structure_Flack_esd               ? 
_refine.ls_abs_structure_Rogers                  ? 
_refine.ls_abs_structure_Rogers_esd              ? 
_refine.ls_d_res_high                            1.3500 
_refine.ls_d_res_low                             38.3600 
_refine.ls_extinction_coef                       ? 
_refine.ls_extinction_coef_esd                   ? 
_refine.ls_extinction_expression                 ? 
_refine.ls_extinction_method                     ? 
_refine.ls_goodness_of_fit_all                   ? 
_refine.ls_goodness_of_fit_all_esd               ? 
_refine.ls_goodness_of_fit_obs                   ? 
_refine.ls_goodness_of_fit_obs_esd               ? 
_refine.ls_hydrogen_treatment                    ? 
_refine.ls_matrix_type                           ? 
_refine.ls_number_constraints                    ? 
_refine.ls_number_parameters                     ? 
_refine.ls_number_reflns_all                     ? 
_refine.ls_number_reflns_obs                     30290 
_refine.ls_number_reflns_R_free                  1586 
_refine.ls_number_reflns_R_work                  ? 
_refine.ls_number_restraints                     ? 
_refine.ls_percent_reflns_obs                    96.6000 
_refine.ls_percent_reflns_R_free                 5.0000 
_refine.ls_R_factor_all                          ? 
_refine.ls_R_factor_obs                          0.1702 
_refine.ls_R_factor_R_free                       0.1895 
_refine.ls_R_factor_R_free_error                 ? 
_refine.ls_R_factor_R_free_error_details         ? 
_refine.ls_R_factor_R_work                       0.1692 
_refine.ls_R_Fsqd_factor_obs                     ? 
_refine.ls_R_I_factor_obs                        ? 
_refine.ls_redundancy_reflns_all                 ? 
_refine.ls_redundancy_reflns_obs                 ? 
_refine.ls_restrained_S_all                      ? 
_refine.ls_restrained_S_obs                      ? 
_refine.ls_shift_over_esd_max                    ? 
_refine.ls_shift_over_esd_mean                   ? 
_refine.ls_structure_factor_coef                 ? 
_refine.ls_weighting_details                     ? 
_refine.ls_weighting_scheme                      ? 
_refine.ls_wR_factor_all                         ? 
_refine.ls_wR_factor_obs                         ? 
_refine.ls_wR_factor_R_free                      ? 
_refine.ls_wR_factor_R_work                      ? 
_refine.occupancy_max                            ? 
_refine.occupancy_min                            ? 
_refine.solvent_model_details                    MASK 
_refine.solvent_model_param_bsol                 ? 
_refine.solvent_model_param_ksol                 ? 
_refine.pdbx_R_complete                          ? 
_refine.ls_R_factor_gt                           ? 
_refine.ls_goodness_of_fit_gt                    ? 
_refine.ls_goodness_of_fit_ref                   ? 
_refine.ls_shift_over_su_max                     ? 
_refine.ls_shift_over_su_max_lt                  ? 
_refine.ls_shift_over_su_mean                    ? 
_refine.ls_shift_over_su_mean_lt                 ? 
_refine.pdbx_ls_sigma_I                          ? 
_refine.pdbx_ls_sigma_F                          0.000 
_refine.pdbx_ls_sigma_Fsqd                       ? 
_refine.pdbx_data_cutoff_high_absF               ? 
_refine.pdbx_data_cutoff_high_rms_absF           ? 
_refine.pdbx_data_cutoff_low_absF                ? 
_refine.pdbx_isotropic_thermal_model             ? 
_refine.pdbx_ls_cross_valid_method               THROUGHOUT 
_refine.pdbx_method_to_determine_struct          'MOLECULAR REPLACEMENT' 
_refine.pdbx_starting_model                      'PDB entry 3MXF' 
_refine.pdbx_stereochemistry_target_values       'MAXIMUM LIKELIHOOD' 
_refine.pdbx_R_Free_selection_details            RANDOM 
_refine.pdbx_stereochem_target_val_spec_case     ? 
_refine.pdbx_overall_ESU_R                       0.0520 
_refine.pdbx_overall_ESU_R_Free                  0.0530 
_refine.pdbx_solvent_vdw_probe_radii             1.2000 
_refine.pdbx_solvent_ion_probe_radii             0.8000 
_refine.pdbx_solvent_shrinkage_radii             0.8000 
_refine.pdbx_real_space_R                        ? 
_refine.pdbx_density_correlation                 ? 
_refine.pdbx_pd_number_of_powder_patterns        ? 
_refine.pdbx_pd_number_of_points                 ? 
_refine.pdbx_pd_meas_number_of_points            ? 
_refine.pdbx_pd_proc_ls_prof_R_factor            ? 
_refine.pdbx_pd_proc_ls_prof_wR_factor           ? 
_refine.pdbx_pd_Marquardt_correlation_coeff      ? 
_refine.pdbx_pd_Fsqrd_R_factor                   ? 
_refine.pdbx_pd_ls_matrix_band_width             ? 
_refine.pdbx_overall_phase_error                 ? 
_refine.pdbx_overall_SU_R_free_Cruickshank_DPI   ? 
_refine.pdbx_overall_SU_R_free_Blow_DPI          ? 
_refine.pdbx_overall_SU_R_Blow_DPI               ? 
_refine.pdbx_TLS_residual_ADP_flag               ? 
_refine.pdbx_diffrn_id                           1 
_refine.overall_SU_B                             0.8650 
_refine.overall_SU_ML                            0.0350 
_refine.overall_SU_R_Cruickshank_DPI             ? 
_refine.overall_SU_R_free                        ? 
_refine.overall_FOM_free_R_set                   ? 
_refine.overall_FOM_work_R_set                   ? 
_refine.pdbx_average_fsc_overall                 ? 
_refine.pdbx_average_fsc_work                    ? 
_refine.pdbx_average_fsc_free                    ? 
# 
_refine_hist.pdbx_refine_id                   'X-RAY DIFFRACTION' 
_refine_hist.cycle_id                         final 
_refine_hist.details                          ? 
_refine_hist.d_res_high                       1.3500 
_refine_hist.d_res_low                        38.3600 
_refine_hist.number_atoms_solvent             119 
_refine_hist.number_atoms_total               1235 
_refine_hist.number_reflns_all                ? 
_refine_hist.number_reflns_obs                ? 
_refine_hist.number_reflns_R_free             ? 
_refine_hist.number_reflns_R_work             ? 
_refine_hist.R_factor_all                     ? 
_refine_hist.R_factor_obs                     ? 
_refine_hist.R_factor_R_free                  ? 
_refine_hist.R_factor_R_work                  ? 
_refine_hist.pdbx_number_residues_total       127 
_refine_hist.pdbx_B_iso_mean_ligand           17.31 
_refine_hist.pdbx_B_iso_mean_solvent          25.40 
_refine_hist.pdbx_number_atoms_protein        1065 
_refine_hist.pdbx_number_atoms_nucleic_acid   0 
_refine_hist.pdbx_number_atoms_ligand         51 
_refine_hist.pdbx_number_atoms_lipid          ? 
_refine_hist.pdbx_number_atoms_carb           ? 
_refine_hist.pdbx_pseudo_atom_details         ? 
# 
loop_
_refine_ls_restr.pdbx_refine_id 
_refine_ls_restr.criterion 
_refine_ls_restr.dev_ideal 
_refine_ls_restr.dev_ideal_target 
_refine_ls_restr.number 
_refine_ls_restr.rejects 
_refine_ls_restr.type 
_refine_ls_restr.weight 
_refine_ls_restr.pdbx_restraint_function 
'X-RAY DIFFRACTION' ? 0.019  0.013  1151 ? r_bond_refined_d       ? ? 
'X-RAY DIFFRACTION' ? 0.001  0.018  1030 ? r_bond_other_d         ? ? 
'X-RAY DIFFRACTION' ? 1.954  1.709  1575 ? r_angle_refined_deg    ? ? 
'X-RAY DIFFRACTION' ? 1.478  1.597  2411 ? r_angle_other_deg      ? ? 
'X-RAY DIFFRACTION' ? 5.837  5.000  126  ? r_dihedral_angle_1_deg ? ? 
'X-RAY DIFFRACTION' ? 35.848 25.172 58   ? r_dihedral_angle_2_deg ? ? 
'X-RAY DIFFRACTION' ? 14.130 15.000 197  ? r_dihedral_angle_3_deg ? ? 
'X-RAY DIFFRACTION' ? 16.010 15.000 3    ? r_dihedral_angle_4_deg ? ? 
'X-RAY DIFFRACTION' ? 0.097  0.200  140  ? r_chiral_restr         ? ? 
'X-RAY DIFFRACTION' ? 0.013  0.020  1244 ? r_gen_planes_refined   ? ? 
'X-RAY DIFFRACTION' ? 0.001  0.020  223  ? r_gen_planes_other     ? ? 
# 
_refine_ls_shell.pdbx_refine_id                   'X-RAY DIFFRACTION' 
_refine_ls_shell.d_res_high                       1.3500 
_refine_ls_shell.d_res_low                        1.3850 
_refine_ls_shell.number_reflns_all                1870 
_refine_ls_shell.number_reflns_obs                ? 
_refine_ls_shell.number_reflns_R_free             88 
_refine_ls_shell.number_reflns_R_work             1782 
_refine_ls_shell.percent_reflns_obs               77.7200 
_refine_ls_shell.percent_reflns_R_free            ? 
_refine_ls_shell.R_factor_all                     ? 
_refine_ls_shell.R_factor_obs                     ? 
_refine_ls_shell.R_factor_R_free                  0.2590 
_refine_ls_shell.R_factor_R_free_error            0.0000 
_refine_ls_shell.R_factor_R_work                  0.2300 
_refine_ls_shell.redundancy_reflns_all            ? 
_refine_ls_shell.redundancy_reflns_obs            ? 
_refine_ls_shell.wR_factor_all                    ? 
_refine_ls_shell.wR_factor_obs                    ? 
_refine_ls_shell.wR_factor_R_free                 ? 
_refine_ls_shell.wR_factor_R_work                 ? 
_refine_ls_shell.pdbx_R_complete                  ? 
_refine_ls_shell.pdbx_total_number_of_bins_used   20 
_refine_ls_shell.pdbx_phase_error                 ? 
_refine_ls_shell.pdbx_fsc_work                    ? 
_refine_ls_shell.pdbx_fsc_free                    ? 
# 
_struct.entry_id                     7RUI 
_struct.title                        'Bromodomain-containing protein 4 (BRD4) bromodomain 1 (BD1) complexed with XR844' 
_struct.pdbx_model_details           ? 
_struct.pdbx_formula_weight          ? 
_struct.pdbx_formula_weight_method   ? 
_struct.pdbx_model_type_details      ? 
_struct.pdbx_CASP_flag               N 
# 
_struct_keywords.entry_id        7RUI 
_struct_keywords.text            'Selective BRD4-BD1 inhibitor, TRANSCRIPTION-INHIBITOR complex' 
_struct_keywords.pdbx_keywords   TRANSCRIPTION/INHIBITOR 
# 
loop_
_struct_asym.id 
_struct_asym.pdbx_blank_PDB_chainid_flag 
_struct_asym.pdbx_modified 
_struct_asym.entity_id 
_struct_asym.details 
A N N 1 ? 
B N N 2 ? 
C N N 3 ? 
# 
loop_
_struct_conf.conf_type_id 
_struct_conf.id 
_struct_conf.pdbx_PDB_helix_id 
_struct_conf.beg_label_comp_id 
_struct_conf.beg_label_asym_id 
_struct_conf.beg_label_seq_id 
_struct_conf.pdbx_beg_PDB_ins_code 
_struct_conf.end_label_comp_id 
_struct_conf.end_label_asym_id 
_struct_conf.end_label_seq_id 
_struct_conf.pdbx_end_PDB_ins_code 
_struct_conf.beg_auth_comp_id 
_struct_conf.beg_auth_asym_id 
_struct_conf.beg_auth_seq_id 
_struct_conf.end_auth_comp_id 
_struct_conf.end_auth_asym_id 
_struct_conf.end_auth_seq_id 
_struct_conf.pdbx_PDB_helix_class 
_struct_conf.details 
_struct_conf.pdbx_PDB_helix_length 
HELX_P HELX_P1 AA1 THR A 19  ? VAL A 28  ? THR A 60  VAL A 69  1 ? 10 
HELX_P HELX_P2 AA2 VAL A 28  ? LYS A 35  ? VAL A 69  LYS A 76  1 ? 8  
HELX_P HELX_P3 AA3 HIS A 36  ? GLN A 43  ? HIS A 77  GLN A 84  5 ? 8  
HELX_P HELX_P4 AA4 ASP A 47  ? ASN A 52  ? ASP A 88  ASN A 93  1 ? 6  
HELX_P HELX_P5 AA5 ASP A 55  ? ILE A 60  ? ASP A 96  ILE A 101 1 ? 6  
HELX_P HELX_P6 AA6 ASP A 65  ? ASN A 75  ? ASP A 106 ASN A 116 1 ? 11 
HELX_P HELX_P7 AA7 ASN A 80  ? ASN A 99  ? ASN A 121 ASN A 140 1 ? 20 
HELX_P HELX_P8 AA8 ASP A 103 ? ASN A 121 ? ASP A 144 ASN A 162 1 ? 19 
# 
_struct_conf_type.id          HELX_P 
_struct_conf_type.criteria    ? 
_struct_conf_type.reference   ? 
# 
_atom_sites.entry_id                    7RUI 
_atom_sites.Cartn_transf_matrix[1][1]   ? 
_atom_sites.Cartn_transf_matrix[1][2]   ? 
_atom_sites.Cartn_transf_matrix[1][3]   ? 
_atom_sites.Cartn_transf_matrix[2][1]   ? 
_atom_sites.Cartn_transf_matrix[2][2]   ? 
_atom_sites.Cartn_transf_matrix[2][3]   ? 
_atom_sites.Cartn_transf_matrix[3][1]   ? 
_atom_sites.Cartn_transf_matrix[3][2]   ? 
_atom_sites.Cartn_transf_matrix[3][3]   ? 
_atom_sites.Cartn_transf_vector[1]      ? 
_atom_sites.Cartn_transf_vector[2]      ? 
_atom_sites.Cartn_transf_vector[3]      ? 
_atom_sites.fract_transf_matrix[1][1]   0.00964203 
_atom_sites.fract_transf_matrix[1][2]   0.02115098 
_atom_sites.fract_transf_matrix[1][3]   -0.01210265 
_atom_sites.fract_transf_matrix[2][1]   0.01193196 
_atom_sites.fract_transf_matrix[2][2]   -0.01395763 
_atom_sites.fract_transf_matrix[2][3]   -0.01488675 
_atom_sites.fract_transf_matrix[3][1]   -0.00862384 
_atom_sites.fract_transf_matrix[3][2]   -0.00001551 
_atom_sites.fract_transf_matrix[3][3]   -0.00689761 
_atom_sites.fract_transf_vector[1]      0.209082 
_atom_sites.fract_transf_vector[2]      0.120345 
_atom_sites.fract_transf_vector[3]      0.147413 
_atom_sites.solution_primary            ? 
_atom_sites.solution_secondary          ? 
_atom_sites.solution_hydrogens          ? 
_atom_sites.special_details             ? 
# 
loop_
_atom_type.symbol 
C 
F 
N 
O 
S 
# 
loop_
_atom_site.group_PDB 
_atom_site.id 
_atom_site.type_symbol 
_atom_site.label_atom_id 
_atom_site.label_alt_id 
_atom_site.label_comp_id 
_atom_site.label_asym_id 
_atom_site.label_entity_id 
_atom_site.label_seq_id 
_atom_site.pdbx_PDB_ins_code 
_atom_site.Cartn_x 
_atom_site.Cartn_y 
_atom_site.Cartn_z 
_atom_site.occupancy 
_atom_site.B_iso_or_equiv 
_atom_site.pdbx_formal_charge 
_atom_site.auth_seq_id 
_atom_site.auth_comp_id 
_atom_site.auth_asym_id 
_atom_site.auth_atom_id 
_atom_site.pdbx_PDB_model_num 
ATOM   1    N N   . LEU A 1 1   ? 14.447  -17.277 -9.564  1.00 24.99 ? 42  LEU A N   1 
ATOM   2    C CA  . LEU A 1 1   ? 12.980  -17.108 -9.313  1.00 22.73 ? 42  LEU A CA  1 
ATOM   3    C C   . LEU A 1 1   ? 12.452  -15.891 -10.088 1.00 21.00 ? 42  LEU A C   1 
ATOM   4    O O   . LEU A 1 1   ? 13.099  -14.776 -10.078 1.00 21.66 ? 42  LEU A O   1 
ATOM   5    C CB  . LEU A 1 1   ? 12.731  -16.945 -7.812  1.00 24.43 ? 42  LEU A CB  1 
ATOM   6    C CG  . LEU A 1 1   ? 11.319  -17.245 -7.321  1.00 26.83 ? 42  LEU A CG  1 
ATOM   7    C CD1 . LEU A 1 1   ? 11.016  -18.737 -7.399  1.00 29.23 ? 42  LEU A CD1 1 
ATOM   8    C CD2 . LEU A 1 1   ? 11.096  -16.773 -5.887  1.00 29.08 ? 42  LEU A CD2 1 
ATOM   9    N N   . GLU A 1 2   ? 11.276  -16.078 -10.666 1.00 17.68 ? 43  GLU A N   1 
ATOM   10   C CA  . GLU A 1 2   ? 10.581  -14.977 -11.338 1.00 17.80 ? 43  GLU A CA  1 
ATOM   11   C C   . GLU A 1 2   ? 9.961   -14.093 -10.258 1.00 15.97 ? 43  GLU A C   1 
ATOM   12   O O   . GLU A 1 2   ? 9.695   -14.553 -9.164  1.00 18.13 ? 43  GLU A O   1 
ATOM   13   C CB  . GLU A 1 2   ? 9.363   -15.505 -12.105 1.00 17.39 ? 43  GLU A CB  1 
ATOM   14   C CG  . GLU A 1 2   ? 9.684   -16.301 -13.353 1.00 20.20 ? 43  GLU A CG  1 
ATOM   15   C CD  . GLU A 1 2   ? 8.470   -16.766 -14.142 1.00 21.99 ? 43  GLU A CD  1 
ATOM   16   O OE1 . GLU A 1 2   ? 7.372   -16.280 -13.904 1.00 21.81 ? 43  GLU A OE1 1 
ATOM   17   O OE2 . GLU A 1 2   ? 8.639   -17.629 -14.989 1.00 24.17 ? 43  GLU A OE2 1 
ATOM   18   N N   . ASN A 1 3   ? 9.722   -12.844 -10.614 1.00 14.80 ? 44  ASN A N   1 
ATOM   19   C CA  . ASN A 1 3   ? 8.892   -12.002 -9.736  1.00 14.08 ? 44  ASN A CA  1 
ATOM   20   C C   . ASN A 1 3   ? 7.477   -12.545 -9.911  1.00 15.69 ? 44  ASN A C   1 
ATOM   21   O O   . ASN A 1 3   ? 7.104   -12.942 -11.014 1.00 15.57 ? 44  ASN A O   1 
ATOM   22   C CB  . ASN A 1 3   ? 8.815   -10.563 -10.242 1.00 14.88 ? 44  ASN A CB  1 
ATOM   23   C CG  . ASN A 1 3   ? 10.048  -9.746  -9.932  1.00 15.76 ? 44  ASN A CG  1 
ATOM   24   O OD1 . ASN A 1 3   ? 10.685  -9.948  -8.923  1.00 17.66 ? 44  ASN A OD1 1 
ATOM   25   N ND2 . ASN A 1 3   ? 10.341  -8.800  -10.789 1.00 16.19 ? 44  ASN A ND2 1 
ATOM   26   N N   . PRO A 1 4   ? 6.607   -12.459 -8.901  1.00 14.45 ? 45  PRO A N   1 
ATOM   27   C CA  . PRO A 1 4   ? 5.229   -12.822 -9.106  1.00 15.23 ? 45  PRO A CA  1 
ATOM   28   C C   . PRO A 1 4   ? 4.583   -11.688 -9.917  1.00 15.25 ? 45  PRO A C   1 
ATOM   29   O O   . PRO A 1 4   ? 5.019   -10.550 -9.922  1.00 14.79 ? 45  PRO A O   1 
ATOM   30   C CB  . PRO A 1 4   ? 4.662   -12.839 -7.673  1.00 14.80 ? 45  PRO A CB  1 
ATOM   31   C CG  . PRO A 1 4   ? 5.515   -11.849 -6.922  1.00 15.81 ? 45  PRO A CG  1 
ATOM   32   C CD  . PRO A 1 4   ? 6.884   -12.010 -7.541  1.00 15.47 ? 45  PRO A CD  1 
ATOM   33   N N   . PRO A 1 5   ? 3.400   -11.925 -10.516 1.00 14.56 ? 46  PRO A N   1 
ATOM   34   C CA  . PRO A 1 5   ? 2.670   -10.864 -11.160 1.00 14.55 ? 46  PRO A CA  1 
ATOM   35   C C   . PRO A 1 5   ? 2.210   -9.918  -10.040 1.00 15.35 ? 46  PRO A C   1 
ATOM   36   O O   . PRO A 1 5   ? 1.968   -10.301 -8.917  1.00 15.50 ? 46  PRO A O   1 
ATOM   37   C CB  . PRO A 1 5   ? 1.438   -11.570 -11.755 1.00 15.58 ? 46  PRO A CB  1 
ATOM   38   C CG  . PRO A 1 5   ? 1.276   -12.778 -10.882 1.00 17.03 ? 46  PRO A CG  1 
ATOM   39   C CD  . PRO A 1 5   ? 2.697   -13.205 -10.583 1.00 15.98 ? 46  PRO A CD  1 
ATOM   40   N N   . PRO A 1 6   ? 1.939   -8.643  -10.342 1.00 15.38 ? 47  PRO A N   1 
ATOM   41   C CA  . PRO A 1 6   ? 1.513   -7.729  -9.316  1.00 16.46 ? 47  PRO A CA  1 
ATOM   42   C C   . PRO A 1 6   ? 0.095   -8.070  -8.846  1.00 15.95 ? 47  PRO A C   1 
ATOM   43   O O   . PRO A 1 6   ? -0.667  -8.742  -9.502  1.00 15.07 ? 47  PRO A O   1 
ATOM   44   C CB  . PRO A 1 6   ? 1.510   -6.368  -10.021 1.00 17.75 ? 47  PRO A CB  1 
ATOM   45   C CG  . PRO A 1 6   ? 1.253   -6.717  -11.460 1.00 18.01 ? 47  PRO A CG  1 
ATOM   46   C CD  . PRO A 1 6   ? 2.001   -8.017  -11.661 1.00 18.49 ? 47  PRO A CD  1 
ATOM   47   N N   . PRO A 1 7   ? -0.339  -7.530  -7.698  1.00 14.72 ? 48  PRO A N   1 
ATOM   48   C CA  . PRO A 1 7   ? -1.678  -7.802  -7.216  1.00 14.88 ? 48  PRO A CA  1 
ATOM   49   C C   . PRO A 1 7   ? -2.742  -7.294  -8.202  1.00 14.94 ? 48  PRO A C   1 
ATOM   50   O O   . PRO A 1 7   ? -2.560  -6.334  -8.876  1.00 15.83 ? 48  PRO A O   1 
ATOM   51   C CB  . PRO A 1 7   ? -1.757  -7.002  -5.910  1.00 15.02 ? 48  PRO A CB  1 
ATOM   52   C CG  . PRO A 1 7   ? -0.311  -6.833  -5.506  1.00 15.39 ? 48  PRO A CG  1 
ATOM   53   C CD  . PRO A 1 7   ? 0.414   -6.648  -6.820  1.00 14.87 ? 48  PRO A CD  1 
ATOM   54   N N   . GLU A 1 8   ? -3.869  -7.986  -8.239  1.00 14.85 ? 49  GLU A N   1 
ATOM   55   C CA  . GLU A 1 8   ? -4.993  -7.561  -9.107  1.00 15.03 ? 49  GLU A CA  1 
ATOM   56   C C   . GLU A 1 8   ? -5.417  -6.137  -8.729  1.00 14.60 ? 49  GLU A C   1 
ATOM   57   O O   . GLU A 1 8   ? -5.490  -5.828  -7.549  1.00 15.24 ? 49  GLU A O   1 
ATOM   58   C CB  . GLU A 1 8   ? -6.121  -8.586  -8.999  1.00 17.76 ? 49  GLU A CB  1 
ATOM   59   C CG  . GLU A 1 8   ? -5.687  -9.958  -9.510  1.00 20.32 ? 49  GLU A CG  1 
ATOM   60   C CD  . GLU A 1 8   ? -6.769  -11.021 -9.502  1.00 21.87 ? 49  GLU A CD  1 
ATOM   61   O OE1 . GLU A 1 8   ? -6.483  -12.167 -9.133  1.00 18.87 ? 49  GLU A OE1 1 
ATOM   62   O OE2 . GLU A 1 8   ? -7.883  -10.677 -9.891  1.00 22.62 ? 49  GLU A OE2 1 
ATOM   63   N N   . THR A 1 9   ? -5.723  -5.322  -9.733  1.00 14.57 ? 50  THR A N   1 
ATOM   64   C CA  . THR A 1 9   ? -6.099  -3.914  -9.488  1.00 15.55 ? 50  THR A CA  1 
ATOM   65   C C   . THR A 1 9   ? -7.440  -3.555  -10.090 1.00 15.14 ? 50  THR A C   1 
ATOM   66   O O   . THR A 1 9   ? -7.939  -2.501  -9.727  1.00 17.42 ? 50  THR A O   1 
ATOM   67   C CB  . THR A 1 9   ? -5.025  -2.955  -9.990  1.00 17.21 ? 50  THR A CB  1 
ATOM   68   O OG1 . THR A 1 9   ? -4.713  -3.311  -11.333 1.00 19.77 ? 50  THR A OG1 1 
ATOM   69   C CG2 . THR A 1 9   ? -3.778  -3.012  -9.147  1.00 16.91 ? 50  THR A CG2 1 
ATOM   70   N N   . SER A 1 10  ? -8.005  -4.410  -10.918 1.00 16.08 ? 51  SER A N   1 
ATOM   71   C CA  . SER A 1 10  ? -9.314  -4.139  -11.526 1.00 18.02 ? 51  SER A CA  1 
ATOM   72   C C   . SER A 1 10  ? -10.038 -5.458  -11.568 1.00 19.51 ? 51  SER A C   1 
ATOM   73   O O   . SER A 1 10  ? -9.413  -6.529  -11.664 1.00 26.92 ? 51  SER A O   1 
ATOM   74   C CB  . SER A 1 10  ? -9.118  -3.511  -12.866 1.00 20.12 ? 51  SER A CB  1 
ATOM   75   O OG  . SER A 1 10  ? -10.337 -2.952  -13.346 1.00 27.58 ? 51  SER A OG  1 
ATOM   76   N N   . ASN A 1 11  ? -11.315 -5.432  -11.325 1.00 16.79 ? 52  ASN A N   1 
ATOM   77   C CA  . ASN A 1 11  ? -12.119 -6.654  -11.440 1.00 16.80 ? 52  ASN A CA  1 
ATOM   78   C C   . ASN A 1 11  ? -13.550 -6.256  -11.757 1.00 17.90 ? 52  ASN A C   1 
ATOM   79   O O   . ASN A 1 11  ? -14.280 -5.790  -10.879 1.00 17.02 ? 52  ASN A O   1 
ATOM   80   C CB  . ASN A 1 11  ? -12.060 -7.485  -10.172 1.00 16.94 ? 52  ASN A CB  1 
ATOM   81   C CG  . ASN A 1 11  ? -12.706 -8.835  -10.345 1.00 17.47 ? 52  ASN A CG  1 
ATOM   82   O OD1 . ASN A 1 11  ? -13.576 -8.998  -11.204 1.00 20.30 ? 52  ASN A OD1 1 
ATOM   83   N ND2 . ASN A 1 11  ? -12.246 -9.819  -9.600  1.00 20.31 ? 52  ASN A ND2 1 
ATOM   84   N N   . PRO A 1 12  ? -13.996 -6.392  -13.016 1.00 18.43 ? 53  PRO A N   1 
ATOM   85   C CA  . PRO A 1 12  ? -15.345 -5.995  -13.380 1.00 18.97 ? 53  PRO A CA  1 
ATOM   86   C C   . PRO A 1 12  ? -16.429 -6.885  -12.756 1.00 18.94 ? 53  PRO A C   1 
ATOM   87   O O   . PRO A 1 12  ? -17.587 -6.478  -12.832 1.00 22.46 ? 53  PRO A O   1 
ATOM   88   C CB  . PRO A 1 12  ? -15.378 -6.062  -14.909 1.00 22.82 ? 53  PRO A CB  1 
ATOM   89   C CG  . PRO A 1 12  ? -14.252 -6.955  -15.263 1.00 23.35 ? 53  PRO A CG  1 
ATOM   90   C CD  . PRO A 1 12  ? -13.197 -6.813  -14.177 1.00 20.10 ? 53  PRO A CD  1 
ATOM   91   N N   . ASN A 1 13  ? -16.081 -7.965  -12.092 1.00 17.14 ? 54  ASN A N   1 
ATOM   92   C CA  . ASN A 1 13  ? -17.071 -8.796  -11.368 1.00 17.46 ? 54  ASN A CA  1 
ATOM   93   C C   . ASN A 1 13  ? -17.264 -8.303  -9.928  1.00 17.32 ? 54  ASN A C   1 
ATOM   94   O O   . ASN A 1 13  ? -18.032 -8.941  -9.244  1.00 18.67 ? 54  ASN A O   1 
ATOM   95   C CB  . ASN A 1 13  ? -16.732 -10.287 -11.436 1.00 18.00 ? 54  ASN A CB  1 
ATOM   96   C CG  . ASN A 1 13  ? -17.936 -11.172 -11.229 1.00 19.29 ? 54  ASN A CG  1 
ATOM   97   O OD1 . ASN A 1 13  ? -18.938 -10.970 -11.903 1.00 21.02 ? 54  ASN A OD1 1 
ATOM   98   N ND2 . ASN A 1 13  ? -17.858 -12.117 -10.328 1.00 18.17 ? 54  ASN A ND2 1 
ATOM   99   N N   . LYS A 1 14  ? -16.574 -7.253  -9.493  1.00 17.16 ? 55  LYS A N   1 
ATOM   100  C CA  . LYS A 1 14  ? -16.768 -6.681  -8.129  1.00 18.84 ? 55  LYS A CA  1 
ATOM   101  C C   . LYS A 1 14  ? -17.625 -5.440  -8.293  1.00 19.74 ? 55  LYS A C   1 
ATOM   102  O O   . LYS A 1 14  ? -17.404 -4.631  -9.190  1.00 18.16 ? 55  LYS A O   1 
ATOM   103  C CB  . LYS A 1 14  ? -15.426 -6.327  -7.512  1.00 19.32 ? 55  LYS A CB  1 
ATOM   104  C CG  . LYS A 1 14  ? -14.538 -7.521  -7.160  1.00 21.64 ? 55  LYS A CG  1 
ATOM   105  C CD  . LYS A 1 14  ? -13.282 -7.119  -6.397  1.00 22.14 ? 55  LYS A CD  1 
ATOM   106  C CE  . LYS A 1 14  ? -13.634 -6.704  -4.988  1.00 24.35 ? 55  LYS A CE  1 
ATOM   107  N NZ  . LYS A 1 14  ? -12.454 -6.279  -4.191  1.00 24.35 ? 55  LYS A NZ  1 
ATOM   108  N N   . PRO A 1 15  ? -18.610 -5.227  -7.404  1.00 20.91 ? 56  PRO A N   1 
ATOM   109  C CA  . PRO A 1 15  ? -19.467 -4.054  -7.491  1.00 18.94 ? 56  PRO A CA  1 
ATOM   110  C C   . PRO A 1 15  ? -18.596 -2.836  -7.217  1.00 17.33 ? 56  PRO A C   1 
ATOM   111  O O   . PRO A 1 15  ? -17.567 -2.925  -6.591  1.00 18.95 ? 56  PRO A O   1 
ATOM   112  C CB  . PRO A 1 15  ? -20.499 -4.268  -6.374  1.00 20.88 ? 56  PRO A CB  1 
ATOM   113  C CG  . PRO A 1 15  ? -19.709 -5.101  -5.404  1.00 22.99 ? 56  PRO A CG  1 
ATOM   114  C CD  . PRO A 1 15  ? -18.915 -6.077  -6.260  1.00 23.30 ? 56  PRO A CD  1 
ATOM   115  N N   . LYS A 1 16  ? -19.041 -1.717  -7.739  1.00 14.93 ? 57  LYS A N   1 
ATOM   116  C CA  . LYS A 1 16  ? -18.261 -0.457  -7.691  1.00 16.53 ? 57  LYS A CA  1 
ATOM   117  C C   . LYS A 1 16  ? -19.019 0.697   -7.044  1.00 14.26 ? 57  LYS A C   1 
ATOM   118  O O   . LYS A 1 16  ? -20.232 0.886   -7.320  1.00 14.76 ? 57  LYS A O   1 
ATOM   119  C CB  . LYS A 1 16  ? -17.885 0.008   -9.085  1.00 19.83 ? 57  LYS A CB  1 
ATOM   120  C CG  . LYS A 1 16  ? -16.895 -0.893  -9.769  1.00 24.81 ? 57  LYS A CG  1 
ATOM   121  C CD  . LYS A 1 16  ? -16.754 -0.532  -11.228 1.00 25.06 ? 57  LYS A CD  1 
ATOM   122  C CE  . LYS A 1 16  ? -16.083 -1.586  -12.072 1.00 28.43 ? 57  LYS A CE  1 
ATOM   123  N NZ  . LYS A 1 16  ? -14.731 -1.855  -11.576 1.00 26.02 ? 57  LYS A NZ  1 
ATOM   124  N N   . ARG A 1 17  ? -18.387 1.492   -6.194  1.00 13.32 ? 58  ARG A N   1 
ATOM   125  C CA  . ARG A 1 17  ? -18.968 2.731   -5.673  1.00 13.07 ? 58  ARG A CA  1 
ATOM   126  C C   . ARG A 1 17  ? -17.889 3.747   -5.339  1.00 14.95 ? 58  ARG A C   1 
ATOM   127  O O   . ARG A 1 17  ? -16.725 3.356   -5.111  1.00 15.91 ? 58  ARG A O   1 
ATOM   128  C CB  . ARG A 1 17  ? -19.799 2.455   -4.416  1.00 13.09 ? 58  ARG A CB  1 
ATOM   129  C CG  . ARG A 1 17  ? -19.015 2.034   -3.176  1.00 12.44 ? 58  ARG A CG  1 
ATOM   130  C CD  . ARG A 1 17  ? -19.956 1.882   -2.007  1.00 12.76 ? 58  ARG A CD  1 
ATOM   131  N NE  . ARG A 1 17  ? -19.324 1.412   -0.796  1.00 12.38 ? 58  ARG A NE  1 
ATOM   132  C CZ  . ARG A 1 17  ? -19.928 1.234   0.350   1.00 12.76 ? 58  ARG A CZ  1 
ATOM   133  N NH1 . ARG A 1 17  ? -21.229 1.524   0.501   1.00 13.79 ? 58  ARG A NH1 1 
ATOM   134  N NH2 . ARG A 1 17  ? -19.256 0.800   1.390   1.00 13.33 ? 58  ARG A NH2 1 
ATOM   135  N N   . GLN A 1 18  ? -18.291 5.005   -5.315  1.00 16.10 ? 59  GLN A N   1 
ATOM   136  C CA  . GLN A 1 18  ? -17.430 6.108   -4.851  1.00 17.36 ? 59  GLN A CA  1 
ATOM   137  C C   . GLN A 1 18  ? -18.004 6.502   -3.491  1.00 17.71 ? 59  GLN A C   1 
ATOM   138  O O   . GLN A 1 18  ? -19.216 6.555   -3.370  1.00 20.21 ? 59  GLN A O   1 
ATOM   139  C CB  . GLN A 1 18  ? -17.469 7.255   -5.860  1.00 22.75 ? 59  GLN A CB  1 
ATOM   140  C CG  . GLN A 1 18  ? -16.770 6.923   -7.169  1.00 26.06 ? 59  GLN A CG  1 
ATOM   141  C CD  . GLN A 1 18  ? -16.851 8.040   -8.176  1.00 34.45 ? 59  GLN A CD  1 
ATOM   142  O OE1 . GLN A 1 18  ? -16.215 9.076   -8.028  1.00 45.03 ? 59  GLN A OE1 1 
ATOM   143  N NE2 . GLN A 1 18  ? -17.634 7.824   -9.220  1.00 40.04 ? 59  GLN A NE2 1 
ATOM   144  N N   . THR A 1 19  ? -17.152 6.705   -2.497  1.00 15.81 ? 60  THR A N   1 
ATOM   145  C CA  . THR A 1 19  ? -17.626 7.116   -1.156  1.00 15.00 ? 60  THR A CA  1 
ATOM   146  C C   . THR A 1 19  ? -16.734 8.242   -0.634  1.00 15.16 ? 60  THR A C   1 
ATOM   147  O O   . THR A 1 19  ? -15.636 8.398   -1.112  1.00 15.49 ? 60  THR A O   1 
ATOM   148  C CB  . THR A 1 19  ? -17.624 5.976   -0.131  1.00 14.19 ? 60  THR A CB  1 
ATOM   149  O OG1 . THR A 1 19  ? -16.276 5.616   0.159   1.00 15.79 ? 60  THR A OG1 1 
ATOM   150  C CG2 . THR A 1 19  ? -18.379 4.751   -0.591  1.00 16.75 ? 60  THR A CG2 1 
ATOM   151  N N   . ASN A 1 20  ? -17.218 8.939   0.382   1.00 15.23 ? 61  ASN A N   1 
ATOM   152  C CA  . ASN A 1 20  ? -16.449 10.053  0.977   1.00 15.98 ? 61  ASN A CA  1 
ATOM   153  C C   . ASN A 1 20  ? -15.108 9.515   1.479   1.00 14.97 ? 61  ASN A C   1 
ATOM   154  O O   . ASN A 1 20  ? -14.115 10.149  1.215   1.00 15.59 ? 61  ASN A O   1 
ATOM   155  C CB  . ASN A 1 20  ? -17.204 10.641  2.171   1.00 17.28 ? 61  ASN A CB  1 
ATOM   156  C CG  . ASN A 1 20  ? -18.550 11.228  1.814   1.00 20.13 ? 61  ASN A CG  1 
ATOM   157  O OD1 . ASN A 1 20  ? -18.737 11.715  0.711   1.00 20.56 ? 61  ASN A OD1 1 
ATOM   158  N ND2 . ASN A 1 20  ? -19.475 11.177  2.755   1.00 20.46 ? 61  ASN A ND2 1 
ATOM   159  N N   . GLN A 1 21  ? -15.109 8.373   2.165   1.00 14.04 ? 62  GLN A N   1 
ATOM   160  C CA  . GLN A 1 21  ? -13.853 7.805   2.721   1.00 13.90 ? 62  GLN A CA  1 
ATOM   161  C C   . GLN A 1 21  ? -12.903 7.318   1.623   1.00 14.82 ? 62  GLN A C   1 
ATOM   162  O O   . GLN A 1 21  ? -11.728 7.561   1.743   1.00 14.90 ? 62  GLN A O   1 
ATOM   163  C CB  . GLN A 1 21  ? -14.172 6.787   3.811   1.00 13.94 ? 62  GLN A CB  1 
ATOM   164  C CG  . GLN A 1 21  ? -14.899 7.442   4.968   1.00 15.12 ? 62  GLN A CG  1 
ATOM   165  C CD  . GLN A 1 21  ? -14.948 6.547   6.171   1.00 17.18 ? 62  GLN A CD  1 
ATOM   166  O OE1 . GLN A 1 21  ? -14.641 5.373   6.101   1.00 20.21 ? 62  GLN A OE1 1 
ATOM   167  N NE2 . GLN A 1 21  ? -15.343 7.111   7.288   1.00 18.01 ? 62  GLN A NE2 1 
ATOM   168  N N   . LEU A 1 22  ? -13.406 6.644   0.597   1.00 14.30 ? 63  LEU A N   1 
ATOM   169  C CA  . LEU A 1 22  ? -12.506 6.180   -0.488  1.00 16.14 ? 63  LEU A CA  1 
ATOM   170  C C   . LEU A 1 22  ? -11.911 7.386   -1.231  1.00 15.77 ? 63  LEU A C   1 
ATOM   171  O O   . LEU A 1 22  ? -10.750 7.349   -1.576  1.00 15.81 ? 63  LEU A O   1 
ATOM   172  C CB  . LEU A 1 22  ? -13.292 5.276   -1.435  1.00 16.49 ? 63  LEU A CB  1 
ATOM   173  C CG  . LEU A 1 22  ? -13.614 3.888   -0.887  1.00 18.65 ? 63  LEU A CG  1 
ATOM   174  C CD1 . LEU A 1 22  ? -14.609 3.191   -1.788  1.00 18.69 ? 63  LEU A CD1 1 
ATOM   175  C CD2 . LEU A 1 22  ? -12.357 3.055   -0.691  1.00 17.60 ? 63  LEU A CD2 1 
ATOM   176  N N   . GLN A 1 23  ? -12.710 8.418   -1.461  1.00 15.15 ? 64  GLN A N   1 
ATOM   177  C CA  . GLN A 1 23  ? -12.212 9.634   -2.154  1.00 16.57 ? 64  GLN A CA  1 
ATOM   178  C C   . GLN A 1 23  ? -11.096 10.266  -1.310  1.00 16.68 ? 64  GLN A C   1 
ATOM   179  O O   . GLN A 1 23  ? -10.076 10.622  -1.864  1.00 16.98 ? 64  GLN A O   1 
ATOM   180  C CB  . GLN A 1 23  ? -13.381 10.604  -2.258  1.00 19.66 ? 64  GLN A CB  1 
ATOM   181  C CG  . GLN A 1 23  ? -13.093 11.887  -3.002  1.00 25.81 ? 64  GLN A CG  1 
ATOM   182  C CD  . GLN A 1 23  ? -14.420 12.564  -3.258  1.00 33.57 ? 64  GLN A CD  1 
ATOM   183  O OE1 . GLN A 1 23  ? -15.489 11.988  -3.037  1.00 42.79 ? 64  GLN A OE1 1 
ATOM   184  N NE2 . GLN A 1 23  ? -14.376 13.789  -3.724  1.00 35.65 ? 64  GLN A NE2 1 
ATOM   185  N N   . TYR A 1 24  ? -11.298 10.335  0.001   1.00 15.23 ? 65  TYR A N   1 
ATOM   186  C CA  . TYR A 1 24  ? -10.290 10.880  0.944   1.00 15.88 ? 65  TYR A CA  1 
ATOM   187  C C   . TYR A 1 24  ? -9.027  10.011  0.926   1.00 17.09 ? 65  TYR A C   1 
ATOM   188  O O   . TYR A 1 24  ? -7.932  10.538  0.898   1.00 16.47 ? 65  TYR A O   1 
ATOM   189  C CB  . TYR A 1 24  ? -10.890 10.943  2.348   1.00 16.30 ? 65  TYR A CB  1 
ATOM   190  C CG  . TYR A 1 24  ? -9.948  11.434  3.415   1.00 18.56 ? 65  TYR A CG  1 
ATOM   191  C CD1 . TYR A 1 24  ? -9.758  12.783  3.635   1.00 20.17 ? 65  TYR A CD1 1 
ATOM   192  C CD2 . TYR A 1 24  ? -9.243  10.541  4.194   1.00 18.65 ? 65  TYR A CD2 1 
ATOM   193  C CE1 . TYR A 1 24  ? -8.901  13.236  4.626   1.00 19.85 ? 65  TYR A CE1 1 
ATOM   194  C CE2 . TYR A 1 24  ? -8.399  10.972  5.193   1.00 18.39 ? 65  TYR A CE2 1 
ATOM   195  C CZ  . TYR A 1 24  ? -8.217  12.322  5.395   1.00 19.26 ? 65  TYR A CZ  1 
ATOM   196  O OH  . TYR A 1 24  ? -7.375  12.733  6.371   1.00 22.75 ? 65  TYR A OH  1 
ATOM   197  N N   . LEU A 1 25  ? -9.193  8.697   0.889   1.00 14.80 ? 66  LEU A N   1 
ATOM   198  C CA  . LEU A 1 25  ? -8.011  7.805   0.878   1.00 14.60 ? 66  LEU A CA  1 
ATOM   199  C C   . LEU A 1 25  ? -7.180  8.055   -0.382  1.00 16.19 ? 66  LEU A C   1 
ATOM   200  O O   . LEU A 1 25  ? -5.988  7.973   -0.284  1.00 17.18 ? 66  LEU A O   1 
ATOM   201  C CB  . LEU A 1 25  ? -8.479  6.355   0.993   1.00 16.53 ? 66  LEU A CB  1 
ATOM   202  C CG  . LEU A 1 25  ? -8.863  5.957   2.415   1.00 18.41 ? 66  LEU A CG  1 
ATOM   203  C CD1 . LEU A 1 25  ? -9.712  4.705   2.408   1.00 21.47 ? 66  LEU A CD1 1 
ATOM   204  C CD2 . LEU A 1 25  ? -7.626  5.790   3.281   1.00 20.98 ? 66  LEU A CD2 1 
ATOM   205  N N   . LEU A 1 26  ? -7.807  8.270   -1.530  1.00 15.66 ? 67  LEU A N   1 
ATOM   206  C CA  . LEU A 1 26  ? -7.007  8.547   -2.749  1.00 16.17 ? 67  LEU A CA  1 
ATOM   207  C C   . LEU A 1 26  ? -6.460  9.980   -2.779  1.00 16.92 ? 67  LEU A C   1 
ATOM   208  O O   . LEU A 1 26  ? -5.281  10.149  -2.968  1.00 18.39 ? 67  LEU A O   1 
ATOM   209  C CB  . LEU A 1 26  ? -7.888  8.322   -3.978  1.00 18.18 ? 67  LEU A CB  1 
ATOM   210  C CG  . LEU A 1 26  ? -7.208  8.605   -5.318  1.00 19.03 ? 67  LEU A CG  1 
ATOM   211  C CD1 . LEU A 1 26  ? -5.954  7.767   -5.474  1.00 19.16 ? 67  LEU A CD1 1 
ATOM   212  C CD2 . LEU A 1 26  ? -8.161  8.322   -6.465  1.00 21.12 ? 67  LEU A CD2 1 
ATOM   213  N N   . ARG A 1 27  ? -7.329  10.950  -2.551  1.00 17.78 ? 68  ARG A N   1 
ATOM   214  C CA  . ARG A 1 27  ? -6.978  12.374  -2.740  1.00 20.19 ? 68  ARG A CA  1 
ATOM   215  C C   . ARG A 1 27  ? -6.170  12.968  -1.595  1.00 20.58 ? 68  ARG A C   1 
ATOM   216  O O   . ARG A 1 27  ? -5.502  13.962  -1.830  1.00 22.48 ? 68  ARG A O   1 
ATOM   217  C CB  . ARG A 1 27  ? -8.244  13.170  -3.033  1.00 23.75 ? 68  ARG A CB  1 
ATOM   218  C CG  . ARG A 1 27  ? -8.889  12.788  -4.353  1.00 28.62 ? 68  ARG A CG  1 
ATOM   219  C CD  . ARG A 1 27  ? -9.948  13.811  -4.669  1.00 38.11 ? 68  ARG A CD  1 
ATOM   220  N NE  . ARG A 1 27  ? -10.946 13.291  -5.574  1.00 45.50 ? 68  ARG A NE  1 
ATOM   221  C CZ  . ARG A 1 27  ? -12.027 13.961  -5.942  1.00 51.29 ? 68  ARG A CZ  1 
ATOM   222  N NH1 . ARG A 1 27  ? -12.239 15.175  -5.476  1.00 57.65 ? 68  ARG A NH1 1 
ATOM   223  N NH2 . ARG A 1 27  ? -12.905 13.412  -6.754  1.00 53.71 ? 68  ARG A NH2 1 
ATOM   224  N N   . VAL A 1 28  ? -6.344  12.455  -0.389  1.00 18.57 ? 69  VAL A N   1 
ATOM   225  C CA  . VAL A 1 28  ? -5.589  13.022  0.755   1.00 20.62 ? 69  VAL A CA  1 
ATOM   226  C C   . VAL A 1 28  ? -4.566  12.017  1.288   1.00 21.85 ? 69  VAL A C   1 
ATOM   227  O O   . VAL A 1 28  ? -3.419  12.367  1.345   1.00 21.39 ? 69  VAL A O   1 
ATOM   228  C CB  . VAL A 1 28  ? -6.560  13.480  1.853   1.00 19.22 ? 69  VAL A CB  1 
ATOM   229  C CG1 . VAL A 1 28  ? -5.828  13.920  3.106   1.00 22.48 ? 69  VAL A CG1 1 
ATOM   230  C CG2 . VAL A 1 28  ? -7.473  14.570  1.327   1.00 19.66 ? 69  VAL A CG2 1 
ATOM   231  N N   . VAL A 1 29  ? -4.979  10.815  1.669   1.00 20.26 ? 70  VAL A N   1 
ATOM   232  C CA  . VAL A 1 29  ? -3.994  9.890   2.299   1.00 19.41 ? 70  VAL A CA  1 
ATOM   233  C C   . VAL A 1 29  ? -2.950  9.379   1.307   1.00 21.62 ? 70  VAL A C   1 
ATOM   234  O O   . VAL A 1 29  ? -1.771  9.602   1.547   1.00 20.14 ? 70  VAL A O   1 
ATOM   235  C CB  . VAL A 1 29  ? -4.721  8.710   2.957   1.00 20.16 ? 70  VAL A CB  1 
ATOM   236  C CG1 . VAL A 1 29  ? -3.763  7.844   3.758   1.00 21.12 ? 70  VAL A CG1 1 
ATOM   237  C CG2 . VAL A 1 29  ? -5.858  9.192   3.833   1.00 20.24 ? 70  VAL A CG2 1 
ATOM   238  N N   . LEU A 1 30  ? -3.378  8.819   0.184   1.00 18.78 ? 71  LEU A N   1 
ATOM   239  C CA  . LEU A 1 30  ? -2.374  8.263   -0.748  1.00 19.81 ? 71  LEU A CA  1 
ATOM   240  C C   . LEU A 1 30  ? -1.533  9.415   -1.292  1.00 19.87 ? 71  LEU A C   1 
ATOM   241  O O   . LEU A 1 30  ? -0.327  9.287   -1.303  1.00 21.58 ? 71  LEU A O   1 
ATOM   242  C CB  . LEU A 1 30  ? -3.085  7.476   -1.851  1.00 21.90 ? 71  LEU A CB  1 
ATOM   243  C CG  . LEU A 1 30  ? -2.195  6.692   -2.811  1.00 24.74 ? 71  LEU A CG  1 
ATOM   244  C CD1 . LEU A 1 30  ? -1.605  7.580   -3.882  1.00 26.04 ? 71  LEU A CD1 1 
ATOM   245  C CD2 . LEU A 1 30  ? -1.107  5.939   -2.101  1.00 27.17 ? 71  LEU A CD2 1 
ATOM   246  N N   . LYS A 1 31  ? -2.175  10.525  -1.640  1.00 20.48 ? 72  LYS A N   1 
ATOM   247  C CA  . LYS A 1 31  ? -1.451  11.694  -2.198  1.00 25.01 ? 72  LYS A CA  1 
ATOM   248  C C   . LYS A 1 31  ? -0.389  12.199  -1.212  1.00 25.49 ? 72  LYS A C   1 
ATOM   249  O O   . LYS A 1 31  ? 0.736   12.408  -1.641  1.00 24.10 ? 72  LYS A O   1 
ATOM   250  C CB  . LYS A 1 31  ? -2.438  12.799  -2.584  1.00 29.44 ? 72  LYS A CB  1 
ATOM   251  C CG  . LYS A 1 31  ? -1.775  14.000  -3.233  1.00 33.49 ? 72  LYS A CG  1 
ATOM   252  C CD  . LYS A 1 31  ? -2.741  15.026  -3.766  1.00 40.88 ? 72  LYS A CD  1 
ATOM   253  C CE  . LYS A 1 31  ? -3.048  14.817  -5.229  1.00 48.64 ? 72  LYS A CE  1 
ATOM   254  N NZ  . LYS A 1 31  ? -1.854  15.076  -6.068  1.00 54.44 ? 72  LYS A NZ  1 
ATOM   255  N N   . THR A 1 32  ? -0.730  12.319  0.070   1.00 22.86 ? 73  THR A N   1 
ATOM   256  C CA  . THR A 1 32  ? 0.218   12.824  1.097   1.00 23.68 ? 73  THR A CA  1 
ATOM   257  C C   . THR A 1 32  ? 1.408   11.864  1.195   1.00 22.58 ? 73  THR A C   1 
ATOM   258  O O   . THR A 1 32  ? 2.591   12.343  1.246   1.00 22.71 ? 73  THR A O   1 
ATOM   259  C CB  . THR A 1 32  ? -0.469  12.920  2.467   1.00 24.22 ? 73  THR A CB  1 
ATOM   260  O OG1 . THR A 1 32  ? -1.505  13.884  2.347   1.00 27.24 ? 73  THR A OG1 1 
ATOM   261  C CG2 . THR A 1 32  ? 0.445   13.331  3.599   1.00 26.37 ? 73  THR A CG2 1 
ATOM   262  N N   . LEU A 1 33  ? 1.126   10.570  1.309   1.00 22.17 ? 74  LEU A N   1 
ATOM   263  C CA  . LEU A 1 33  ? 2.201   9.563   1.488   1.00 20.40 ? 74  LEU A CA  1 
ATOM   264  C C   . LEU A 1 33  ? 3.046   9.527   0.226   1.00 21.18 ? 74  LEU A C   1 
ATOM   265  O O   . LEU A 1 33  ? 4.289   9.492   0.346   1.00 21.09 ? 74  LEU A O   1 
ATOM   266  C CB  . LEU A 1 33  ? 1.651   8.171   1.800   1.00 22.56 ? 74  LEU A CB  1 
ATOM   267  C CG  . LEU A 1 33  ? 1.655   7.823   3.292   1.00 26.15 ? 74  LEU A CG  1 
ATOM   268  C CD1 . LEU A 1 33  ? 0.711   8.733   4.043   1.00 26.88 ? 74  LEU A CD1 1 
ATOM   269  C CD2 . LEU A 1 33  ? 1.303   6.352   3.494   1.00 28.52 ? 74  LEU A CD2 1 
ATOM   270  N N   . TRP A 1 34  ? 2.413   9.519   -0.938  1.00 18.33 ? 75  TRP A N   1 
ATOM   271  C CA  . TRP A 1 34  ? 3.135   9.386   -2.224  1.00 19.37 ? 75  TRP A CA  1 
ATOM   272  C C   . TRP A 1 34  ? 4.204   10.466  -2.387  1.00 20.08 ? 75  TRP A C   1 
ATOM   273  O O   . TRP A 1 34  ? 5.275   10.158  -2.880  1.00 21.54 ? 75  TRP A O   1 
ATOM   274  C CB  . TRP A 1 34  ? 2.133   9.486   -3.369  1.00 19.78 ? 75  TRP A CB  1 
ATOM   275  C CG  . TRP A 1 34  ? 2.705   9.059   -4.677  1.00 21.05 ? 75  TRP A CG  1 
ATOM   276  C CD1 . TRP A 1 34  ? 3.419   9.813   -5.557  1.00 22.39 ? 75  TRP A CD1 1 
ATOM   277  C CD2 . TRP A 1 34  ? 2.607   7.755   -5.257  1.00 17.86 ? 75  TRP A CD2 1 
ATOM   278  N NE1 . TRP A 1 34  ? 3.767   9.064   -6.643  1.00 22.26 ? 75  TRP A NE1 1 
ATOM   279  C CE2 . TRP A 1 34  ? 3.272   7.801   -6.492  1.00 20.45 ? 75  TRP A CE2 1 
ATOM   280  C CE3 . TRP A 1 34  ? 2.004   6.564   -4.856  1.00 19.17 ? 75  TRP A CE3 1 
ATOM   281  C CZ2 . TRP A 1 34  ? 3.361   6.695   -7.326  1.00 19.30 ? 75  TRP A CZ2 1 
ATOM   282  C CZ3 . TRP A 1 34  ? 2.103   5.472   -5.679  1.00 19.73 ? 75  TRP A CZ3 1 
ATOM   283  C CH2 . TRP A 1 34  ? 2.763   5.539   -6.899  1.00 21.12 ? 75  TRP A CH2 1 
ATOM   284  N N   . LYS A 1 35  ? 3.895   11.689  -1.972  1.00 22.13 ? 76  LYS A N   1 
ATOM   285  C CA  . LYS A 1 35  ? 4.788   12.860  -2.166  1.00 24.22 ? 76  LYS A CA  1 
ATOM   286  C C   . LYS A 1 35  ? 5.885   12.920  -1.104  1.00 25.36 ? 76  LYS A C   1 
ATOM   287  O O   . LYS A 1 35  ? 6.750   13.783  -1.209  1.00 25.49 ? 76  LYS A O   1 
ATOM   288  C CB  . LYS A 1 35  ? 3.953   14.141  -2.147  1.00 31.39 ? 76  LYS A CB  1 
ATOM   289  C CG  . LYS A 1 35  ? 2.919   14.237  -3.258  1.00 39.15 ? 76  LYS A CG  1 
ATOM   290  C CD  . LYS A 1 35  ? 1.984   15.412  -3.100  1.00 45.06 ? 76  LYS A CD  1 
ATOM   291  C CE  . LYS A 1 35  ? 1.473   15.968  -4.410  1.00 46.00 ? 76  LYS A CE  1 
ATOM   292  N NZ  . LYS A 1 35  ? 0.921   17.337  -4.246  1.00 52.20 ? 76  LYS A NZ  1 
ATOM   293  N N   . HIS A 1 36  ? 5.796   12.088  -0.083  1.00 19.95 ? 77  HIS A N   1 
ATOM   294  C CA  . HIS A 1 36  ? 6.816   12.085  0.985   1.00 21.29 ? 77  HIS A CA  1 
ATOM   295  C C   . HIS A 1 36  ? 8.150   11.615  0.400   1.00 20.99 ? 77  HIS A C   1 
ATOM   296  O O   . HIS A 1 36  ? 8.166   10.747  -0.442  1.00 20.77 ? 77  HIS A O   1 
ATOM   297  C CB  . HIS A 1 36  ? 6.318   11.217  2.145   1.00 22.17 ? 77  HIS A CB  1 
ATOM   298  C CG  . HIS A 1 36  ? 7.071   11.414  3.405   1.00 23.70 ? 77  HIS A CG  1 
ATOM   299  N ND1 . HIS A 1 36  ? 8.324   10.898  3.599   1.00 23.82 ? 77  HIS A ND1 1 
ATOM   300  C CD2 . HIS A 1 36  ? 6.748   12.058  4.536   1.00 25.90 ? 77  HIS A CD2 1 
ATOM   301  C CE1 . HIS A 1 36  ? 8.751   11.220  4.792   1.00 29.09 ? 77  HIS A CE1 1 
ATOM   302  N NE2 . HIS A 1 36  ? 7.808   11.930  5.382   1.00 30.06 ? 77  HIS A NE2 1 
ATOM   303  N N   . GLN A 1 37  ? 9.248   12.133  0.922   1.00 22.33 ? 78  GLN A N   1 
ATOM   304  C CA  . GLN A 1 37  ? 10.579  11.744  0.412   1.00 22.98 ? 78  GLN A CA  1 
ATOM   305  C C   . GLN A 1 37  ? 10.800  10.235  0.559   1.00 21.80 ? 78  GLN A C   1 
ATOM   306  O O   . GLN A 1 37  ? 11.355  9.673   -0.346  1.00 24.48 ? 78  GLN A O   1 
ATOM   307  C CB  . GLN A 1 37  ? 11.674  12.441  1.211   1.00 24.97 ? 78  GLN A CB  1 
ATOM   308  C CG  . GLN A 1 37  ? 13.061  12.094  0.692   1.00 25.99 ? 78  GLN A CG  1 
ATOM   309  C CD  . GLN A 1 37  ? 13.189  12.318  -0.796  1.00 30.07 ? 78  GLN A CD  1 
ATOM   310  O OE1 . GLN A 1 37  ? 12.674  13.283  -1.346  1.00 38.59 ? 78  GLN A OE1 1 
ATOM   311  N NE2 . GLN A 1 37  ? 13.858  11.409  -1.474  1.00 30.66 ? 78  GLN A NE2 1 
ATOM   312  N N   . PHE A 1 38  ? 10.322  9.625   1.642   1.00 22.27 ? 79  PHE A N   1 
ATOM   313  C CA  . PHE A 1 38  ? 10.596  8.177   1.862   1.00 22.88 ? 79  PHE A CA  1 
ATOM   314  C C   . PHE A 1 38  ? 9.635   7.247   1.112   1.00 22.68 ? 79  PHE A C   1 
ATOM   315  O O   . PHE A 1 38  ? 9.763   6.058   1.283   1.00 20.21 ? 79  PHE A O   1 
ATOM   316  C CB  . PHE A 1 38  ? 10.374  7.798   3.320   1.00 24.50 ? 79  PHE A CB  1 
ATOM   317  C CG  . PHE A 1 38  ? 11.146  8.591   4.329   1.00 28.76 ? 79  PHE A CG  1 
ATOM   318  C CD1 . PHE A 1 38  ? 12.278  9.294   3.966   1.00 30.23 ? 79  PHE A CD1 1 
ATOM   319  C CD2 . PHE A 1 38  ? 10.749  8.605   5.648   1.00 30.55 ? 79  PHE A CD2 1 
ATOM   320  C CE1 . PHE A 1 38  ? 12.992  10.014  4.909   1.00 30.34 ? 79  PHE A CE1 1 
ATOM   321  C CE2 . PHE A 1 38  ? 11.467  9.320   6.588   1.00 35.48 ? 79  PHE A CE2 1 
ATOM   322  C CZ  . PHE A 1 38  ? 12.581  10.031  6.213   1.00 33.36 ? 79  PHE A CZ  1 
ATOM   323  N N   . ALA A 1 39  ? 8.690   7.777   0.351   1.00 19.46 ? 80  ALA A N   1 
ATOM   324  C CA  . ALA A 1 39  ? 7.692   6.921   -0.318  1.00 19.55 ? 80  ALA A CA  1 
ATOM   325  C C   . ALA A 1 39  ? 8.256   6.131   -1.497  1.00 17.29 ? 80  ALA A C   1 
ATOM   326  O O   . ALA A 1 39  ? 7.692   5.119   -1.813  1.00 16.17 ? 80  ALA A O   1 
ATOM   327  C CB  . ALA A 1 39  ? 6.534   7.771   -0.777  1.00 20.68 ? 80  ALA A CB  1 
ATOM   328  N N   . TRP A 1 40  ? 9.355   6.577   -2.096  1.00 15.59 ? 81  TRP A N   1 
ATOM   329  C CA  . TRP A 1 40  ? 9.764   6.032   -3.414  1.00 16.04 ? 81  TRP A CA  1 
ATOM   330  C C   . TRP A 1 40  ? 9.977   4.518   -3.429  1.00 14.29 ? 81  TRP A C   1 
ATOM   331  O O   . TRP A 1 40  ? 9.504   3.911   -4.345  1.00 14.87 ? 81  TRP A O   1 
ATOM   332  C CB  . TRP A 1 40  ? 10.917  6.827   -4.044  1.00 15.48 ? 81  TRP A CB  1 
ATOM   333  C CG  . TRP A 1 40  ? 12.275  6.593   -3.465  1.00 14.52 ? 81  TRP A CG  1 
ATOM   334  C CD1 . TRP A 1 40  ? 12.953  7.383   -2.590  1.00 16.50 ? 81  TRP A CD1 1 
ATOM   335  C CD2 . TRP A 1 40  ? 13.138  5.491   -3.769  1.00 14.54 ? 81  TRP A CD2 1 
ATOM   336  N NE1 . TRP A 1 40  ? 14.173  6.839   -2.318  1.00 15.49 ? 81  TRP A NE1 1 
ATOM   337  C CE2 . TRP A 1 40  ? 14.321  5.684   -3.035  1.00 14.87 ? 81  TRP A CE2 1 
ATOM   338  C CE3 . TRP A 1 40  ? 13.028  4.367   -4.590  1.00 14.89 ? 81  TRP A CE3 1 
ATOM   339  C CZ2 . TRP A 1 40  ? 15.377  4.785   -3.096  1.00 15.55 ? 81  TRP A CZ2 1 
ATOM   340  C CZ3 . TRP A 1 40  ? 14.074  3.478   -4.647  1.00 15.99 ? 81  TRP A CZ3 1 
ATOM   341  C CH2 . TRP A 1 40  ? 15.232  3.688   -3.908  1.00 15.76 ? 81  TRP A CH2 1 
ATOM   342  N N   . PRO A 1 41  ? 10.555  3.843   -2.419  1.00 13.29 ? 82  PRO A N   1 
ATOM   343  C CA  . PRO A 1 41  ? 10.703  2.383   -2.480  1.00 13.10 ? 82  PRO A CA  1 
ATOM   344  C C   . PRO A 1 41  ? 9.392   1.582   -2.384  1.00 13.23 ? 82  PRO A C   1 
ATOM   345  O O   . PRO A 1 41  ? 9.437   0.436   -2.634  1.00 13.32 ? 82  PRO A O   1 
ATOM   346  C CB  . PRO A 1 41  ? 11.602  2.036   -1.284  1.00 13.80 ? 82  PRO A CB  1 
ATOM   347  C CG  . PRO A 1 41  ? 12.250  3.361   -0.923  1.00 14.40 ? 82  PRO A CG  1 
ATOM   348  C CD  . PRO A 1 41  ? 11.193  4.400   -1.225  1.00 13.56 ? 82  PRO A CD  1 
ATOM   349  N N   . PHE A 1 42  ? 8.304   2.233   -1.979  1.00 13.47 ? 83  PHE A N   1 
ATOM   350  C CA  . PHE A 1 42  ? 6.958   1.647   -1.779  1.00 13.37 ? 83  PHE A CA  1 
ATOM   351  C C   . PHE A 1 42  ? 5.985   2.049   -2.896  1.00 14.70 ? 83  PHE A C   1 
ATOM   352  O O   . PHE A 1 42  ? 4.836   1.670   -2.760  1.00 14.82 ? 83  PHE A O   1 
ATOM   353  C CB  . PHE A 1 42  ? 6.445   2.139   -0.424  1.00 13.84 ? 83  PHE A CB  1 
ATOM   354  C CG  . PHE A 1 42  ? 7.375   1.827   0.721   1.00 13.72 ? 83  PHE A CG  1 
ATOM   355  C CD1 . PHE A 1 42  ? 7.351   0.589   1.334   1.00 14.74 ? 83  PHE A CD1 1 
ATOM   356  C CD2 . PHE A 1 42  ? 8.281   2.764   1.172   1.00 14.23 ? 83  PHE A CD2 1 
ATOM   357  C CE1 . PHE A 1 42  ? 8.211   0.299   2.375   1.00 14.49 ? 83  PHE A CE1 1 
ATOM   358  C CE2 . PHE A 1 42  ? 9.140   2.471   2.213   1.00 14.45 ? 83  PHE A CE2 1 
ATOM   359  C CZ  . PHE A 1 42  ? 9.110   1.239   2.805   1.00 14.05 ? 83  PHE A CZ  1 
ATOM   360  N N   . GLN A 1 43  ? 6.433   2.736   -3.953  1.00 13.36 ? 84  GLN A N   1 
ATOM   361  C CA  . GLN A 1 43  ? 5.505   3.207   -5.014  1.00 14.50 ? 84  GLN A CA  1 
ATOM   362  C C   . GLN A 1 43  ? 5.162   2.092   -6.007  1.00 15.15 ? 84  GLN A C   1 
ATOM   363  O O   . GLN A 1 43  ? 4.257   2.291   -6.835  1.00 17.31 ? 84  GLN A O   1 
ATOM   364  C CB  . GLN A 1 43  ? 6.092   4.440   -5.697  1.00 15.43 ? 84  GLN A CB  1 
ATOM   365  C CG  . GLN A 1 43  ? 5.942   5.655   -4.832  1.00 15.98 ? 84  GLN A CG  1 
ATOM   366  C CD  . GLN A 1 43  ? 6.552   6.879   -5.463  1.00 17.99 ? 84  GLN A CD  1 
ATOM   367  O OE1 . GLN A 1 43  ? 7.201   6.772   -6.494  1.00 21.58 ? 84  GLN A OE1 1 
ATOM   368  N NE2 . GLN A 1 43  ? 6.303   8.034   -4.864  1.00 20.69 ? 84  GLN A NE2 1 
ATOM   369  N N   . GLN A 1 44  ? 5.897   0.998   -6.051  1.00 13.93 ? 85  GLN A N   1 
ATOM   370  C CA  . GLN A 1 44  ? 5.696   -0.139  -6.960  1.00 14.31 ? 85  GLN A CA  1 
ATOM   371  C C   . GLN A 1 44  ? 5.974   -1.389  -6.158  1.00 13.59 ? 85  GLN A C   1 
ATOM   372  O O   . GLN A 1 44  ? 6.645   -1.323  -5.132  1.00 12.78 ? 85  GLN A O   1 
ATOM   373  C CB  . GLN A 1 44  ? 6.599   -0.117  -8.188  1.00 16.74 ? 85  GLN A CB  1 
ATOM   374  C CG  . GLN A 1 44  ? 6.450   1.160   -8.977  1.00 22.60 ? 85  GLN A CG  1 
ATOM   375  C CD  . GLN A 1 44  ? 5.397   0.950   -10.025 1.00 33.29 ? 85  GLN A CD  1 
ATOM   376  O OE1 . GLN A 1 44  ? 4.215   0.800   -9.721  1.00 36.07 ? 85  GLN A OE1 1 
ATOM   377  N NE2 . GLN A 1 44  ? 5.838   0.844   -11.275 1.00 41.60 ? 85  GLN A NE2 1 
ATOM   378  N N   . PRO A 1 45  ? 5.588   -2.583  -6.663  1.00 13.67 ? 86  PRO A N   1 
ATOM   379  C CA  . PRO A 1 45  ? 5.982   -3.814  -6.023  1.00 13.85 ? 86  PRO A CA  1 
ATOM   380  C C   . PRO A 1 45  ? 7.488   -3.951  -5.815  1.00 14.57 ? 86  PRO A C   1 
ATOM   381  O O   . PRO A 1 45  ? 8.258   -3.438  -6.647  1.00 15.12 ? 86  PRO A O   1 
ATOM   382  C CB  . PRO A 1 45  ? 5.472   -4.873  -7.017  1.00 15.11 ? 86  PRO A CB  1 
ATOM   383  C CG  . PRO A 1 45  ? 4.302   -4.249  -7.634  1.00 15.01 ? 86  PRO A CG  1 
ATOM   384  C CD  . PRO A 1 45  ? 4.639   -2.791  -7.767  1.00 14.04 ? 86  PRO A CD  1 
ATOM   385  N N   . VAL A 1 46  ? 7.885   -4.660  -4.790  1.00 13.45 ? 87  VAL A N   1 
ATOM   386  C CA  . VAL A 1 46  ? 9.313   -5.017  -4.640  1.00 14.37 ? 87  VAL A CA  1 
ATOM   387  C C   . VAL A 1 46  ? 9.710   -5.856  -5.846  1.00 15.17 ? 87  VAL A C   1 
ATOM   388  O O   . VAL A 1 46  ? 9.102   -6.881  -6.129  1.00 15.76 ? 87  VAL A O   1 
ATOM   389  C CB  . VAL A 1 46  ? 9.551   -5.762  -3.339  1.00 14.62 ? 87  VAL A CB  1 
ATOM   390  C CG1 . VAL A 1 46  ? 10.971  -6.291  -3.280  1.00 15.71 ? 87  VAL A CG1 1 
ATOM   391  C CG2 . VAL A 1 46  ? 9.250   -4.859  -2.157  1.00 14.86 ? 87  VAL A CG2 1 
ATOM   392  N N   . ASP A 1 47  ? 10.670  -5.368  -6.607  1.00 14.72 ? 88  ASP A N   1 
ATOM   393  C CA  . ASP A 1 47  ? 11.158  -6.060  -7.831  1.00 15.96 ? 88  ASP A CA  1 
ATOM   394  C C   . ASP A 1 47  ? 12.330  -6.913  -7.400  1.00 14.34 ? 88  ASP A C   1 
ATOM   395  O O   . ASP A 1 47  ? 13.502  -6.409  -7.383  1.00 16.12 ? 88  ASP A O   1 
ATOM   396  C CB  . ASP A 1 47  ? 11.479  -5.019  -8.894  1.00 16.29 ? 88  ASP A CB  1 
ATOM   397  C CG  . ASP A 1 47  ? 11.940  -5.587  -10.231 1.00 17.48 ? 88  ASP A CG  1 
ATOM   398  O OD1 . ASP A 1 47  ? 12.303  -6.793  -10.244 1.00 18.05 ? 88  ASP A OD1 1 
ATOM   399  O OD2 . ASP A 1 47  ? 11.849  -4.828  -11.204 1.00 21.18 ? 88  ASP A OD2 1 
ATOM   400  N N   . ALA A 1 48  ? 12.062  -8.107  -6.928  1.00 15.84 ? 89  ALA A N   1 
ATOM   401  C CA  . ALA A 1 48  ? 13.066  -8.995  -6.337  1.00 15.79 ? 89  ALA A CA  1 
ATOM   402  C C   . ALA A 1 48  ? 14.088  -9.397  -7.409  1.00 16.93 ? 89  ALA A C   1 
ATOM   403  O O   . ALA A 1 48  ? 15.275  -9.572  -7.035  1.00 18.16 ? 89  ALA A O   1 
ATOM   404  C CB  . ALA A 1 48  ? 12.384  -10.207 -5.762  1.00 17.06 ? 89  ALA A CB  1 
ATOM   405  N N   . VAL A 1 49  ? 13.716  -9.511  -8.663  1.00 16.00 ? 90  VAL A N   1 
ATOM   406  C CA  . VAL A 1 49  ? 14.697  -9.867  -9.733  1.00 17.69 ? 90  VAL A CA  1 
ATOM   407  C C   . VAL A 1 49  ? 15.673  -8.697  -9.826  1.00 19.15 ? 90  VAL A C   1 
ATOM   408  O O   . VAL A 1 49  ? 16.916  -8.950  -9.759  1.00 20.36 ? 90  VAL A O   1 
ATOM   409  C CB  . VAL A 1 49  ? 13.944  -10.150 -11.044 1.00 18.70 ? 90  VAL A CB  1 
ATOM   410  C CG1 . VAL A 1 49  ? 14.895  -10.203 -12.240 1.00 21.83 ? 90  VAL A CG1 1 
ATOM   411  C CG2 . VAL A 1 49  ? 13.164  -11.449 -10.951 1.00 20.18 ? 90  VAL A CG2 1 
ATOM   412  N N   . LYS A 1 50  ? 15.188  -7.469  -9.951  1.00 17.78 ? 91  LYS A N   1 
ATOM   413  C CA  . LYS A 1 50  ? 16.055  -6.292  -10.163 1.00 18.95 ? 91  LYS A CA  1 
ATOM   414  C C   . LYS A 1 50  ? 16.968  -6.109  -8.957  1.00 19.96 ? 91  LYS A C   1 
ATOM   415  O O   . LYS A 1 50  ? 18.124  -5.743  -9.148  1.00 20.94 ? 91  LYS A O   1 
ATOM   416  C CB  . LYS A 1 50  ? 15.206  -5.046  -10.371 1.00 20.64 ? 91  LYS A CB  1 
ATOM   417  C CG  . LYS A 1 50  ? 15.974  -3.753  -10.616 1.00 21.83 ? 91  LYS A CG  1 
ATOM   418  C CD  . LYS A 1 50  ? 15.084  -2.598  -10.980 1.00 21.31 ? 91  LYS A CD  1 
ATOM   419  C CE  . LYS A 1 50  ? 14.413  -1.945  -9.777  1.00 22.03 ? 91  LYS A CE  1 
ATOM   420  N NZ  . LYS A 1 50  ? 13.579  -0.808  -10.202 1.00 23.36 ? 91  LYS A NZ  1 
ATOM   421  N N   . LEU A 1 51  ? 16.459  -6.247  -7.747  1.00 18.02 ? 92  LEU A N   1 
ATOM   422  C CA  . LEU A 1 51  ? 17.228  -6.001  -6.505  1.00 18.57 ? 92  LEU A CA  1 
ATOM   423  C C   . LEU A 1 51  ? 18.101  -7.196  -6.131  1.00 18.84 ? 92  LEU A C   1 
ATOM   424  O O   . LEU A 1 51  ? 18.820  -7.112  -5.122  1.00 21.07 ? 92  LEU A O   1 
ATOM   425  C CB  . LEU A 1 51  ? 16.271  -5.666  -5.354  1.00 19.01 ? 92  LEU A CB  1 
ATOM   426  C CG  . LEU A 1 51  ? 15.440  -4.387  -5.489  1.00 23.70 ? 92  LEU A CG  1 
ATOM   427  C CD1 . LEU A 1 51  ? 14.637  -4.173  -4.205  1.00 23.37 ? 92  LEU A CD1 1 
ATOM   428  C CD2 . LEU A 1 51  ? 16.245  -3.165  -5.854  1.00 26.81 ? 92  LEU A CD2 1 
ATOM   429  N N   . ASN A 1 52  ? 18.014  -8.301  -6.863  1.00 18.16 ? 93  ASN A N   1 
ATOM   430  C CA  . ASN A 1 52  ? 18.682  -9.575  -6.483  1.00 21.12 ? 93  ASN A CA  1 
ATOM   431  C C   . ASN A 1 52  ? 18.313  -9.962  -5.048  1.00 21.95 ? 93  ASN A C   1 
ATOM   432  O O   . ASN A 1 52  ? 19.191  -10.163 -4.185  1.00 21.42 ? 93  ASN A O   1 
ATOM   433  C CB  . ASN A 1 52  ? 20.191  -9.490  -6.689  1.00 23.74 ? 93  ASN A CB  1 
ATOM   434  C CG  . ASN A 1 52  ? 20.833  -10.848 -6.630  1.00 30.17 ? 93  ASN A CG  1 
ATOM   435  O OD1 . ASN A 1 52  ? 20.181  -11.869 -6.866  1.00 36.50 ? 93  ASN A OD1 1 
ATOM   436  N ND2 . ASN A 1 52  ? 22.101  -10.852 -6.266  1.00 39.36 ? 93  ASN A ND2 1 
ATOM   437  N N   . LEU A 1 53  ? 17.006  -10.035 -4.801  1.00 20.54 ? 94  LEU A N   1 
ATOM   438  C CA  . LEU A 1 53  ? 16.448  -10.467 -3.504  1.00 20.80 ? 94  LEU A CA  1 
ATOM   439  C C   . LEU A 1 53  ? 15.661  -11.736 -3.712  1.00 24.24 ? 94  LEU A C   1 
ATOM   440  O O   . LEU A 1 53  ? 14.432  -11.754 -3.597  1.00 21.00 ? 94  LEU A O   1 
ATOM   441  C CB  . LEU A 1 53  ? 15.519  -9.376  -2.969  1.00 21.84 ? 94  LEU A CB  1 
ATOM   442  C CG  . LEU A 1 53  ? 16.124  -8.138  -2.384  1.00 26.63 ? 94  LEU A CG  1 
ATOM   443  C CD1 . LEU A 1 53  ? 14.982  -7.328  -1.776  1.00 27.74 ? 94  LEU A CD1 1 
ATOM   444  C CD2 . LEU A 1 53  ? 17.178  -8.501  -1.349  1.00 27.61 ? 94  LEU A CD2 1 
ATOM   445  N N   . PRO A 1 54  ? 16.306  -12.842 -4.064  1.00 23.34 ? 95  PRO A N   1 
ATOM   446  C CA  . PRO A 1 54  ? 15.533  -14.019 -4.462  1.00 24.69 ? 95  PRO A CA  1 
ATOM   447  C C   . PRO A 1 54  ? 14.680  -14.602 -3.324  1.00 24.09 ? 95  PRO A C   1 
ATOM   448  O O   . PRO A 1 54  ? 13.682  -15.258 -3.622  1.00 27.49 ? 95  PRO A O   1 
ATOM   449  C CB  . PRO A 1 54  ? 16.641  -14.930 -5.002  1.00 27.19 ? 95  PRO A CB  1 
ATOM   450  C CG  . PRO A 1 54  ? 17.856  -14.529 -4.226  1.00 25.65 ? 95  PRO A CG  1 
ATOM   451  C CD  . PRO A 1 54  ? 17.771  -13.026 -4.141  1.00 25.98 ? 95  PRO A CD  1 
ATOM   452  N N   . ASP A 1 55  ? 14.977  -14.292 -2.057  1.00 20.89 ? 96  ASP A N   1 
ATOM   453  C CA  . ASP A 1 55  ? 14.230  -14.851 -0.906  1.00 19.43 ? 96  ASP A CA  1 
ATOM   454  C C   . ASP A 1 55  ? 12.978  -14.005 -0.551  1.00 15.90 ? 96  ASP A C   1 
ATOM   455  O O   . ASP A 1 55  ? 12.178  -14.448 0.264   1.00 17.34 ? 96  ASP A O   1 
ATOM   456  C CB  . ASP A 1 55  ? 15.180  -14.940 0.272   1.00 24.62 ? 96  ASP A CB  1 
ATOM   457  C CG  . ASP A 1 55  ? 16.171  -16.081 0.120   1.00 31.38 ? 96  ASP A CG  1 
ATOM   458  O OD1 . ASP A 1 55  ? 15.842  -17.055 -0.601  1.00 38.05 ? 96  ASP A OD1 1 
ATOM   459  O OD2 . ASP A 1 55  ? 17.244  -15.984 0.725   1.00 36.55 ? 96  ASP A OD2 1 
ATOM   460  N N   . TYR A 1 56  ? 12.792  -12.858 -1.191  1.00 15.16 ? 97  TYR A N   1 
ATOM   461  C CA  . TYR A 1 56  ? 11.715  -11.937 -0.752  1.00 14.99 ? 97  TYR A CA  1 
ATOM   462  C C   . TYR A 1 56  ? 10.359  -12.630 -0.853  1.00 14.90 ? 97  TYR A C   1 
ATOM   463  O O   . TYR A 1 56  ? 9.600   -12.657 0.123   1.00 13.88 ? 97  TYR A O   1 
ATOM   464  C CB  . TYR A 1 56  ? 11.741  -10.621 -1.523  1.00 14.47 ? 97  TYR A CB  1 
ATOM   465  C CG  . TYR A 1 56  ? 10.732  -9.647  -0.989  1.00 14.20 ? 97  TYR A CG  1 
ATOM   466  C CD1 . TYR A 1 56  ? 11.062  -8.827  0.076   1.00 14.48 ? 97  TYR A CD1 1 
ATOM   467  C CD2 . TYR A 1 56  ? 9.470   -9.535  -1.521  1.00 14.08 ? 97  TYR A CD2 1 
ATOM   468  C CE1 . TYR A 1 56  ? 10.146  -7.960  0.619   1.00 13.95 ? 97  TYR A CE1 1 
ATOM   469  C CE2 . TYR A 1 56  ? 8.543   -8.667  -0.984  1.00 14.25 ? 97  TYR A CE2 1 
ATOM   470  C CZ  . TYR A 1 56  ? 8.878   -7.885  0.084   1.00 13.75 ? 97  TYR A CZ  1 
ATOM   471  O OH  . TYR A 1 56  ? 7.919   -7.058  0.596   1.00 15.35 ? 97  TYR A OH  1 
ATOM   472  N N   . TYR A 1 57  ? 10.035  -13.167 -2.024  1.00 14.49 ? 98  TYR A N   1 
ATOM   473  C CA  . TYR A 1 57  ? 8.731   -13.806 -2.256  1.00 14.07 ? 98  TYR A CA  1 
ATOM   474  C C   . TYR A 1 57  ? 8.758   -15.256 -1.790  1.00 14.85 ? 98  TYR A C   1 
ATOM   475  O O   . TYR A 1 57  ? 7.706   -15.899 -1.915  1.00 16.71 ? 98  TYR A O   1 
ATOM   476  C CB  . TYR A 1 57  ? 8.268   -13.638 -3.714  1.00 13.74 ? 98  TYR A CB  1 
ATOM   477  C CG  . TYR A 1 57  ? 7.986   -12.198 -4.037  1.00 13.95 ? 98  TYR A CG  1 
ATOM   478  C CD1 . TYR A 1 57  ? 6.900   -11.555 -3.454  1.00 13.77 ? 98  TYR A CD1 1 
ATOM   479  C CD2 . TYR A 1 57  ? 8.787   -11.440 -4.904  1.00 13.38 ? 98  TYR A CD2 1 
ATOM   480  C CE1 . TYR A 1 57  ? 6.628   -10.234 -3.731  1.00 13.65 ? 98  TYR A CE1 1 
ATOM   481  C CE2 . TYR A 1 57  ? 8.555   -10.100 -5.140  1.00 13.50 ? 98  TYR A CE2 1 
ATOM   482  C CZ  . TYR A 1 57  ? 7.431   -9.502  -4.592  1.00 13.13 ? 98  TYR A CZ  1 
ATOM   483  O OH  . TYR A 1 57  ? 7.158   -8.191  -4.822  1.00 14.98 ? 98  TYR A OH  1 
ATOM   484  N N   . LYS A 1 58  ? 9.839   -15.748 -1.185  1.00 15.60 ? 99  LYS A N   1 
ATOM   485  C CA  . LYS A 1 58  ? 9.823   -17.035 -0.439  1.00 16.65 ? 99  LYS A CA  1 
ATOM   486  C C   . LYS A 1 58  ? 9.186   -16.797 0.935   1.00 15.75 ? 99  LYS A C   1 
ATOM   487  O O   . LYS A 1 58  ? 8.682   -17.738 1.514   1.00 18.62 ? 99  LYS A O   1 
ATOM   488  C CB  . LYS A 1 58  ? 11.243  -17.620 -0.297  1.00 19.91 ? 99  LYS A CB  1 
ATOM   489  C CG  . LYS A 1 58  ? 11.827  -18.132 -1.605  1.00 27.08 ? 99  LYS A CG  1 
ATOM   490  C CD  . LYS A 1 58  ? 11.376  -19.554 -1.971  1.00 34.76 ? 99  LYS A CD  1 
ATOM   491  C CE  . LYS A 1 58  ? 11.620  -19.955 -3.421  1.00 38.00 ? 99  LYS A CE  1 
ATOM   492  N NZ  . LYS A 1 58  ? 10.346  -20.332 -4.108  1.00 40.64 ? 99  LYS A NZ  1 
ATOM   493  N N   . ILE A 1 59  ? 9.190   -15.541 1.428   1.00 15.34 ? 100 ILE A N   1 
ATOM   494  C CA  . ILE A 1 59  ? 8.640   -15.207 2.773   1.00 16.74 ? 100 ILE A CA  1 
ATOM   495  C C   . ILE A 1 59  ? 7.375   -14.365 2.648   1.00 16.77 ? 100 ILE A C   1 
ATOM   496  O O   . ILE A 1 59  ? 6.478   -14.561 3.480   1.00 18.89 ? 100 ILE A O   1 
ATOM   497  C CB  . ILE A 1 59  ? 9.708   -14.433 3.562   1.00 18.00 ? 100 ILE A CB  1 
ATOM   498  C CG1 . ILE A 1 59  ? 11.003  -15.222 3.695   1.00 19.81 ? 100 ILE A CG1 1 
ATOM   499  C CG2 . ILE A 1 59  ? 9.167   -13.953 4.898   1.00 20.20 ? 100 ILE A CG2 1 
ATOM   500  C CD1 . ILE A 1 59  ? 10.764  -16.598 4.187   1.00 22.13 ? 100 ILE A CD1 1 
ATOM   501  N N   . ILE A 1 60  ? 7.303   -13.398 1.748   1.00 14.32 ? 101 ILE A N   1 
ATOM   502  C CA  . ILE A 1 60  ? 6.201   -12.404 1.681   1.00 14.15 ? 101 ILE A CA  1 
ATOM   503  C C   . ILE A 1 60  ? 5.168   -12.918 0.690   1.00 14.06 ? 101 ILE A C   1 
ATOM   504  O O   . ILE A 1 60  ? 5.415   -12.896 -0.531  1.00 15.09 ? 101 ILE A O   1 
ATOM   505  C CB  . ILE A 1 60  ? 6.743   -11.022 1.308   1.00 14.39 ? 101 ILE A CB  1 
ATOM   506  C CG1 . ILE A 1 60  ? 7.717   -10.462 2.349   1.00 15.41 ? 101 ILE A CG1 1 
ATOM   507  C CG2 . ILE A 1 60  ? 5.614   -10.030 1.029   1.00 14.94 ? 101 ILE A CG2 1 
ATOM   508  C CD1 . ILE A 1 60  ? 7.165   -10.432 3.732   1.00 16.48 ? 101 ILE A CD1 1 
ATOM   509  N N   . LYS A 1 61  ? 4.066   -13.398 1.208   1.00 13.18 ? 102 LYS A N   1 
ATOM   510  C CA  . LYS A 1 61  ? 3.033   -14.080 0.396   1.00 13.71 ? 102 LYS A CA  1 
ATOM   511  C C   . LYS A 1 61  ? 1.878   -13.145 0.128   1.00 14.19 ? 102 LYS A C   1 
ATOM   512  O O   . LYS A 1 61  ? 1.001   -13.544 -0.694  1.00 14.58 ? 102 LYS A O   1 
ATOM   513  C CB  . LYS A 1 61  ? 2.568   -15.378 1.041   1.00 14.87 ? 102 LYS A CB  1 
ATOM   514  C CG  . LYS A 1 61  ? 3.669   -16.372 1.301   1.00 14.53 ? 102 LYS A CG  1 
ATOM   515  C CD  . LYS A 1 61  ? 4.509   -16.699 0.064   1.00 15.00 ? 102 LYS A CD  1 
ATOM   516  C CE  . LYS A 1 61  ? 5.457   -17.841 0.288   1.00 15.97 ? 102 LYS A CE  1 
ATOM   517  N NZ  . LYS A 1 61  ? 6.290   -18.151 -0.890  1.00 16.68 ? 102 LYS A NZ  1 
ATOM   518  N N   . THR A 1 62  ? 1.766   -11.968 0.766   1.00 13.36 ? 103 THR A N   1 
ATOM   519  C CA  . THR A 1 62  ? 0.702   -10.968 0.491   1.00 13.62 ? 103 THR A CA  1 
ATOM   520  C C   . THR A 1 62  ? 1.425   -9.676  0.167   1.00 13.62 ? 103 THR A C   1 
ATOM   521  O O   . THR A 1 62  ? 1.360   -8.701  0.927   1.00 13.42 ? 103 THR A O   1 
ATOM   522  C CB  . THR A 1 62  ? -0.335  -10.810 1.615   1.00 15.68 ? 103 THR A CB  1 
ATOM   523  O OG1 . THR A 1 62  ? -0.724  -12.097 2.109   1.00 17.72 ? 103 THR A OG1 1 
ATOM   524  C CG2 . THR A 1 62  ? -1.539  -10.023 1.157   1.00 15.53 ? 103 THR A CG2 1 
ATOM   525  N N   . PRO A 1 63  ? 2.121   -9.598  -0.957  1.00 14.44 ? 104 PRO A N   1 
ATOM   526  C CA  . PRO A 1 63  ? 2.780   -8.350  -1.287  1.00 14.47 ? 104 PRO A CA  1 
ATOM   527  C C   . PRO A 1 63  ? 1.766   -7.232  -1.454  1.00 14.29 ? 104 PRO A C   1 
ATOM   528  O O   . PRO A 1 63  ? 0.625   -7.459  -1.881  1.00 14.11 ? 104 PRO A O   1 
ATOM   529  C CB  . PRO A 1 63  ? 3.516   -8.628  -2.580  1.00 17.06 ? 104 PRO A CB  1 
ATOM   530  C CG  . PRO A 1 63  ? 2.988   -9.948  -3.074  1.00 15.65 ? 104 PRO A CG  1 
ATOM   531  C CD  . PRO A 1 63  ? 2.255   -10.644 -1.972  1.00 15.18 ? 104 PRO A CD  1 
ATOM   532  N N   . MET A 1 64  ? 2.217   -6.005  -1.171  1.00 12.99 ? 105 MET A N   1 
ATOM   533  C CA  . MET A 1 64  ? 1.379   -4.831  -1.392  1.00 12.97 ? 105 MET A CA  1 
ATOM   534  C C   . MET A 1 64  ? 2.296   -3.624  -1.463  1.00 13.19 ? 105 MET A C   1 
ATOM   535  O O   . MET A 1 64  ? 3.392   -3.607  -0.854  1.00 15.02 ? 105 MET A O   1 
ATOM   536  C CB  . MET A 1 64  ? 0.348   -4.679  -0.274  1.00 13.87 ? 105 MET A CB  1 
ATOM   537  C CG  . MET A 1 64  ? -0.682  -3.633  -0.523  1.00 15.58 ? 105 MET A CG  1 
ATOM   538  S SD  . MET A 1 64  ? -1.513  -3.696  -2.128  1.00 15.15 ? 105 MET A SD  1 
ATOM   539  C CE  . MET A 1 64  ? -2.156  -5.367  -2.130  1.00 17.08 ? 105 MET A CE  1 
ATOM   540  N N   . ASP A 1 65  ? 1.894   -2.630  -2.234  1.00 13.29 ? 106 ASP A N   1 
ATOM   541  C CA  . ASP A 1 65  ? 2.673   -1.387  -2.445  1.00 13.11 ? 106 ASP A CA  1 
ATOM   542  C C   . ASP A 1 65  ? 1.696   -0.270  -2.765  1.00 14.03 ? 106 ASP A C   1 
ATOM   543  O O   . ASP A 1 65  ? 0.521   -0.529  -3.091  1.00 13.01 ? 106 ASP A O   1 
ATOM   544  C CB  . ASP A 1 65  ? 3.655   -1.563  -3.602  1.00 14.57 ? 106 ASP A CB  1 
ATOM   545  C CG  . ASP A 1 65  ? 2.887   -1.812  -4.877  1.00 15.34 ? 106 ASP A CG  1 
ATOM   546  O OD1 . ASP A 1 65  ? 2.484   -2.985  -5.115  1.00 14.93 ? 106 ASP A OD1 1 
ATOM   547  O OD2 . ASP A 1 65  ? 2.680   -0.868  -5.633  1.00 16.09 ? 106 ASP A OD2 1 
ATOM   548  N N   . MET A 1 66  ? 2.140   0.949   -2.722  1.00 13.94 ? 107 MET A N   1 
ATOM   549  C CA  . MET A 1 66  ? 1.244   2.103   -2.919  1.00 14.35 ? 107 MET A CA  1 
ATOM   550  C C   . MET A 1 66  ? 0.817   2.240   -4.371  1.00 13.28 ? 107 MET A C   1 
ATOM   551  O O   . MET A 1 66  ? -0.258  2.849   -4.588  1.00 14.51 ? 107 MET A O   1 
ATOM   552  C CB  . MET A 1 66  ? 1.861   3.414   -2.430  1.00 16.91 ? 107 MET A CB  1 
ATOM   553  C CG  . MET A 1 66  ? 2.046   3.410   -0.918  1.00 17.25 ? 107 MET A CG  1 
ATOM   554  S SD  . MET A 1 66  ? 2.219   5.006   -0.171  1.00 21.44 ? 107 MET A SD  1 
ATOM   555  C CE  . MET A 1 66  ? 3.639   5.475   -1.107  1.00 17.95 ? 107 MET A CE  1 
ATOM   556  N N   . GLY A 1 67  ? 1.600   1.771   -5.320  1.00 13.81 ? 108 GLY A N   1 
ATOM   557  C CA  . GLY A 1 67  ? 1.181   1.867   -6.722  1.00 15.01 ? 108 GLY A CA  1 
ATOM   558  C C   . GLY A 1 67  ? -0.067  1.015   -6.961  1.00 13.90 ? 108 GLY A C   1 
ATOM   559  O O   . GLY A 1 67  ? -1.006  1.426   -7.648  1.00 14.98 ? 108 GLY A O   1 
ATOM   560  N N   . THR A 1 68  ? -0.048  -0.188  -6.401  1.00 13.85 ? 109 THR A N   1 
ATOM   561  C CA  . THR A 1 68  ? -1.198  -1.120  -6.441  1.00 13.02 ? 109 THR A CA  1 
ATOM   562  C C   . THR A 1 68  ? -2.383  -0.501  -5.716  1.00 12.89 ? 109 THR A C   1 
ATOM   563  O O   . THR A 1 68  ? -3.510  -0.556  -6.246  1.00 13.00 ? 109 THR A O   1 
ATOM   564  C CB  . THR A 1 68  ? -0.805  -2.446  -5.800  1.00 13.68 ? 109 THR A CB  1 
ATOM   565  O OG1 . THR A 1 68  ? 0.240   -3.082  -6.554  1.00 14.88 ? 109 THR A OG1 1 
ATOM   566  C CG2 . THR A 1 68  ? -1.975  -3.406  -5.713  1.00 13.73 ? 109 THR A CG2 1 
ATOM   567  N N   . ILE A 1 69  ? -2.187  0.080   -4.538  1.00 12.94 ? 110 ILE A N   1 
ATOM   568  C CA  . ILE A 1 69  ? -3.298  0.711   -3.785  1.00 12.35 ? 110 ILE A CA  1 
ATOM   569  C C   . ILE A 1 69  ? -3.895  1.860   -4.616  1.00 13.59 ? 110 ILE A C   1 
ATOM   570  O O   . ILE A 1 69  ? -5.136  1.961   -4.727  1.00 13.63 ? 110 ILE A O   1 
ATOM   571  C CB  . ILE A 1 69  ? -2.814  1.191   -2.421  1.00 13.01 ? 110 ILE A CB  1 
ATOM   572  C CG1 . ILE A 1 69  ? -2.441  0.003   -1.535  1.00 13.64 ? 110 ILE A CG1 1 
ATOM   573  C CG2 . ILE A 1 69  ? -3.878  2.042   -1.750  1.00 14.61 ? 110 ILE A CG2 1 
ATOM   574  C CD1 . ILE A 1 69  ? -1.694  0.370   -0.292  1.00 13.96 ? 110 ILE A CD1 1 
ATOM   575  N N   . LYS A 1 70  ? -3.034  2.648   -5.250  1.00 13.92 ? 111 LYS A N   1 
ATOM   576  C CA  . LYS A 1 70  ? -3.514  3.779   -6.078  1.00 14.52 ? 111 LYS A CA  1 
ATOM   577  C C   . LYS A 1 70  ? -4.383  3.237   -7.219  1.00 14.80 ? 111 LYS A C   1 
ATOM   578  O O   . LYS A 1 70  ? -5.444  3.765   -7.449  1.00 15.53 ? 111 LYS A O   1 
ATOM   579  C CB  . LYS A 1 70  ? -2.305  4.532   -6.622  1.00 16.94 ? 111 LYS A CB  1 
ATOM   580  C CG  . LYS A 1 70  ? -2.637  5.676   -7.555  1.00 21.22 ? 111 LYS A CG  1 
ATOM   581  C CD  . LYS A 1 70  ? -1.449  6.569   -7.729  1.00 25.83 ? 111 LYS A CD  1 
ATOM   582  C CE  . LYS A 1 70  ? -1.797  7.780   -8.554  1.00 31.11 ? 111 LYS A CE  1 
ATOM   583  N NZ  . LYS A 1 70  ? -1.488  7.498   -9.964  1.00 36.71 ? 111 LYS A NZ  1 
ATOM   584  N N   . LYS A 1 71  ? -3.910  2.207   -7.901  1.00 14.35 ? 112 LYS A N   1 
ATOM   585  C CA  . LYS A 1 71  ? -4.678  1.623   -9.026  1.00 14.89 ? 112 LYS A CA  1 
ATOM   586  C C   . LYS A 1 71  ? -5.997  1.026   -8.527  1.00 15.46 ? 112 LYS A C   1 
ATOM   587  O O   . LYS A 1 71  ? -6.994  1.176   -9.207  1.00 15.00 ? 112 LYS A O   1 
ATOM   588  C CB  . LYS A 1 71  ? -3.829  0.579   -9.741  1.00 16.53 ? 112 LYS A CB  1 
ATOM   589  C CG  . LYS A 1 71  ? -2.731  1.157   -10.608 1.00 21.10 ? 112 LYS A CG  1 
ATOM   590  C CD  . LYS A 1 71  ? -1.943  0.089   -11.295 1.00 26.57 ? 112 LYS A CD  1 
ATOM   591  C CE  . LYS A 1 71  ? -0.705  0.637   -11.957 1.00 37.01 ? 112 LYS A CE  1 
ATOM   592  N NZ  . LYS A 1 71  ? 0.089   -0.440  -12.590 1.00 43.91 ? 112 LYS A NZ  1 
ATOM   593  N N   . ARG A 1 72  ? -5.972  0.359   -7.377  1.00 13.29 ? 113 ARG A N   1 
ATOM   594  C CA  . ARG A 1 72  ? -7.225  -0.205  -6.809  1.00 13.63 ? 113 ARG A CA  1 
ATOM   595  C C   . ARG A 1 72  ? -8.218  0.933   -6.544  1.00 14.21 ? 113 ARG A C   1 
ATOM   596  O O   . ARG A 1 72  ? -9.365  0.785   -6.886  1.00 14.97 ? 113 ARG A O   1 
ATOM   597  C CB  . ARG A 1 72  ? -6.914  -1.016  -5.547  1.00 12.48 ? 113 ARG A CB  1 
ATOM   598  C CG  . ARG A 1 72  ? -6.277  -2.361  -5.857  1.00 12.75 ? 113 ARG A CG  1 
ATOM   599  C CD  . ARG A 1 72  ? -5.894  -3.162  -4.629  1.00 12.20 ? 113 ARG A CD  1 
ATOM   600  N NE  . ARG A 1 72  ? -5.592  -4.514  -5.053  1.00 12.60 ? 113 ARG A NE  1 
ATOM   601  C CZ  . ARG A 1 72  ? -5.563  -5.577  -4.274  1.00 14.23 ? 113 ARG A CZ  1 
ATOM   602  N NH1 . ARG A 1 72  ? -5.770  -5.474  -2.978  1.00 14.97 ? 113 ARG A NH1 1 
ATOM   603  N NH2 . ARG A 1 72  ? -5.336  -6.756  -4.801  1.00 15.21 ? 113 ARG A NH2 1 
ATOM   604  N N   . LEU A 1 73  ? -7.764  2.031   -5.962  1.00 13.66 ? 114 LEU A N   1 
ATOM   605  C CA  . LEU A 1 73  ? -8.670  3.179   -5.696  1.00 14.08 ? 114 LEU A CA  1 
ATOM   606  C C   . LEU A 1 73  ? -9.154  3.726   -7.042  1.00 15.09 ? 114 LEU A C   1 
ATOM   607  O O   . LEU A 1 73  ? -10.379 3.982   -7.182  1.00 17.02 ? 114 LEU A O   1 
ATOM   608  C CB  . LEU A 1 73  ? -7.941  4.235   -4.881  1.00 14.49 ? 114 LEU A CB  1 
ATOM   609  C CG  . LEU A 1 73  ? -7.746  3.874   -3.410  1.00 14.03 ? 114 LEU A CG  1 
ATOM   610  C CD1 . LEU A 1 73  ? -6.629  4.705   -2.769  1.00 13.76 ? 114 LEU A CD1 1 
ATOM   611  C CD2 . LEU A 1 73  ? -9.055  4.006   -2.640  1.00 14.74 ? 114 LEU A CD2 1 
ATOM   612  N N   . GLU A 1 74  ? -8.279  3.893   -8.015  1.00 15.42 ? 115 GLU A N   1 
ATOM   613  C CA  . GLU A 1 74  ? -8.717  4.500   -9.300  1.00 17.50 ? 115 GLU A CA  1 
ATOM   614  C C   . GLU A 1 74  ? -9.686  3.571   -10.026 1.00 17.93 ? 115 GLU A C   1 
ATOM   615  O O   . GLU A 1 74  ? -10.537 4.049   -10.807 1.00 21.39 ? 115 GLU A O   1 
ATOM   616  C CB  . GLU A 1 74  ? -7.491  4.784   -10.168 1.00 19.69 ? 115 GLU A CB  1 
ATOM   617  C CG  . GLU A 1 74  ? -6.607  5.896   -9.644  1.00 21.98 ? 115 GLU A CG  1 
ATOM   618  C CD  . GLU A 1 74  ? -5.236  5.976   -10.324 1.00 25.74 ? 115 GLU A CD  1 
ATOM   619  O OE1 . GLU A 1 74  ? -4.779  4.976   -10.930 1.00 26.83 ? 115 GLU A OE1 1 
ATOM   620  O OE2 . GLU A 1 74  ? -4.613  7.030   -10.197 1.00 28.23 ? 115 GLU A OE2 1 
ATOM   621  N N   . ASN A 1 75  ? -9.639  2.275   -9.792  1.00 16.80 ? 116 ASN A N   1 
ATOM   622  C CA  . ASN A 1 75  ? -10.488 1.299   -10.510 1.00 16.67 ? 116 ASN A CA  1 
ATOM   623  C C   . ASN A 1 75  ? -11.646 0.839   -9.638  1.00 16.14 ? 116 ASN A C   1 
ATOM   624  O O   . ASN A 1 75  ? -12.291 -0.167  -9.992  1.00 17.37 ? 116 ASN A O   1 
ATOM   625  C CB  . ASN A 1 75  ? -9.646  0.126   -11.007 1.00 17.12 ? 116 ASN A CB  1 
ATOM   626  C CG  . ASN A 1 75  ? -8.664  0.543   -12.057 1.00 22.11 ? 116 ASN A CG  1 
ATOM   627  O OD1 . ASN A 1 75  ? -9.050  1.164   -13.045 1.00 28.75 ? 116 ASN A OD1 1 
ATOM   628  N ND2 . ASN A 1 75  ? -7.477  -0.008  -11.975 1.00 25.67 ? 116 ASN A ND2 1 
ATOM   629  N N   . ASN A 1 76  ? -11.911 1.532   -8.535  1.00 15.31 ? 117 ASN A N   1 
ATOM   630  C CA  . ASN A 1 76  ? -13.070 1.193   -7.663  1.00 15.62 ? 117 ASN A CA  1 
ATOM   631  C C   . ASN A 1 76  ? -13.002 -0.270  -7.201  1.00 15.95 ? 117 ASN A C   1 
ATOM   632  O O   . ASN A 1 76  ? -14.020 -0.917  -7.100  1.00 15.44 ? 117 ASN A O   1 
ATOM   633  C CB  . ASN A 1 76  ? -14.393 1.582   -8.330  1.00 18.14 ? 117 ASN A CB  1 
ATOM   634  C CG  . ASN A 1 76  ? -14.327 2.960   -8.949  1.00 19.05 ? 117 ASN A CG  1 
ATOM   635  O OD1 . ASN A 1 76  ? -14.318 3.951   -8.248  1.00 23.10 ? 117 ASN A OD1 1 
ATOM   636  N ND2 . ASN A 1 76  ? -14.249 3.023   -10.260 1.00 23.61 ? 117 ASN A ND2 1 
ATOM   637  N N   . TYR A 1 77  ? -11.800 -0.755  -6.938  1.00 14.01 ? 118 TYR A N   1 
ATOM   638  C CA  . TYR A 1 77  ? -11.590 -2.151  -6.492  1.00 13.07 ? 118 TYR A CA  1 
ATOM   639  C C   . TYR A 1 77  ? -12.165 -2.383  -5.091  1.00 13.82 ? 118 TYR A C   1 
ATOM   640  O O   . TYR A 1 77  ? -12.587 -3.477  -4.793  1.00 15.34 ? 118 TYR A O   1 
ATOM   641  C CB  . TYR A 1 77  ? -10.101 -2.464  -6.563  1.00 13.29 ? 118 TYR A CB  1 
ATOM   642  C CG  . TYR A 1 77  ? -9.724  -3.914  -6.435  1.00 13.03 ? 118 TYR A CG  1 
ATOM   643  C CD1 . TYR A 1 77  ? -9.712  -4.742  -7.538  1.00 14.68 ? 118 TYR A CD1 1 
ATOM   644  C CD2 . TYR A 1 77  ? -9.325  -4.438  -5.225  1.00 14.05 ? 118 TYR A CD2 1 
ATOM   645  C CE1 . TYR A 1 77  ? -9.316  -6.058  -7.444  1.00 15.09 ? 118 TYR A CE1 1 
ATOM   646  C CE2 . TYR A 1 77  ? -8.936  -5.759  -5.109  1.00 15.22 ? 118 TYR A CE2 1 
ATOM   647  C CZ  . TYR A 1 77  ? -8.924  -6.566  -6.225  1.00 15.59 ? 118 TYR A CZ  1 
ATOM   648  O OH  . TYR A 1 77  ? -8.533  -7.864  -6.140  1.00 18.93 ? 118 TYR A OH  1 
ATOM   649  N N   . TYR A 1 78  ? -12.050 -1.373  -4.243  1.00 13.64 ? 119 TYR A N   1 
ATOM   650  C CA  . TYR A 1 78  ? -12.485 -1.479  -2.834  1.00 13.35 ? 119 TYR A CA  1 
ATOM   651  C C   . TYR A 1 78  ? -13.909 -0.946  -2.668  1.00 13.55 ? 119 TYR A C   1 
ATOM   652  O O   . TYR A 1 78  ? -14.227 0.087   -3.200  1.00 15.04 ? 119 TYR A O   1 
ATOM   653  C CB  . TYR A 1 78  ? -11.611 -0.573  -1.970  1.00 13.71 ? 119 TYR A CB  1 
ATOM   654  C CG  . TYR A 1 78  ? -10.117 -0.772  -2.027  1.00 13.53 ? 119 TYR A CG  1 
ATOM   655  C CD1 . TYR A 1 78  ? -9.539  -1.950  -1.596  1.00 14.30 ? 119 TYR A CD1 1 
ATOM   656  C CD2 . TYR A 1 78  ? -9.290  0.261   -2.419  1.00 13.37 ? 119 TYR A CD2 1 
ATOM   657  C CE1 . TYR A 1 78  ? -8.167  -2.104  -1.574  1.00 14.46 ? 119 TYR A CE1 1 
ATOM   658  C CE2 . TYR A 1 78  ? -7.915  0.124   -2.407  1.00 14.58 ? 119 TYR A CE2 1 
ATOM   659  C CZ  . TYR A 1 78  ? -7.356  -1.067  -1.993  1.00 14.40 ? 119 TYR A CZ  1 
ATOM   660  O OH  . TYR A 1 78  ? -6.004  -1.207  -1.968  1.00 14.66 ? 119 TYR A OH  1 
ATOM   661  N N   . TRP A 1 79  ? -14.727 -1.674  -1.925  1.00 13.70 ? 120 TRP A N   1 
ATOM   662  C CA  . TRP A 1 79  ? -16.102 -1.224  -1.580  1.00 12.74 ? 120 TRP A CA  1 
ATOM   663  C C   . TRP A 1 79  ? -16.064 -0.482  -0.239  1.00 13.41 ? 120 TRP A C   1 
ATOM   664  O O   . TRP A 1 79  ? -16.687 0.556   -0.127  1.00 12.98 ? 120 TRP A O   1 
ATOM   665  C CB  . TRP A 1 79  ? -17.024 -2.451  -1.527  1.00 13.68 ? 120 TRP A CB  1 
ATOM   666  C CG  . TRP A 1 79  ? -18.476 -2.151  -1.321  1.00 12.84 ? 120 TRP A CG  1 
ATOM   667  C CD1 . TRP A 1 79  ? -19.152 -2.190  -0.143  1.00 13.51 ? 120 TRP A CD1 1 
ATOM   668  C CD2 . TRP A 1 79  ? -19.438 -1.791  -2.324  1.00 13.26 ? 120 TRP A CD2 1 
ATOM   669  N NE1 . TRP A 1 79  ? -20.470 -1.898  -0.340  1.00 13.20 ? 120 TRP A NE1 1 
ATOM   670  C CE2 . TRP A 1 79  ? -20.674 -1.640  -1.663  1.00 12.64 ? 120 TRP A CE2 1 
ATOM   671  C CE3 . TRP A 1 79  ? -19.378 -1.577  -3.701  1.00 13.23 ? 120 TRP A CE3 1 
ATOM   672  C CZ2 . TRP A 1 79  ? -21.836 -1.294  -2.340  1.00 13.17 ? 120 TRP A CZ2 1 
ATOM   673  C CZ3 . TRP A 1 79  ? -20.532 -1.230  -4.365  1.00 14.10 ? 120 TRP A CZ3 1 
ATOM   674  C CH2 . TRP A 1 79  ? -21.741 -1.096  -3.692  1.00 13.42 ? 120 TRP A CH2 1 
ATOM   675  N N   . ASN A 1 80  ? -15.309 -1.018  0.715   1.00 13.49 ? 121 ASN A N   1 
ATOM   676  C CA  . ASN A 1 80  ? -15.209 -0.409  2.060   1.00 13.87 ? 121 ASN A CA  1 
ATOM   677  C C   . ASN A 1 80  ? -13.830 0.235   2.240   1.00 14.18 ? 121 ASN A C   1 
ATOM   678  O O   . ASN A 1 80  ? -12.854 -0.349  1.839   1.00 14.45 ? 121 ASN A O   1 
ATOM   679  C CB  . ASN A 1 80  ? -15.408 -1.458  3.155   1.00 13.66 ? 121 ASN A CB  1 
ATOM   680  C CG  . ASN A 1 80  ? -16.832 -1.954  3.291   1.00 15.71 ? 121 ASN A CG  1 
ATOM   681  O OD1 . ASN A 1 80  ? -17.060 -3.053  3.748   1.00 19.29 ? 121 ASN A OD1 1 
ATOM   682  N ND2 . ASN A 1 80  ? -17.784 -1.135  2.924   1.00 13.08 ? 121 ASN A ND2 1 
ATOM   683  N N   . ALA A 1 81  ? -13.780 1.340   2.974   1.00 14.76 ? 122 ALA A N   1 
ATOM   684  C CA  . ALA A 1 81  ? -12.523 2.051   3.304   1.00 15.24 ? 122 ALA A CA  1 
ATOM   685  C C   . ALA A 1 81  ? -11.563 1.113   4.045   1.00 13.83 ? 122 ALA A C   1 
ATOM   686  O O   . ALA A 1 81  ? -10.377 1.165   3.794   1.00 14.27 ? 122 ALA A O   1 
ATOM   687  C CB  . ALA A 1 81  ? -12.861 3.217   4.190   1.00 16.51 ? 122 ALA A CB  1 
ATOM   688  N N   . GLN A 1 82  ? -12.080 0.235   4.883   1.00 14.01 ? 123 GLN A N   1 
ATOM   689  C CA  . GLN A 1 82  ? -11.222 -0.663  5.637   1.00 15.56 ? 123 GLN A CA  1 
ATOM   690  C C   . GLN A 1 82  ? -10.387 -1.589  4.747   1.00 14.54 ? 123 GLN A C   1 
ATOM   691  O O   . GLN A 1 82  ? -9.304  -1.952  5.127   1.00 14.38 ? 123 GLN A O   1 
ATOM   692  C CB  . GLN A 1 82  ? -11.988 -1.416  6.722   1.00 19.43 ? 123 GLN A CB  1 
ATOM   693  C CG  . GLN A 1 82  ? -11.092 -2.075  7.768   1.00 24.65 ? 123 GLN A CG  1 
ATOM   694  C CD  . GLN A 1 82  ? -10.026 -1.171  8.396   1.00 27.36 ? 123 GLN A CD  1 
ATOM   695  O OE1 . GLN A 1 82  ? -10.264 -0.013  8.753   1.00 26.58 ? 123 GLN A OE1 1 
ATOM   696  N NE2 . GLN A 1 82  ? -8.842  -1.731  8.561   1.00 26.53 ? 123 GLN A NE2 1 
ATOM   697  N N   . GLU A 1 83  ? -10.904 -1.993  3.594   1.00 14.30 ? 124 GLU A N   1 
ATOM   698  C CA  . GLU A 1 83  ? -10.136 -2.848  2.684   1.00 14.09 ? 124 GLU A CA  1 
ATOM   699  C C   . GLU A 1 83  ? -8.861  -2.143  2.205   1.00 14.29 ? 124 GLU A C   1 
ATOM   700  O O   . GLU A 1 83  ? -7.826  -2.762  2.063   1.00 15.11 ? 124 GLU A O   1 
ATOM   701  C CB  . GLU A 1 83  ? -10.958 -3.214  1.461   1.00 16.29 ? 124 GLU A CB  1 
ATOM   702  C CG  . GLU A 1 83  ? -12.224 -4.000  1.705   1.00 17.79 ? 124 GLU A CG  1 
ATOM   703  C CD  . GLU A 1 83  ? -13.008 -4.127  0.411   1.00 23.28 ? 124 GLU A CD  1 
ATOM   704  O OE1 . GLU A 1 83  ? -12.603 -4.914  -0.453  1.00 35.38 ? 124 GLU A OE1 1 
ATOM   705  O OE2 . GLU A 1 83  ? -13.980 -3.414  0.232   1.00 20.93 ? 124 GLU A OE2 1 
ATOM   706  N N   . CYS A 1 84  ? -8.970  -0.858  1.912   1.00 13.15 ? 125 CYS A N   1 
ATOM   707  C CA  . CYS A 1 84  ? -7.842  -0.065  1.512   1.00 14.02 ? 125 CYS A CA  1 
ATOM   708  C C   . CYS A 1 84  ? -6.849  0.146   2.662   1.00 13.23 ? 125 CYS A C   1 
ATOM   709  O O   . CYS A 1 84  ? -5.690  -0.027  2.511   1.00 14.07 ? 125 CYS A O   1 
ATOM   710  C CB  . CYS A 1 84  ? -8.351  1.271   1.001   1.00 15.18 ? 125 CYS A CB  1 
ATOM   711  S SG  . CYS A 1 84  ? -7.027  2.438   0.607   1.00 17.17 ? 125 CYS A SG  1 
ATOM   712  N N   . ILE A 1 85  ? -7.362  0.470   3.828   1.00 13.15 ? 126 ILE A N   1 
ATOM   713  C CA  . ILE A 1 85  ? -6.534  0.655   5.000   1.00 13.68 ? 126 ILE A CA  1 
ATOM   714  C C   . ILE A 1 85  ? -5.790  -0.656  5.308   1.00 12.94 ? 126 ILE A C   1 
ATOM   715  O O   . ILE A 1 85  ? -4.632  -0.624  5.644   1.00 13.35 ? 126 ILE A O   1 
ATOM   716  C CB  . ILE A 1 85  ? -7.392  1.142   6.186   1.00 13.46 ? 126 ILE A CB  1 
ATOM   717  C CG1 . ILE A 1 85  ? -7.853  2.591   5.922   1.00 15.21 ? 126 ILE A CG1 1 
ATOM   718  C CG2 . ILE A 1 85  ? -6.647  0.979   7.501   1.00 14.82 ? 126 ILE A CG2 1 
ATOM   719  C CD1 . ILE A 1 85  ? -9.068  3.013   6.742   1.00 16.36 ? 126 ILE A CD1 1 
ATOM   720  N N   . GLN A 1 86  ? -6.461  -1.789  5.153   1.00 12.08 ? 127 GLN A N   1 
ATOM   721  C CA  . GLN A 1 86  ? -5.815  -3.098  5.380   1.00 13.27 ? 127 GLN A CA  1 
ATOM   722  C C   . GLN A 1 86  ? -4.641  -3.250  4.409   1.00 13.50 ? 127 GLN A C   1 
ATOM   723  O O   . GLN A 1 86  ? -3.596  -3.753  4.840   1.00 13.40 ? 127 GLN A O   1 
ATOM   724  C CB  . GLN A 1 86  ? -6.851  -4.219  5.227   1.00 15.06 ? 127 GLN A CB  1 
ATOM   725  C CG  . GLN A 1 86  ? -6.282  -5.611  5.395   1.00 18.37 ? 127 GLN A CG  1 
ATOM   726  C CD  . GLN A 1 86  ? -7.348  -6.675  5.310   1.00 22.96 ? 127 GLN A CD  1 
ATOM   727  O OE1 . GLN A 1 86  ? -7.246  -7.628  4.519   1.00 26.00 ? 127 GLN A OE1 1 
ATOM   728  N NE2 . GLN A 1 86  ? -8.359  -6.526  6.151   1.00 22.84 ? 127 GLN A NE2 1 
ATOM   729  N N   . ASP A 1 87  ? -4.773  -2.850  3.167   1.00 12.15 ? 128 ASP A N   1 
ATOM   730  C CA  . ASP A 1 87  ? -3.664  -2.923  2.178   1.00 12.62 ? 128 ASP A CA  1 
ATOM   731  C C   . ASP A 1 87  ? -2.492  -2.048  2.597   1.00 12.05 ? 128 ASP A C   1 
ATOM   732  O O   . ASP A 1 87  ? -1.332  -2.485  2.518   1.00 12.34 ? 128 ASP A O   1 
ATOM   733  C CB  . ASP A 1 87  ? -4.101  -2.595  0.751   1.00 13.35 ? 128 ASP A CB  1 
ATOM   734  C CG  . ASP A 1 87  ? -4.798  -3.749  0.049   1.00 14.26 ? 128 ASP A CG  1 
ATOM   735  O OD1 . ASP A 1 87  ? -4.724  -4.900  0.555   1.00 16.39 ? 128 ASP A OD1 1 
ATOM   736  O OD2 . ASP A 1 87  ? -5.327  -3.515  -1.036  1.00 14.53 ? 128 ASP A OD2 1 
ATOM   737  N N   . PHE A 1 88  ? -2.725  -0.824  3.044   1.00 11.31 ? 129 PHE A N   1 
ATOM   738  C CA  . PHE A 1 88  ? -1.610  -0.023  3.569   1.00 11.67 ? 129 PHE A CA  1 
ATOM   739  C C   . PHE A 1 88  ? -0.950  -0.757  4.736   1.00 11.25 ? 129 PHE A C   1 
ATOM   740  O O   . PHE A 1 88  ? 0.294   -0.835  4.830   1.00 12.44 ? 129 PHE A O   1 
ATOM   741  C CB  . PHE A 1 88  ? -2.117  1.329   4.083   1.00 13.29 ? 129 PHE A CB  1 
ATOM   742  C CG  . PHE A 1 88  ? -2.231  2.412   3.033   1.00 13.21 ? 129 PHE A CG  1 
ATOM   743  C CD1 . PHE A 1 88  ? -1.112  3.124   2.625   1.00 16.01 ? 129 PHE A CD1 1 
ATOM   744  C CD2 . PHE A 1 88  ? -3.443  2.717   2.469   1.00 13.70 ? 129 PHE A CD2 1 
ATOM   745  C CE1 . PHE A 1 88  ? -1.249  4.128   1.675   1.00 17.67 ? 129 PHE A CE1 1 
ATOM   746  C CE2 . PHE A 1 88  ? -3.592  3.754   1.557   1.00 17.22 ? 129 PHE A CE2 1 
ATOM   747  C CZ  . PHE A 1 88  ? -2.475  4.441   1.160   1.00 17.32 ? 129 PHE A CZ  1 
ATOM   748  N N   . ASN A 1 89  ? -1.753  -1.276  5.668   1.00 12.31 ? 130 ASN A N   1 
ATOM   749  C CA  . ASN A 1 89  ? -1.200  -2.005  6.825   1.00 14.22 ? 130 ASN A CA  1 
ATOM   750  C C   . ASN A 1 89  ? -0.368  -3.181  6.356   1.00 12.60 ? 130 ASN A C   1 
ATOM   751  O O   . ASN A 1 89  ? 0.720   -3.428  6.937   1.00 13.69 ? 130 ASN A O   1 
ATOM   752  C CB  . ASN A 1 89  ? -2.294  -2.357  7.833   1.00 14.70 ? 130 ASN A CB  1 
ATOM   753  C CG  . ASN A 1 89  ? -2.763  -1.105  8.544   1.00 20.83 ? 130 ASN A CG  1 
ATOM   754  O OD1 . ASN A 1 89  ? -1.959  -0.209  8.793   1.00 27.27 ? 130 ASN A OD1 1 
ATOM   755  N ND2 . ASN A 1 89  ? -4.025  -1.102  8.921   1.00 26.07 ? 130 ASN A ND2 1 
ATOM   756  N N   . THR A 1 90  ? -0.791  -3.924  5.365   1.00 12.20 ? 131 THR A N   1 
ATOM   757  C CA  . THR A 1 90  ? -0.064  -5.104  4.833   1.00 11.89 ? 131 THR A CA  1 
ATOM   758  C C   . THR A 1 90  ? 1.284   -4.635  4.271   1.00 12.16 ? 131 THR A C   1 
ATOM   759  O O   . THR A 1 90  ? 2.302   -5.308  4.519   1.00 12.23 ? 131 THR A O   1 
ATOM   760  C CB  . THR A 1 90  ? -0.896  -5.791  3.760   1.00 12.64 ? 131 THR A CB  1 
ATOM   761  O OG1 . THR A 1 90  ? -1.996  -6.380  4.453   1.00 15.00 ? 131 THR A OG1 1 
ATOM   762  C CG2 . THR A 1 90  ? -0.119  -6.829  3.009   1.00 13.24 ? 131 THR A CG2 1 
ATOM   763  N N   . MET A 1 91  ? 1.307   -3.522  3.537   1.00 11.56 ? 132 MET A N   1 
ATOM   764  C CA  . MET A 1 91  ? 2.575   -2.968  2.977   1.00 11.86 ? 132 MET A CA  1 
ATOM   765  C C   . MET A 1 91  ? 3.558   -2.706  4.127   1.00 12.58 ? 132 MET A C   1 
ATOM   766  O O   . MET A 1 91  ? 4.717   -3.130  4.065   1.00 12.76 ? 132 MET A O   1 
ATOM   767  C CB  . MET A 1 91  ? 2.272   -1.700  2.203   1.00 12.55 ? 132 MET A CB  1 
ATOM   768  C CG  . MET A 1 91  ? 3.512   -1.081  1.630   1.00 13.43 ? 132 MET A CG  1 
ATOM   769  S SD  . MET A 1 91  ? 3.108   0.445   0.812   1.00 15.03 ? 132 MET A SD  1 
ATOM   770  C CE  . MET A 1 91  ? 2.915   1.447   2.282   1.00 17.56 ? 132 MET A CE  1 
ATOM   771  N N   . PHE A 1 92  ? 3.106   -2.054  5.189   1.00 11.55 ? 133 PHE A N   1 
ATOM   772  C CA  . PHE A 1 92  ? 4.007   -1.755  6.326   1.00 12.11 ? 133 PHE A CA  1 
ATOM   773  C C   . PHE A 1 92  ? 4.455   -3.053  6.979   1.00 12.13 ? 133 PHE A C   1 
ATOM   774  O O   . PHE A 1 92  ? 5.666   -3.209  7.237   1.00 12.98 ? 133 PHE A O   1 
ATOM   775  C CB  . PHE A 1 92  ? 3.336   -0.818  7.336   1.00 13.49 ? 133 PHE A CB  1 
ATOM   776  C CG  . PHE A 1 92  ? 2.971   0.529   6.774   1.00 14.28 ? 133 PHE A CG  1 
ATOM   777  C CD1 . PHE A 1 92  ? 3.906   1.288   6.078   1.00 15.69 ? 133 PHE A CD1 1 
ATOM   778  C CD2 . PHE A 1 92  ? 1.683   1.024   6.922   1.00 16.98 ? 133 PHE A CD2 1 
ATOM   779  C CE1 . PHE A 1 92  ? 3.573   2.519   5.530   1.00 19.07 ? 133 PHE A CE1 1 
ATOM   780  C CE2 . PHE A 1 92  ? 1.358   2.270   6.379   1.00 17.82 ? 133 PHE A CE2 1 
ATOM   781  C CZ  . PHE A 1 92  ? 2.293   2.996   5.703   1.00 17.24 ? 133 PHE A CZ  1 
ATOM   782  N N   . THR A 1 93  ? 3.530   -3.938  7.319   1.00 12.82 ? 134 THR A N   1 
ATOM   783  C CA  . THR A 1 93  ? 3.912   -5.159  8.063   1.00 13.19 ? 134 THR A CA  1 
ATOM   784  C C   . THR A 1 93  ? 4.808   -6.044  7.210   1.00 12.80 ? 134 THR A C   1 
ATOM   785  O O   . THR A 1 93  ? 5.736   -6.636  7.767   1.00 13.27 ? 134 THR A O   1 
ATOM   786  C CB  . THR A 1 93  ? 2.718   -5.850  8.675   1.00 17.67 ? 134 THR A CB  1 
ATOM   787  O OG1 . THR A 1 93  ? 1.824   -6.135  7.638   1.00 19.34 ? 134 THR A OG1 1 
ATOM   788  C CG2 . THR A 1 93  ? 2.076   -5.003  9.726   1.00 18.71 ? 134 THR A CG2 1 
ATOM   789  N N   . ASN A 1 94  ? 4.642   -6.141  5.910   1.00 12.46 ? 135 ASN A N   1 
ATOM   790  C CA  . ASN A 1 94  ? 5.592   -6.865  5.049   1.00 12.38 ? 135 ASN A CA  1 
ATOM   791  C C   . ASN A 1 94  ? 7.004   -6.329  5.288   1.00 12.02 ? 135 ASN A C   1 
ATOM   792  O O   . ASN A 1 94  ? 7.967   -7.095  5.375   1.00 13.23 ? 135 ASN A O   1 
ATOM   793  C CB  . ASN A 1 94  ? 5.225   -6.736  3.569   1.00 12.66 ? 135 ASN A CB  1 
ATOM   794  C CG  . ASN A 1 94  ? 3.980   -7.506  3.195   1.00 12.43 ? 135 ASN A CG  1 
ATOM   795  O OD1 . ASN A 1 94  ? 3.563   -8.398  3.932   1.00 14.04 ? 135 ASN A OD1 1 
ATOM   796  N ND2 . ASN A 1 94  ? 3.508   -7.193  1.999   1.00 12.90 ? 135 ASN A ND2 1 
ATOM   797  N N   . CYS A 1 95  ? 7.173   -5.030  5.314   1.00 11.03 ? 136 CYS A N   1 
ATOM   798  C CA  . CYS A 1 95  ? 8.485   -4.380  5.536   1.00 12.03 ? 136 CYS A CA  1 
ATOM   799  C C   . CYS A 1 95  ? 9.049   -4.793  6.880   1.00 12.28 ? 136 CYS A C   1 
ATOM   800  O O   . CYS A 1 95  ? 10.259  -5.071  6.973   1.00 13.26 ? 136 CYS A O   1 
ATOM   801  C CB  . CYS A 1 95  ? 8.313   -2.887  5.368   1.00 12.53 ? 136 CYS A CB  1 
ATOM   802  S SG  . CYS A 1 95  ? 9.893   -2.036  5.352   1.00 15.13 ? 136 CYS A SG  1 
ATOM   803  N N   . TYR A 1 96  ? 8.207   -4.842  7.908   1.00 11.70 ? 137 TYR A N   1 
ATOM   804  C CA  . TYR A 1 96  ? 8.677   -5.173  9.280   1.00 12.57 ? 137 TYR A CA  1 
ATOM   805  C C   . TYR A 1 96  ? 8.984   -6.669  9.412   1.00 13.15 ? 137 TYR A C   1 
ATOM   806  O O   . TYR A 1 96  ? 9.678   -7.041  10.328  1.00 14.15 ? 137 TYR A O   1 
ATOM   807  C CB  . TYR A 1 96  ? 7.660   -4.705  10.323  1.00 12.94 ? 137 TYR A CB  1 
ATOM   808  C CG  . TYR A 1 96  ? 7.268   -3.255  10.198  1.00 12.82 ? 137 TYR A CG  1 
ATOM   809  C CD1 . TYR A 1 96  ? 8.153   -2.313  9.715   1.00 13.01 ? 137 TYR A CD1 1 
ATOM   810  C CD2 . TYR A 1 96  ? 6.008   -2.829  10.560  1.00 13.08 ? 137 TYR A CD2 1 
ATOM   811  C CE1 . TYR A 1 96  ? 7.790   -0.985  9.578   1.00 14.59 ? 137 TYR A CE1 1 
ATOM   812  C CE2 . TYR A 1 96  ? 5.629   -1.505  10.440  1.00 14.24 ? 137 TYR A CE2 1 
ATOM   813  C CZ  . TYR A 1 96  ? 6.526   -0.584  9.951   1.00 13.72 ? 137 TYR A CZ  1 
ATOM   814  O OH  . TYR A 1 96  ? 6.177   0.721   9.810   1.00 17.61 ? 137 TYR A OH  1 
ATOM   815  N N   . ILE A 1 97  ? 8.396   -7.483  8.555   1.00 12.92 ? 138 ILE A N   1 
ATOM   816  C CA  . ILE A 1 97  ? 8.670   -8.946  8.585   1.00 14.62 ? 138 ILE A CA  1 
ATOM   817  C C   . ILE A 1 97  ? 10.013  -9.278  7.924   1.00 15.01 ? 138 ILE A C   1 
ATOM   818  O O   . ILE A 1 97  ? 10.827  -9.943  8.533   1.00 15.34 ? 138 ILE A O   1 
ATOM   819  C CB  . ILE A 1 97  ? 7.509   -9.675  7.885   1.00 14.25 ? 138 ILE A CB  1 
ATOM   820  C CG1 . ILE A 1 97  ? 6.249   -9.655  8.748   1.00 16.02 ? 138 ILE A CG1 1 
ATOM   821  C CG2 . ILE A 1 97  ? 7.922   -11.087 7.520   1.00 15.19 ? 138 ILE A CG2 1 
ATOM   822  C CD1 . ILE A 1 97  ? 4.980   -9.996  7.994   1.00 17.76 ? 138 ILE A CD1 1 
ATOM   823  N N   . TYR A 1 98  ? 10.224  -8.794  6.713   1.00 12.62 ? 139 TYR A N   1 
ATOM   824  C CA  . TYR A 1 98  ? 11.427  -9.157  5.930   1.00 13.94 ? 139 TYR A CA  1 
ATOM   825  C C   . TYR A 1 98  ? 12.696  -8.483  6.446   1.00 13.24 ? 139 TYR A C   1 
ATOM   826  O O   . TYR A 1 98  ? 13.721  -9.121  6.488   1.00 16.14 ? 139 TYR A O   1 
ATOM   827  C CB  . TYR A 1 98  ? 11.184  -8.862  4.450   1.00 13.88 ? 139 TYR A CB  1 
ATOM   828  C CG  . TYR A 1 98  ? 12.286  -9.369  3.557   1.00 16.78 ? 139 TYR A CG  1 
ATOM   829  C CD1 . TYR A 1 98  ? 12.322  -10.673 3.110   1.00 20.28 ? 139 TYR A CD1 1 
ATOM   830  C CD2 . TYR A 1 98  ? 13.308  -8.534  3.176   1.00 17.64 ? 139 TYR A CD2 1 
ATOM   831  C CE1 . TYR A 1 98  ? 13.369  -11.127 2.322   1.00 19.72 ? 139 TYR A CE1 1 
ATOM   832  C CE2 . TYR A 1 98  ? 14.341  -8.961  2.370   1.00 21.48 ? 139 TYR A CE2 1 
ATOM   833  C CZ  . TYR A 1 98  ? 14.370  -10.261 1.933   1.00 21.18 ? 139 TYR A CZ  1 
ATOM   834  O OH  . TYR A 1 98  ? 15.420  -10.629 1.134   1.00 25.96 ? 139 TYR A OH  1 
ATOM   835  N N   . ASN A 1 99  ? 12.569  -7.224  6.831   1.00 13.67 ? 140 ASN A N   1 
ATOM   836  C CA  . ASN A 1 99  ? 13.734  -6.371  7.160   1.00 13.06 ? 140 ASN A CA  1 
ATOM   837  C C   . ASN A 1 99  ? 13.959  -6.312  8.667   1.00 13.89 ? 140 ASN A C   1 
ATOM   838  O O   . ASN A 1 99  ? 13.034  -6.234  9.402   1.00 15.16 ? 140 ASN A O   1 
ATOM   839  C CB  . ASN A 1 99  ? 13.545  -4.984  6.553   1.00 12.93 ? 140 ASN A CB  1 
ATOM   840  C CG  . ASN A 1 99  ? 13.238  -5.063  5.074   1.00 13.47 ? 140 ASN A CG  1 
ATOM   841  O OD1 . ASN A 1 99  ? 14.114  -5.333  4.283   1.00 15.50 ? 140 ASN A OD1 1 
ATOM   842  N ND2 . ASN A 1 99  ? 11.996  -4.841  4.707   1.00 13.05 ? 140 ASN A ND2 1 
ATOM   843  N N   . LYS A 1 100 ? 15.218  -6.238  9.053   1.00 16.30 ? 141 LYS A N   1 
ATOM   844  C CA  . LYS A 1 100 ? 15.560  -6.211  10.477  1.00 17.47 ? 141 LYS A CA  1 
ATOM   845  C C   . LYS A 1 100 ? 15.132  -4.883  11.074  1.00 15.96 ? 141 LYS A C   1 
ATOM   846  O O   . LYS A 1 100 ? 15.267  -3.807  10.462  1.00 15.32 ? 141 LYS A O   1 
ATOM   847  C CB  . LYS A 1 100 ? 17.062  -6.396  10.612  1.00 21.13 ? 141 LYS A CB  1 
ATOM   848  C CG  . LYS A 1 100 ? 17.554  -6.542  12.021  1.00 27.39 ? 141 LYS A CG  1 
ATOM   849  C CD  . LYS A 1 100 ? 19.022  -6.939  12.044  1.00 29.05 ? 141 LYS A CD  1 
ATOM   850  C CE  . LYS A 1 100 ? 19.432  -7.202  13.473  1.00 33.24 ? 141 LYS A CE  1 
ATOM   851  N NZ  . LYS A 1 100 ? 18.236  -7.573  14.267  1.00 30.81 ? 141 LYS A NZ  1 
ATOM   852  N N   . PRO A 1 101 ? 14.608  -4.870  12.316  1.00 15.76 ? 142 PRO A N   1 
ATOM   853  C CA  . PRO A 1 101 ? 14.273  -3.617  12.969  1.00 15.84 ? 142 PRO A CA  1 
ATOM   854  C C   . PRO A 1 101 ? 15.431  -2.612  12.929  1.00 17.22 ? 142 PRO A C   1 
ATOM   855  O O   . PRO A 1 101 ? 16.603  -2.969  13.126  1.00 19.22 ? 142 PRO A O   1 
ATOM   856  C CB  . PRO A 1 101 ? 13.975  -4.065  14.401  1.00 18.32 ? 142 PRO A CB  1 
ATOM   857  C CG  . PRO A 1 101 ? 13.422  -5.472  14.244  1.00 18.39 ? 142 PRO A CG  1 
ATOM   858  C CD  . PRO A 1 101 ? 14.238  -6.046  13.125  1.00 17.00 ? 142 PRO A CD  1 
ATOM   859  N N   . GLY A 1 102 ? 15.083  -1.341  12.724  1.00 16.78 ? 143 GLY A N   1 
ATOM   860  C CA  . GLY A 1 102 ? 16.089  -0.272  12.681  1.00 18.02 ? 143 GLY A CA  1 
ATOM   861  C C   . GLY A 1 102 ? 16.808  -0.147  11.366  1.00 18.34 ? 143 GLY A C   1 
ATOM   862  O O   . GLY A 1 102 ? 17.540  0.869   11.195  1.00 19.47 ? 143 GLY A O   1 
ATOM   863  N N   . ASP A 1 103 ? 16.597  -1.065  10.418  1.00 17.74 ? 144 ASP A N   1 
ATOM   864  C CA  . ASP A 1 103 ? 17.224  -0.894  9.078   1.00 19.00 ? 144 ASP A CA  1 
ATOM   865  C C   . ASP A 1 103 ? 16.638  0.326   8.346   1.00 16.43 ? 144 ASP A C   1 
ATOM   866  O O   . ASP A 1 103 ? 15.501  0.723   8.600   1.00 15.31 ? 144 ASP A O   1 
ATOM   867  C CB  . ASP A 1 103 ? 17.091  -2.169  8.250   1.00 19.96 ? 144 ASP A CB  1 
ATOM   868  C CG  . ASP A 1 103 ? 18.202  -3.174  8.476   1.00 32.42 ? 144 ASP A CG  1 
ATOM   869  O OD1 . ASP A 1 103 ? 18.913  -3.040  9.463   1.00 35.23 ? 144 ASP A OD1 1 
ATOM   870  O OD2 . ASP A 1 103 ? 18.313  -4.101  7.659   1.00 45.56 ? 144 ASP A OD2 1 
ATOM   871  N N   . ASP A 1 104 ? 17.390  0.896   7.434   1.00 16.30 ? 145 ASP A N   1 
ATOM   872  C CA  . ASP A 1 104 ? 16.978  2.059   6.623   1.00 16.22 ? 145 ASP A CA  1 
ATOM   873  C C   . ASP A 1 104 ? 15.517  1.914   6.121   1.00 14.01 ? 145 ASP A C   1 
ATOM   874  O O   . ASP A 1 104 ? 14.713  2.805   6.370   1.00 14.93 ? 145 ASP A O   1 
ATOM   875  C CB  . ASP A 1 104 ? 17.956  2.287   5.471   1.00 16.77 ? 145 ASP A CB  1 
ATOM   876  C CG  . ASP A 1 104 ? 18.470  1.054   4.768   1.00 18.52 ? 145 ASP A CG  1 
ATOM   877  O OD1 . ASP A 1 104 ? 17.711  0.055   4.593   1.00 20.58 ? 145 ASP A OD1 1 
ATOM   878  O OD2 . ASP A 1 104 ? 19.676  1.067   4.368   1.00 23.49 ? 145 ASP A OD2 1 
ATOM   879  N N   . ILE A 1 105 ? 15.236  0.827   5.438   1.00 14.81 ? 146 ILE A N   1 
ATOM   880  C CA  . ILE A 1 105 ? 13.912  0.687   4.787   1.00 13.97 ? 146 ILE A CA  1 
ATOM   881  C C   . ILE A 1 105 ? 12.823  0.621   5.848   1.00 12.90 ? 146 ILE A C   1 
ATOM   882  O O   . ILE A 1 105 ? 11.728  1.105   5.597   1.00 13.63 ? 146 ILE A O   1 
ATOM   883  C CB  . ILE A 1 105 ? 13.906  -0.527  3.837   1.00 14.50 ? 146 ILE A CB  1 
ATOM   884  C CG1 . ILE A 1 105 ? 12.665  -0.510  2.941   1.00 15.32 ? 146 ILE A CG1 1 
ATOM   885  C CG2 . ILE A 1 105 ? 14.051  -1.836  4.564   1.00 15.19 ? 146 ILE A CG2 1 
ATOM   886  C CD1 . ILE A 1 105 ? 12.644  0.516   1.880   1.00 15.72 ? 146 ILE A CD1 1 
ATOM   887  N N   . VAL A 1 106 ? 13.111  0.027   7.000   1.00 13.06 ? 147 VAL A N   1 
ATOM   888  C CA  . VAL A 1 106 ? 12.145  -0.019  8.109   1.00 13.38 ? 147 VAL A CA  1 
ATOM   889  C C   . VAL A 1 106 ? 11.918  1.382   8.642   1.00 13.91 ? 147 VAL A C   1 
ATOM   890  O O   . VAL A 1 106 ? 10.763  1.723   8.974   1.00 14.24 ? 147 VAL A O   1 
ATOM   891  C CB  . VAL A 1 106 ? 12.614  -0.994  9.188   1.00 13.44 ? 147 VAL A CB  1 
ATOM   892  C CG1 . VAL A 1 106 ? 11.781  -0.870  10.425  1.00 14.65 ? 147 VAL A CG1 1 
ATOM   893  C CG2 . VAL A 1 106 ? 12.649  -2.416  8.664   1.00 13.73 ? 147 VAL A CG2 1 
ATOM   894  N N   . LEU A 1 107 ? 12.969  2.180   8.786   1.00 14.17 ? 148 LEU A N   1 
ATOM   895  C CA  . LEU A 1 107 ? 12.804  3.542   9.310   1.00 14.29 ? 148 LEU A CA  1 
ATOM   896  C C   . LEU A 1 107 ? 11.966  4.350   8.322   1.00 12.77 ? 148 LEU A C   1 
ATOM   897  O O   . LEU A 1 107 ? 11.159  5.214   8.729   1.00 14.86 ? 148 LEU A O   1 
ATOM   898  C CB  . LEU A 1 107 ? 14.165  4.177   9.516   1.00 15.59 ? 148 LEU A CB  1 
ATOM   899  C CG  . LEU A 1 107 ? 15.057  3.511   10.566  1.00 17.04 ? 148 LEU A CG  1 
ATOM   900  C CD1 . LEU A 1 107 ? 16.426  4.143   10.522  1.00 18.40 ? 148 LEU A CD1 1 
ATOM   901  C CD2 . LEU A 1 107 ? 14.438  3.624   11.929  1.00 18.10 ? 148 LEU A CD2 1 
ATOM   902  N N   . MET A 1 108 ? 12.144  4.106   7.046   1.00 13.60 ? 149 MET A N   1 
ATOM   903  C CA  . MET A 1 108 ? 11.329  4.812   6.020   1.00 13.27 ? 149 MET A CA  1 
ATOM   904  C C   . MET A 1 108 ? 9.876   4.381   6.182   1.00 14.29 ? 149 MET A C   1 
ATOM   905  O O   . MET A 1 108 ? 8.983   5.229   6.230   1.00 14.90 ? 149 MET A O   1 
ATOM   906  C CB  . MET A 1 108 ? 11.809  4.469   4.620   1.00 13.98 ? 149 MET A CB  1 
ATOM   907  C CG  . MET A 1 108 ? 13.206  5.035   4.348   1.00 14.25 ? 149 MET A CG  1 
ATOM   908  S SD  . MET A 1 108 ? 14.031  4.483   2.854   1.00 17.98 ? 149 MET A SD  1 
ATOM   909  C CE  . MET A 1 108 ? 13.396  5.702   1.713   1.00 19.30 ? 149 MET A CE  1 
ATOM   910  N N   . ALA A 1 109 ? 9.629   3.094   6.290   1.00 14.01 ? 150 ALA A N   1 
ATOM   911  C CA  . ALA A 1 109 ? 8.243   2.614   6.449   1.00 13.43 ? 150 ALA A CA  1 
ATOM   912  C C   . ALA A 1 109 ? 7.635   3.168   7.728   1.00 12.85 ? 150 ALA A C   1 
ATOM   913  O O   . ALA A 1 109 ? 6.455   3.529   7.729   1.00 14.05 ? 150 ALA A O   1 
ATOM   914  C CB  . ALA A 1 109 ? 8.241   1.114   6.451   1.00 14.07 ? 150 ALA A CB  1 
ATOM   915  N N   . GLU A 1 110 ? 8.384   3.189   8.825   1.00 13.55 ? 151 GLU A N   1 
ATOM   916  C CA  . GLU A 1 110 ? 7.849   3.688   10.122  1.00 14.59 ? 151 GLU A CA  1 
ATOM   917  C C   . GLU A 1 110 ? 7.406   5.149   10.009  1.00 15.93 ? 151 GLU A C   1 
ATOM   918  O O   . GLU A 1 110 ? 6.368   5.468   10.556  1.00 15.89 ? 151 GLU A O   1 
ATOM   919  C CB  . GLU A 1 110 ? 8.863   3.471   11.244  1.00 15.65 ? 151 GLU A CB  1 
ATOM   920  C CG  . GLU A 1 110 ? 8.960   2.023   11.649  1.00 17.25 ? 151 GLU A CG  1 
ATOM   921  C CD  . GLU A 1 110 ? 10.055  1.709   12.648  1.00 21.36 ? 151 GLU A CD  1 
ATOM   922  O OE1 . GLU A 1 110 ? 10.931  2.524   12.813  1.00 27.80 ? 151 GLU A OE1 1 
ATOM   923  O OE2 . GLU A 1 110 ? 9.997   0.648   13.230  1.00 23.62 ? 151 GLU A OE2 1 
ATOM   924  N N   . ALA A 1 111 ? 8.191   5.984   9.347   1.00 15.79 ? 152 ALA A N   1 
ATOM   925  C CA  . ALA A 1 111 ? 7.808   7.402   9.163   1.00 17.37 ? 152 ALA A CA  1 
ATOM   926  C C   . ALA A 1 111 ? 6.541   7.483   8.300   1.00 15.88 ? 152 ALA A C   1 
ATOM   927  O O   . ALA A 1 111 ? 5.658   8.255   8.631   1.00 17.97 ? 152 ALA A O   1 
ATOM   928  C CB  . ALA A 1 111 ? 8.949   8.153   8.546   1.00 19.44 ? 152 ALA A CB  1 
ATOM   929  N N   . LEU A 1 112 ? 6.463   6.685   7.242   1.00 16.95 ? 153 LEU A N   1 
ATOM   930  C CA  . LEU A 1 112 ? 5.255   6.718   6.383   1.00 16.46 ? 153 LEU A CA  1 
ATOM   931  C C   . LEU A 1 112 ? 4.048   6.243   7.184   1.00 16.42 ? 153 LEU A C   1 
ATOM   932  O O   . LEU A 1 112 ? 2.992   6.818   7.029   1.00 15.76 ? 153 LEU A O   1 
ATOM   933  C CB  . LEU A 1 112 ? 5.472   5.823   5.166   1.00 16.83 ? 153 LEU A CB  1 
ATOM   934  C CG  . LEU A 1 112 ? 6.482   6.315   4.138   1.00 20.05 ? 153 LEU A CG  1 
ATOM   935  C CD1 . LEU A 1 112 ? 6.666   5.248   3.087   1.00 21.17 ? 153 LEU A CD1 1 
ATOM   936  C CD2 . LEU A 1 112 ? 6.030   7.621   3.498   1.00 21.27 ? 153 LEU A CD2 1 
ATOM   937  N N   . GLU A 1 113 ? 4.229   5.207   7.996   1.00 14.90 ? 154 GLU A N   1 
ATOM   938  C CA  . GLU A 1 113 ? 3.103   4.662   8.788   1.00 15.03 ? 154 GLU A CA  1 
ATOM   939  C C   . GLU A 1 113 ? 2.609   5.704   9.794   1.00 15.45 ? 154 GLU A C   1 
ATOM   940  O O   . GLU A 1 113 ? 1.416   5.789   9.989   1.00 15.59 ? 154 GLU A O   1 
ATOM   941  C CB  . GLU A 1 113 ? 3.531   3.385   9.497   1.00 15.17 ? 154 GLU A CB  1 
ATOM   942  C CG  . GLU A 1 113 ? 2.380   2.748   10.241  1.00 16.38 ? 154 GLU A CG  1 
ATOM   943  C CD  . GLU A 1 113 ? 2.731   1.499   11.023  1.00 20.78 ? 154 GLU A CD  1 
ATOM   944  O OE1 . GLU A 1 113 ? 3.903   1.231   11.175  1.00 22.67 ? 154 GLU A OE1 1 
ATOM   945  O OE2 . GLU A 1 113 ? 1.810   0.830   11.486  1.00 26.41 ? 154 GLU A OE2 1 
ATOM   946  N N   . LYS A 1 114 ? 3.522   6.439   10.411  1.00 15.31 ? 155 LYS A N   1 
ATOM   947  C CA  . LYS A 1 114 ? 3.100   7.456   11.400  1.00 16.69 ? 155 LYS A CA  1 
ATOM   948  C C   . LYS A 1 114 ? 2.236   8.517   10.712  1.00 16.84 ? 155 LYS A C   1 
ATOM   949  O O   . LYS A 1 114 ? 1.193   8.848   11.250  1.00 18.38 ? 155 LYS A O   1 
ATOM   950  C CB  . LYS A 1 114 ? 4.329   8.078   12.056  1.00 19.17 ? 155 LYS A CB  1 
ATOM   951  C CG  . LYS A 1 114 ? 3.972   9.201   13.015  1.00 25.78 ? 155 LYS A CG  1 
ATOM   952  C CD  . LYS A 1 114 ? 5.126   9.671   13.853  1.00 30.67 ? 155 LYS A CD  1 
ATOM   953  C CE  . LYS A 1 114 ? 4.702   10.716  14.861  1.00 35.54 ? 155 LYS A CE  1 
ATOM   954  N NZ  . LYS A 1 114 ? 5.783   11.004  15.828  1.00 41.73 ? 155 LYS A NZ  1 
ATOM   955  N N   . LEU A 1 115 ? 2.658   8.974   9.537   1.00 15.91 ? 156 LEU A N   1 
ATOM   956  C CA  . LEU A 1 115 ? 1.897   9.966   8.743   1.00 17.24 ? 156 LEU A CA  1 
ATOM   957  C C   . LEU A 1 115 ? 0.555   9.356   8.307   1.00 16.24 ? 156 LEU A C   1 
ATOM   958  O O   . LEU A 1 115 ? -0.447  10.016  8.393   1.00 16.91 ? 156 LEU A O   1 
ATOM   959  C CB  . LEU A 1 115 ? 2.753   10.358  7.542   1.00 21.20 ? 156 LEU A CB  1 
ATOM   960  C CG  . LEU A 1 115 ? 2.134   11.418  6.642   1.00 32.35 ? 156 LEU A CG  1 
ATOM   961  C CD1 . LEU A 1 115 ? 1.678   12.616  7.460   1.00 27.78 ? 156 LEU A CD1 1 
ATOM   962  C CD2 . LEU A 1 115 ? 3.111   11.824  5.553   1.00 28.75 ? 156 LEU A CD2 1 
ATOM   963  N N   . PHE A 1 116 ? 0.568   8.095   7.902   1.00 15.47 ? 157 PHE A N   1 
ATOM   964  C CA  . PHE A 1 116 ? -0.674  7.420   7.465   1.00 15.02 ? 157 PHE A CA  1 
ATOM   965  C C   . PHE A 1 116 ? -1.680  7.375   8.620   1.00 14.99 ? 157 PHE A C   1 
ATOM   966  O O   . PHE A 1 116 ? -2.833  7.690   8.425   1.00 15.25 ? 157 PHE A O   1 
ATOM   967  C CB  . PHE A 1 116 ? -0.316  5.999   7.022   1.00 15.16 ? 157 PHE A CB  1 
ATOM   968  C CG  . PHE A 1 116 ? -1.507  5.109   6.794   1.00 14.91 ? 157 PHE A CG  1 
ATOM   969  C CD1 . PHE A 1 116 ? -2.303  5.279   5.682   1.00 14.77 ? 157 PHE A CD1 1 
ATOM   970  C CD2 . PHE A 1 116 ? -1.836  4.117   7.697   1.00 16.29 ? 157 PHE A CD2 1 
ATOM   971  C CE1 . PHE A 1 116 ? -3.397  4.458   5.474   1.00 16.24 ? 157 PHE A CE1 1 
ATOM   972  C CE2 . PHE A 1 116 ? -2.924  3.292   7.477   1.00 18.04 ? 157 PHE A CE2 1 
ATOM   973  C CZ  . PHE A 1 116 ? -3.700  3.473   6.367   1.00 15.84 ? 157 PHE A CZ  1 
ATOM   974  N N   . LEU A 1 117 ? -1.219  7.015   9.810   1.00 16.09 ? 158 LEU A N   1 
ATOM   975  C CA  . LEU A 1 117 ? -2.131  6.901   10.977  1.00 16.17 ? 158 LEU A CA  1 
ATOM   976  C C   . LEU A 1 117 ? -2.696  8.273   11.343  1.00 17.36 ? 158 LEU A C   1 
ATOM   977  O O   . LEU A 1 117 ? -3.844  8.327   11.737  1.00 18.21 ? 158 LEU A O   1 
ATOM   978  C CB  . LEU A 1 117 ? -1.409  6.197   12.123  1.00 19.52 ? 158 LEU A CB  1 
ATOM   979  C CG  . LEU A 1 117 ? -1.120  4.725   11.839  1.00 20.65 ? 158 LEU A CG  1 
ATOM   980  C CD1 . LEU A 1 117 ? -0.331  4.100   12.971  1.00 25.72 ? 158 LEU A CD1 1 
ATOM   981  C CD2 . LEU A 1 117 ? -2.403  3.950   11.569  1.00 23.92 ? 158 LEU A CD2 1 
ATOM   982  N N   . GLN A 1 118 ? -1.891  9.319   11.206  1.00 15.78 ? 159 GLN A N   1 
ATOM   983  C CA  . GLN A 1 118 ? -2.390  10.683  11.482  1.00 17.56 ? 159 GLN A CA  1 
ATOM   984  C C   . GLN A 1 118 ? -3.508  11.029  10.498  1.00 17.27 ? 159 GLN A C   1 
ATOM   985  O O   . GLN A 1 118 ? -4.510  11.519  10.950  1.00 18.65 ? 159 GLN A O   1 
ATOM   986  C CB  . GLN A 1 118 ? -1.238  11.670  11.380  1.00 19.80 ? 159 GLN A CB  1 
ATOM   987  C CG  . GLN A 1 118 ? -0.270  11.514  12.537  1.00 21.70 ? 159 GLN A CG  1 
ATOM   988  C CD  . GLN A 1 118 ? 1.001   12.303  12.370  1.00 27.35 ? 159 GLN A CD  1 
ATOM   989  O OE1 . GLN A 1 118 ? 1.381   12.682  11.277  1.00 28.73 ? 159 GLN A OE1 1 
ATOM   990  N NE2 . GLN A 1 118 ? 1.676   12.529  13.479  1.00 31.22 ? 159 GLN A NE2 1 
ATOM   991  N N   . LYS A 1 119 ? -3.356  10.709  9.213   1.00 16.58 ? 160 LYS A N   1 
ATOM   992  C CA  . LYS A 1 119 ? -4.390  11.052  8.201   1.00 17.05 ? 160 LYS A CA  1 
ATOM   993  C C   . LYS A 1 119 ? -5.647  10.199  8.415   1.00 17.43 ? 160 LYS A C   1 
ATOM   994  O O   . LYS A 1 119 ? -6.729  10.698  8.223   1.00 17.20 ? 160 LYS A O   1 
ATOM   995  C CB  . LYS A 1 119 ? -3.824  10.904  6.788   1.00 20.05 ? 160 LYS A CB  1 
ATOM   996  C CG  . LYS A 1 119 ? -2.714  11.882  6.435   1.00 21.50 ? 160 LYS A CG  1 
ATOM   997  C CD  . LYS A 1 119 ? -3.077  13.307  6.791   1.00 28.77 ? 160 LYS A CD  1 
ATOM   998  C CE  . LYS A 1 119 ? -2.178  14.370  6.202   1.00 34.06 ? 160 LYS A CE  1 
ATOM   999  N NZ  . LYS A 1 119 ? -2.711  15.714  6.527   1.00 35.59 ? 160 LYS A NZ  1 
ATOM   1000 N N   . ILE A 1 120 ? -5.484  8.948   8.807   1.00 16.57 ? 161 ILE A N   1 
ATOM   1001 C CA  . ILE A 1 120 ? -6.650  8.050   9.044   1.00 17.12 ? 161 ILE A CA  1 
ATOM   1002 C C   . ILE A 1 120 ? -7.451  8.623   10.236  1.00 18.32 ? 161 ILE A C   1 
ATOM   1003 O O   . ILE A 1 120 ? -8.674  8.393   10.299  1.00 17.11 ? 161 ILE A O   1 
ATOM   1004 C CB  . ILE A 1 120 ? -6.166  6.591   9.274   1.00 18.23 ? 161 ILE A CB  1 
ATOM   1005 C CG1 . ILE A 1 120 ? -5.557  5.977   7.998   1.00 20.08 ? 161 ILE A CG1 1 
ATOM   1006 C CG2 . ILE A 1 120 ? -7.300  5.694   9.771   1.00 21.65 ? 161 ILE A CG2 1 
ATOM   1007 C CD1 . ILE A 1 120 ? -6.451  6.103   6.795   1.00 19.19 ? 161 ILE A CD1 1 
ATOM   1008 N N   . ASN A 1 121 ? -6.815  9.358   11.149  1.00 16.78 ? 162 ASN A N   1 
ATOM   1009 C CA  . ASN A 1 121 ? -7.552  9.970   12.286  1.00 17.61 ? 162 ASN A CA  1 
ATOM   1010 C C   . ASN A 1 121 ? -8.485  11.064  11.789  1.00 19.68 ? 162 ASN A C   1 
ATOM   1011 O O   . ASN A 1 121 ? -9.340  11.494  12.594  1.00 21.31 ? 162 ASN A O   1 
ATOM   1012 C CB  . ASN A 1 121 ? -6.593  10.527  13.341  1.00 19.82 ? 162 ASN A CB  1 
ATOM   1013 C CG  . ASN A 1 121 ? -5.991  9.422   14.161  1.00 18.74 ? 162 ASN A CG  1 
ATOM   1014 O OD1 . ASN A 1 121 ? -6.515  8.308   14.263  1.00 20.43 ? 162 ASN A OD1 1 
ATOM   1015 N ND2 . ASN A 1 121 ? -4.871  9.695   14.801  1.00 21.75 ? 162 ASN A ND2 1 
ATOM   1016 N N   . GLU A 1 122 ? -8.331  11.499  10.544  1.00 17.66 ? 163 GLU A N   1 
ATOM   1017 C CA  . GLU A 1 122 ? -9.167  12.579  9.964   1.00 19.12 ? 163 GLU A CA  1 
ATOM   1018 C C   . GLU A 1 122 ? -10.083 12.049  8.853   1.00 19.70 ? 163 GLU A C   1 
ATOM   1019 O O   . GLU A 1 122 ? -10.555 12.843  8.070   1.00 20.32 ? 163 GLU A O   1 
ATOM   1020 C CB  . GLU A 1 122 ? -8.266  13.696  9.456   1.00 22.39 ? 163 GLU A CB  1 
ATOM   1021 C CG  . GLU A 1 122 ? -7.299  14.146  10.519  1.00 26.47 ? 163 GLU A CG  1 
ATOM   1022 C CD  . GLU A 1 122 ? -6.611  15.459  10.227  1.00 31.21 ? 163 GLU A CD  1 
ATOM   1023 O OE1 . GLU A 1 122 ? -7.179  16.251  9.492   1.00 35.77 ? 163 GLU A OE1 1 
ATOM   1024 O OE2 . GLU A 1 122 ? -5.536  15.673  10.774  1.00 34.28 ? 163 GLU A OE2 1 
ATOM   1025 N N   . LEU A 1 123 ? -10.380 10.753  8.876   1.00 19.67 ? 164 LEU A N   1 
ATOM   1026 C CA  . LEU A 1 123 ? -11.269 10.151  7.853   1.00 21.72 ? 164 LEU A CA  1 
ATOM   1027 C C   . LEU A 1 123 ? -12.608 10.890  7.915   1.00 19.89 ? 164 LEU A C   1 
ATOM   1028 O O   . LEU A 1 123 ? -13.139 11.032  9.001   1.00 22.45 ? 164 LEU A O   1 
ATOM   1029 C CB  . LEU A 1 123 ? -11.431 8.686   8.258   1.00 25.50 ? 164 LEU A CB  1 
ATOM   1030 C CG  . LEU A 1 123 ? -11.470 7.658   7.141   1.00 31.08 ? 164 LEU A CG  1 
ATOM   1031 C CD1 . LEU A 1 123 ? -10.394 7.945   6.114   1.00 29.31 ? 164 LEU A CD1 1 
ATOM   1032 C CD2 . LEU A 1 123 ? -11.313 6.269   7.716   1.00 30.46 ? 164 LEU A CD2 1 
ATOM   1033 N N   . PRO A 1 124 ? -13.195 11.330  6.788   1.00 19.59 ? 165 PRO A N   1 
ATOM   1034 C CA  . PRO A 1 124 ? -14.453 12.055  6.823   1.00 20.09 ? 165 PRO A CA  1 
ATOM   1035 C C   . PRO A 1 124 ? -15.677 11.195  7.163   1.00 19.26 ? 165 PRO A C   1 
ATOM   1036 O O   . PRO A 1 124 ? -15.606 10.020  7.198   1.00 18.44 ? 165 PRO A O   1 
ATOM   1037 C CB  . PRO A 1 124 ? -14.587 12.656  5.427   1.00 22.46 ? 165 PRO A CB  1 
ATOM   1038 C CG  . PRO A 1 124 ? -13.802 11.707  4.563   1.00 21.85 ? 165 PRO A CG  1 
ATOM   1039 C CD  . PRO A 1 124 ? -12.653 11.252  5.433   1.00 20.32 ? 165 PRO A CD  1 
ATOM   1040 N N   . THR A 1 125 ? -16.768 11.881  7.454   1.00 20.30 ? 166 THR A N   1 
ATOM   1041 C CA  . THR A 1 125 ? -18.024 11.215  7.840   1.00 19.01 ? 166 THR A CA  1 
ATOM   1042 C C   . THR A 1 125 ? -18.534 10.319  6.711   1.00 19.48 ? 166 THR A C   1 
ATOM   1043 O O   . THR A 1 125 ? -18.589 10.753  5.576   1.00 21.08 ? 166 THR A O   1 
ATOM   1044 C CB  . THR A 1 125 ? -19.064 12.289  8.154   1.00 20.66 ? 166 THR A CB  1 
ATOM   1045 O OG1 . THR A 1 125 ? -18.465 13.117  9.144   1.00 23.23 ? 166 THR A OG1 1 
ATOM   1046 C CG2 . THR A 1 125 ? -20.362 11.709  8.661   1.00 21.13 ? 166 THR A CG2 1 
ATOM   1047 N N   . GLU A 1 126 ? -18.917 9.106   7.077   1.00 17.80 ? 167 GLU A N   1 
ATOM   1048 C CA  . GLU A 1 126 ? -19.472 8.110   6.138   1.00 18.31 ? 167 GLU A CA  1 
ATOM   1049 C C   . GLU A 1 126 ? -20.943 8.416   5.806   1.00 18.87 ? 167 GLU A C   1 
ATOM   1050 O O   . GLU A 1 126 ? -21.613 9.049   6.608   1.00 19.63 ? 167 GLU A O   1 
ATOM   1051 C CB  . GLU A 1 126 ? -19.213 6.736   6.760   1.00 22.32 ? 167 GLU A CB  1 
ATOM   1052 C CG  . GLU A 1 126 ? -20.418 5.860   6.937   1.00 26.22 ? 167 GLU A CG  1 
ATOM   1053 C CD  . GLU A 1 126 ? -20.090 4.463   7.441   1.00 22.90 ? 167 GLU A CD  1 
ATOM   1054 O OE1 . GLU A 1 126 ? -19.360 4.369   8.428   1.00 24.35 ? 167 GLU A OE1 1 
ATOM   1055 O OE2 . GLU A 1 126 ? -20.576 3.499   6.846   1.00 25.07 ? 167 GLU A OE2 1 
ATOM   1056 N N   . GLU A 1 127 ? -21.383 7.977   4.628   1.00 18.12 ? 168 GLU A N   1 
ATOM   1057 C CA  . GLU A 1 127 ? -22.777 8.081   4.108   1.00 20.53 ? 168 GLU A CA  1 
ATOM   1058 C C   . GLU A 1 127 ? -23.732 7.212   4.948   1.00 27.82 ? 168 GLU A C   1 
ATOM   1059 O O   . GLU A 1 127 ? -24.888 7.584   5.117   1.00 26.14 ? 168 GLU A O   1 
ATOM   1060 C CB  . GLU A 1 127 ? -22.811 7.501   2.691   1.00 19.21 ? 168 GLU A CB  1 
ATOM   1061 C CG  . GLU A 1 127 ? -22.108 8.354   1.653   1.00 18.58 ? 168 GLU A CG  1 
ATOM   1062 C CD  . GLU A 1 127 ? -20.618 8.101   1.514   1.00 18.39 ? 168 GLU A CD  1 
ATOM   1063 O OE1 . GLU A 1 127 ? -20.088 7.340   2.316   1.00 19.35 ? 168 GLU A OE1 1 
ATOM   1064 O OE2 . GLU A 1 127 ? -20.026 8.674   0.607   1.00 20.09 ? 168 GLU A OE2 1 
ATOM   1065 O OXT . GLU A 1 127 ? -23.293 6.162   5.409   1.00 25.75 ? 168 GLU A OXT 1 
HETATM 1066 C C07 . 7QZ B 2 .   ? 9.682   -2.467  0.549   1.00 12.88 ? 201 7QZ A C07 1 
HETATM 1067 C C08 . 7QZ B 2 .   ? 13.498  -1.259  -2.295  1.00 12.30 ? 201 7QZ A C08 1 
HETATM 1068 C C09 . 7QZ B 2 .   ? 12.892  -1.126  -3.560  1.00 13.39 ? 201 7QZ A C09 1 
HETATM 1069 C C10 . 7QZ B 2 .   ? 13.545  -0.623  -4.697  1.00 13.78 ? 201 7QZ A C10 1 
HETATM 1070 C C11 . 7QZ B 2 .   ? 14.815  -0.137  -4.530  1.00 14.31 ? 201 7QZ A C11 1 
HETATM 1071 C C12 . 7QZ B 2 .   ? 15.416  -0.191  -3.254  1.00 14.41 ? 201 7QZ A C12 1 
HETATM 1072 C C13 . 7QZ B 2 .   ? 14.756  -0.758  -2.138  1.00 13.55 ? 201 7QZ A C13 1 
HETATM 1073 C C15 . 7QZ B 2 .   ? 16.926  0.675   -4.694  1.00 14.22 ? 201 7QZ A C15 1 
HETATM 1074 C C16 . 7QZ B 2 .   ? 15.774  0.422   -5.418  1.00 14.37 ? 201 7QZ A C16 1 
HETATM 1075 C C17 . 7QZ B 2 .   ? 17.742  0.340   -2.323  1.00 15.48 ? 201 7QZ A C17 1 
HETATM 1076 C C18 . 7QZ B 2 .   ? 18.888  1.355   -2.741  1.00 14.72 ? 201 7QZ A C18 1 
HETATM 1077 C C19 . 7QZ B 2 .   ? 17.206  0.790   -1.013  1.00 15.02 ? 201 7QZ A C19 1 
HETATM 1078 C C21 . 7QZ B 2 .   ? 15.936  2.356   0.259   1.00 14.08 ? 201 7QZ A C21 1 
HETATM 1079 C C01 . 7QZ B 2 .   ? 11.829  -3.532  0.945   1.00 11.97 ? 201 7QZ A C01 1 
HETATM 1080 C C02 . 7QZ B 2 .   ? 13.241  -3.634  0.573   1.00 14.16 ? 201 7QZ A C02 1 
HETATM 1081 C C03 . 7QZ B 2 .   ? 13.691  -2.873  -0.454  1.00 13.12 ? 201 7QZ A C03 1 
HETATM 1082 C C04 . 7QZ B 2 .   ? 12.872  -1.980  -1.213  1.00 12.83 ? 201 7QZ A C04 1 
HETATM 1083 C C05 . 7QZ B 2 .   ? 11.571  -1.892  -0.839  1.00 12.28 ? 201 7QZ A C05 1 
HETATM 1084 N N06 . 7QZ B 2 .   ? 11.096  -2.642  0.183   1.00 12.39 ? 201 7QZ A N06 1 
HETATM 1085 N N14 . 7QZ B 2 .   ? 16.714  0.360   -3.369  1.00 14.39 ? 201 7QZ A N14 1 
HETATM 1086 N N20 . 7QZ B 2 .   ? 16.434  1.940   -0.948  1.00 17.71 ? 201 7QZ A N20 1 
HETATM 1087 C C22 . 7QZ B 2 .   ? 16.258  1.657   1.406   1.00 14.84 ? 201 7QZ A C22 1 
HETATM 1088 C C23 . 7QZ B 2 .   ? 17.066  0.571   1.279   1.00 15.96 ? 201 7QZ A C23 1 
HETATM 1089 C C24 . 7QZ B 2 .   ? 17.528  0.105   0.109   1.00 14.31 ? 201 7QZ A C24 1 
HETATM 1090 C C25 . 7QZ B 2 .   ? 18.338  -1.108  -2.215  1.00 18.09 ? 201 7QZ A C25 1 
HETATM 1091 C C26 . 7QZ B 2 .   ? 17.707  -2.271  -2.519  1.00 18.96 ? 201 7QZ A C26 1 
HETATM 1092 C C27 . 7QZ B 2 .   ? 18.312  -3.549  -2.420  1.00 20.46 ? 201 7QZ A C27 1 
HETATM 1093 C C28 . 7QZ B 2 .   ? 19.596  -3.655  -1.915  1.00 23.71 ? 201 7QZ A C28 1 
HETATM 1094 C C29 . 7QZ B 2 .   ? 20.202  -2.444  -1.553  1.00 25.14 ? 201 7QZ A C29 1 
HETATM 1095 N N30 . 7QZ B 2 .   ? 19.632  -1.209  -1.676  1.00 25.10 ? 201 7QZ A N30 1 
HETATM 1096 N N31 . 7QZ B 2 .   ? 12.988  -0.563  -5.978  1.00 15.15 ? 201 7QZ A N31 1 
HETATM 1097 S S32 . 7QZ B 2 .   ? 11.680  -1.439  -6.453  1.00 15.11 ? 201 7QZ A S32 1 
HETATM 1098 C C33 . 7QZ B 2 .   ? 10.201  -0.658  -5.777  1.00 15.37 ? 201 7QZ A C33 1 
HETATM 1099 C C34 . 7QZ B 2 .   ? 10.005  0.676   -6.304  1.00 15.80 ? 201 7QZ A C34 1 
HETATM 1100 F F35 . 7QZ B 2 .   ? 8.962   1.307   -5.823  1.00 16.52 ? 201 7QZ A F35 1 
HETATM 1101 F F36 . 7QZ B 2 .   ? 11.043  1.574   -5.956  1.00 16.20 ? 201 7QZ A F36 1 
HETATM 1102 F F37 . 7QZ B 2 .   ? 9.919   0.852   -7.659  1.00 18.35 ? 201 7QZ A F37 1 
HETATM 1103 O O38 . 7QZ B 2 .   ? 11.726  -2.690  -5.857  1.00 15.18 ? 201 7QZ A O38 1 
HETATM 1104 O O39 . 7QZ B 2 .   ? 11.633  -1.343  -7.880  1.00 16.89 ? 201 7QZ A O39 1 
HETATM 1105 N N40 . 7QZ B 2 .   ? 13.987  -4.514  1.297   1.00 14.36 ? 201 7QZ A N40 1 
HETATM 1106 C C41 . 7QZ B 2 .   ? 15.325  -4.826  1.167   1.00 18.56 ? 201 7QZ A C41 1 
HETATM 1107 N N42 . 7QZ B 2 .   ? 15.820  -5.716  2.101   1.00 18.11 ? 201 7QZ A N42 1 
HETATM 1108 C C43 . 7QZ B 2 .   ? 17.170  -6.119  2.116   1.00 22.42 ? 201 7QZ A C43 1 
HETATM 1109 C C44 . 7QZ B 2 .   ? 18.121  -5.900  1.198   1.00 23.50 ? 201 7QZ A C44 1 
HETATM 1110 C C45 . 7QZ B 2 .   ? 19.447  -6.351  1.326   1.00 25.85 ? 201 7QZ A C45 1 
HETATM 1111 C C46 . 7QZ B 2 .   ? 19.815  -7.003  2.459   1.00 27.45 ? 201 7QZ A C46 1 
HETATM 1112 C C47 . 7QZ B 2 .   ? 18.880  -7.220  3.433   1.00 30.47 ? 201 7QZ A C47 1 
HETATM 1113 C C48 . 7QZ B 2 .   ? 17.566  -6.758  3.217   1.00 28.04 ? 201 7QZ A C48 1 
HETATM 1114 F F49 . 7QZ B 2 .   ? 16.623  -6.998  4.097   1.00 29.04 ? 201 7QZ A F49 1 
HETATM 1115 O O50 . 7QZ B 2 .   ? 15.964  -4.305  0.258   1.00 19.30 ? 201 7QZ A O50 1 
HETATM 1116 O O51 . 7QZ B 2 .   ? 11.332  -4.192  1.871   1.00 13.41 ? 201 7QZ A O51 1 
HETATM 1117 O O   . HOH C 3 .   ? 17.327  -6.145  7.140   1.00 30.70 ? 301 HOH A O   1 
HETATM 1118 O O   . HOH C 3 .   ? -14.205 -6.082  -1.840  1.00 25.93 ? 302 HOH A O   1 
HETATM 1119 O O   . HOH C 3 .   ? 2.204   -0.413  -9.072  1.00 35.10 ? 303 HOH A O   1 
HETATM 1120 O O   . HOH C 3 .   ? 19.143  -2.698  11.936  1.00 31.76 ? 304 HOH A O   1 
HETATM 1121 O O   . HOH C 3 .   ? 11.359  -2.359  -11.313 1.00 30.65 ? 305 HOH A O   1 
HETATM 1122 O O   . HOH C 3 .   ? 4.049   -14.270 4.173   1.00 24.35 ? 306 HOH A O   1 
HETATM 1123 O O   . HOH C 3 .   ? -11.208 15.088  7.004   1.00 35.49 ? 307 HOH A O   1 
HETATM 1124 O O   . HOH C 3 .   ? -14.419 4.504   -5.735  1.00 23.61 ? 308 HOH A O   1 
HETATM 1125 O O   . HOH C 3 .   ? 9.985   9.673   -2.559  1.00 32.35 ? 309 HOH A O   1 
HETATM 1126 O O   . HOH C 3 .   ? -6.101  -6.921  -0.418  1.00 24.14 ? 310 HOH A O   1 
HETATM 1127 O O   . HOH C 3 .   ? 17.214  -9.364  15.909  1.00 22.05 ? 311 HOH A O   1 
HETATM 1128 O O   . HOH C 3 .   ? 7.753   10.943  -3.325  1.00 29.80 ? 312 HOH A O   1 
HETATM 1129 O O   . HOH C 3 .   ? -18.406 -3.947  -11.538 1.00 28.04 ? 313 HOH A O   1 
HETATM 1130 O O   . HOH C 3 .   ? 11.059  -18.632 -15.375 1.00 19.54 ? 314 HOH A O   1 
HETATM 1131 O O   . HOH C 3 .   ? 1.762   -8.322  6.139   1.00 19.92 ? 315 HOH A O   1 
HETATM 1132 O O   . HOH C 3 .   ? 18.294  -11.211 -9.927  1.00 34.92 ? 316 HOH A O   1 
HETATM 1133 O O   . HOH C 3 .   ? -11.225 13.187  13.389  1.00 20.21 ? 317 HOH A O   1 
HETATM 1134 O O   . HOH C 3 .   ? -7.677  -5.412  1.943   1.00 30.00 ? 318 HOH A O   1 
HETATM 1135 O O   . HOH C 3 .   ? -26.774 6.030   6.198   1.00 19.37 ? 319 HOH A O   1 
HETATM 1136 O O   . HOH C 3 .   ? 8.762   -5.181  2.323   1.00 13.55 ? 320 HOH A O   1 
HETATM 1137 O O   . HOH C 3 .   ? 18.156  -2.471  3.783   1.00 30.00 ? 321 HOH A O   1 
HETATM 1138 O O   . HOH C 3 .   ? 8.260   -1.393  12.935  1.00 27.87 ? 322 HOH A O   1 
HETATM 1139 O O   . HOH C 3 .   ? -13.032 -3.194  -13.376 1.00 22.98 ? 323 HOH A O   1 
HETATM 1140 O O   . HOH C 3 .   ? 8.154   -3.190  -9.340  1.00 20.62 ? 324 HOH A O   1 
HETATM 1141 O O   . HOH C 3 .   ? -11.902 4.270   -4.959  1.00 19.31 ? 325 HOH A O   1 
HETATM 1142 O O   . HOH C 3 .   ? 5.888   -15.345 -11.837 1.00 20.08 ? 326 HOH A O   1 
HETATM 1143 O O   . HOH C 3 .   ? -13.947 12.792  0.621   1.00 25.08 ? 327 HOH A O   1 
HETATM 1144 O O   . HOH C 3 .   ? 1.608   -9.941  -6.250  1.00 16.60 ? 328 HOH A O   1 
HETATM 1145 O O   . HOH C 3 .   ? -15.956 0.165   -5.293  1.00 17.48 ? 329 HOH A O   1 
HETATM 1146 O O   . HOH C 3 .   ? -2.101  4.623   -11.241 1.00 30.00 ? 330 HOH A O   1 
HETATM 1147 O O   . HOH C 3 .   ? 11.358  -5.164  11.373  1.00 15.89 ? 331 HOH A O   1 
HETATM 1148 O O   . HOH C 3 .   ? -26.032 9.270   3.302   1.00 29.42 ? 332 HOH A O   1 
HETATM 1149 O O   . HOH C 3 .   ? -0.200  3.239   -9.525  1.00 27.25 ? 333 HOH A O   1 
HETATM 1150 O O   . HOH C 3 .   ? 9.611   -20.311 1.475   1.00 25.90 ? 334 HOH A O   1 
HETATM 1151 O O   . HOH C 3 .   ? -5.361  -12.861 -6.734  1.00 22.63 ? 335 HOH A O   1 
HETATM 1152 O O   . HOH C 3 .   ? 2.900   -10.981 3.277   1.00 16.96 ? 336 HOH A O   1 
HETATM 1153 O O   . HOH C 3 .   ? -14.848 -2.955  -9.056  1.00 24.43 ? 337 HOH A O   1 
HETATM 1154 O O   . HOH C 3 .   ? -15.579 -3.735  -4.864  1.00 20.90 ? 338 HOH A O   1 
HETATM 1155 O O   . HOH C 3 .   ? -1.809  -13.667 0.115   1.00 18.51 ? 339 HOH A O   1 
HETATM 1156 O O   . HOH C 3 .   ? -12.099 1.945   8.093   1.00 29.03 ? 340 HOH A O   1 
HETATM 1157 O O   . HOH C 3 .   ? -17.487 6.929   3.173   1.00 17.02 ? 341 HOH A O   1 
HETATM 1158 O O   . HOH C 3 .   ? 11.733  -13.432 -4.365  1.00 19.71 ? 342 HOH A O   1 
HETATM 1159 O O   . HOH C 3 .   ? 12.076  -1.116  13.782  1.00 30.74 ? 343 HOH A O   1 
HETATM 1160 O O   . HOH C 3 .   ? 6.713   -3.326  2.136   1.00 15.67 ? 344 HOH A O   1 
HETATM 1161 O O   . HOH C 3 .   ? 13.703  1.176   -8.035  1.00 19.58 ? 345 HOH A O   1 
HETATM 1162 O O   . HOH C 3 .   ? 6.188   10.630  9.991   1.00 26.38 ? 346 HOH A O   1 
HETATM 1163 O O   . HOH C 3 .   ? 6.072   -2.873  -0.587  1.00 17.04 ? 347 HOH A O   1 
HETATM 1164 O O   . HOH C 3 .   ? 5.491   -6.009  -0.301  1.00 17.34 ? 348 HOH A O   1 
HETATM 1165 O O   . HOH C 3 .   ? -9.877  -9.634  -7.833  1.00 25.02 ? 349 HOH A O   1 
HETATM 1166 O O   . HOH C 3 .   ? 18.063  -2.684  1.140   1.00 30.23 ? 350 HOH A O   1 
HETATM 1167 O O   . HOH C 3 .   ? 13.923  -13.296 -7.855  1.00 26.62 ? 351 HOH A O   1 
HETATM 1168 O O   . HOH C 3 .   ? 7.613   -1.731  -2.541  1.00 15.85 ? 352 HOH A O   1 
HETATM 1169 O O   . HOH C 3 .   ? -0.990  -9.683  -2.394  1.00 17.32 ? 353 HOH A O   1 
HETATM 1170 O O   . HOH C 3 .   ? 11.429  6.505   11.201  1.00 22.52 ? 354 HOH A O   1 
HETATM 1171 O O   . HOH C 3 .   ? -1.590  -8.814  -12.155 1.00 28.16 ? 355 HOH A O   1 
HETATM 1172 O O   . HOH C 3 .   ? -16.094 3.071   1.350   1.00 17.04 ? 356 HOH A O   1 
HETATM 1173 O O   . HOH C 3 .   ? 0.835   -2.268  -9.183  1.00 27.95 ? 357 HOH A O   1 
HETATM 1174 O O   . HOH C 3 .   ? 7.761   -7.738  -8.453  1.00 16.86 ? 358 HOH A O   1 
HETATM 1175 O O   . HOH C 3 .   ? 3.191   -5.588  -4.300  1.00 15.90 ? 359 HOH A O   1 
HETATM 1176 O O   . HOH C 3 .   ? 8.992   14.324  2.678   1.00 31.39 ? 360 HOH A O   1 
HETATM 1177 O O   . HOH C 3 .   ? -13.642 -10.379 -13.661 1.00 31.09 ? 361 HOH A O   1 
HETATM 1178 O O   . HOH C 3 .   ? -3.930  13.920  12.319  1.00 29.65 ? 362 HOH A O   1 
HETATM 1179 O O   . HOH C 3 .   ? -12.197 -2.986  -9.866  1.00 20.02 ? 363 HOH A O   1 
HETATM 1180 O O   . HOH C 3 .   ? -2.696  -5.309  -11.505 1.00 26.97 ? 364 HOH A O   1 
HETATM 1181 O O   . HOH C 3 .   ? 7.667   -20.497 -0.121  1.00 33.01 ? 365 HOH A O   1 
HETATM 1182 O O   . HOH C 3 .   ? -22.256 3.505   4.565   1.00 25.66 ? 366 HOH A O   1 
HETATM 1183 O O   . HOH C 3 .   ? -11.039 -8.727  -4.021  1.00 26.14 ? 367 HOH A O   1 
HETATM 1184 O O   . HOH C 3 .   ? -5.132  6.120   13.110  1.00 26.42 ? 368 HOH A O   1 
HETATM 1185 O O   . HOH C 3 .   ? -0.848  -6.018  8.581   1.00 26.64 ? 369 HOH A O   1 
HETATM 1186 O O   . HOH C 3 .   ? 5.803   -8.865  -12.082 1.00 28.31 ? 370 HOH A O   1 
HETATM 1187 O O   . HOH C 3 .   ? 4.977   -8.107  -8.456  1.00 16.58 ? 371 HOH A O   1 
HETATM 1188 O O   . HOH C 3 .   ? -1.046  -8.755  5.714   1.00 23.77 ? 372 HOH A O   1 
HETATM 1189 O O   . HOH C 3 .   ? 5.401   4.173   12.910  1.00 33.67 ? 373 HOH A O   1 
HETATM 1190 O O   . HOH C 3 .   ? 18.189  2.452   13.484  1.00 29.37 ? 374 HOH A O   1 
HETATM 1191 O O   . HOH C 3 .   ? 21.673  2.477   5.853   1.00 31.29 ? 375 HOH A O   1 
HETATM 1192 O O   . HOH C 3 .   ? -10.921 6.787   -4.376  1.00 22.19 ? 376 HOH A O   1 
HETATM 1193 O O   . HOH C 3 .   ? -12.155 1.581   -4.495  1.00 16.71 ? 377 HOH A O   1 
HETATM 1194 O O   . HOH C 3 .   ? -6.052  -6.332  -12.396 1.00 23.69 ? 378 HOH A O   1 
HETATM 1195 O O   . HOH C 3 .   ? -20.564 4.512   2.436   1.00 22.86 ? 379 HOH A O   1 
HETATM 1196 O O   . HOH C 3 .   ? -22.821 8.994   9.219   1.00 28.03 ? 380 HOH A O   1 
HETATM 1197 O O   . HOH C 3 .   ? 7.946   -18.937 -3.308  1.00 23.99 ? 381 HOH A O   1 
HETATM 1198 O O   . HOH C 3 .   ? 11.239  -13.167 -7.140  1.00 22.63 ? 382 HOH A O   1 
HETATM 1199 O O   . HOH C 3 .   ? -21.179 -0.488  3.135   1.00 18.05 ? 383 HOH A O   1 
HETATM 1200 O O   . HOH C 3 .   ? 5.918   -15.644 -16.333 1.00 31.53 ? 384 HOH A O   1 
HETATM 1201 O O   . HOH C 3 .   ? 5.805   -5.993  -3.266  1.00 18.02 ? 385 HOH A O   1 
HETATM 1202 O O   . HOH C 3 .   ? -3.858  -10.264 -6.433  1.00 21.02 ? 386 HOH A O   1 
HETATM 1203 O O   . HOH C 3 .   ? 17.135  -12.553 -1.145  1.00 30.24 ? 387 HOH A O   1 
HETATM 1204 O O   . HOH C 3 .   ? 19.990  1.826   9.923   1.00 26.38 ? 388 HOH A O   1 
HETATM 1205 O O   . HOH C 3 .   ? -21.069 5.403   -6.171  1.00 22.59 ? 389 HOH A O   1 
HETATM 1206 O O   . HOH C 3 .   ? -1.919  -11.233 4.646   1.00 30.00 ? 390 HOH A O   1 
HETATM 1207 O O   . HOH C 3 .   ? 20.167  -0.065  7.318   1.00 30.71 ? 391 HOH A O   1 
HETATM 1208 O O   . HOH C 3 .   ? -3.172  -5.830  7.100   1.00 20.41 ? 392 HOH A O   1 
HETATM 1209 O O   . HOH C 3 .   ? 16.676  -4.096  5.108   1.00 27.04 ? 393 HOH A O   1 
HETATM 1210 O O   . HOH C 3 .   ? -13.319 -12.548 -10.035 1.00 23.16 ? 394 HOH A O   1 
HETATM 1211 O O   . HOH C 3 .   ? -14.794 -4.924  4.168   1.00 28.03 ? 395 HOH A O   1 
HETATM 1212 O O   . HOH C 3 .   ? -3.402  12.259  14.489  1.00 26.47 ? 396 HOH A O   1 
HETATM 1213 O O   . HOH C 3 .   ? -14.049 0.968   -12.402 1.00 28.08 ? 397 HOH A O   1 
HETATM 1214 O O   . HOH C 3 .   ? 12.879  -7.398  -13.105 1.00 34.43 ? 398 HOH A O   1 
HETATM 1215 O O   . HOH C 3 .   ? -18.208 8.420   9.893   1.00 25.89 ? 399 HOH A O   1 
HETATM 1216 O O   . HOH C 3 .   ? 8.318   -8.440  -12.967 1.00 28.41 ? 400 HOH A O   1 
HETATM 1217 O O   . HOH C 3 .   ? 6.341   -19.007 -16.454 1.00 25.99 ? 401 HOH A O   1 
HETATM 1218 O O   . HOH C 3 .   ? 16.349  -12.404 -7.578  1.00 37.70 ? 402 HOH A O   1 
HETATM 1219 O O   . HOH C 3 .   ? 7.145   10.565  -6.495  1.00 37.39 ? 403 HOH A O   1 
HETATM 1220 O O   . HOH C 3 .   ? -14.479 7.003   -4.208  1.00 24.00 ? 404 HOH A O   1 
HETATM 1221 O O   . HOH C 3 .   ? -0.555  -3.387  -11.441 1.00 30.00 ? 405 HOH A O   1 
HETATM 1222 O O   . HOH C 3 .   ? -8.667  2.059   10.702  1.00 29.55 ? 406 HOH A O   1 
HETATM 1223 O O   . HOH C 3 .   ? 5.707   -11.618 -13.848 1.00 52.30 ? 407 HOH A O   1 
HETATM 1224 O O   . HOH C 3 .   ? -5.042  -4.401  8.878   1.00 25.81 ? 408 HOH A O   1 
HETATM 1225 O O   . HOH C 3 .   ? 16.244  1.339   -9.030  1.00 28.95 ? 409 HOH A O   1 
HETATM 1226 O O   . HOH C 3 .   ? -11.335 14.007  -0.166  1.00 30.00 ? 410 HOH A O   1 
HETATM 1227 O O   . HOH C 3 .   ? 3.626   -7.948  -5.991  1.00 20.36 ? 411 HOH A O   1 
HETATM 1228 O O   . HOH C 3 .   ? 8.174   -5.784  -10.271 1.00 23.14 ? 412 HOH A O   1 
HETATM 1229 O O   . HOH C 3 .   ? -4.502  -8.183  7.118   1.00 30.14 ? 413 HOH A O   1 
HETATM 1230 O O   . HOH C 3 .   ? -11.362 -7.301  3.876   1.00 26.22 ? 414 HOH A O   1 
HETATM 1231 O O   . HOH C 3 .   ? -22.798 6.858   -4.739  1.00 30.57 ? 415 HOH A O   1 
HETATM 1232 O O   . HOH C 3 .   ? 15.435  -7.296  17.072  1.00 29.30 ? 416 HOH A O   1 
HETATM 1233 O O   . HOH C 3 .   ? 10.283  -3.353  13.095  1.00 24.76 ? 417 HOH A O   1 
HETATM 1234 O O   . HOH C 3 .   ? 5.165   -6.251  -10.623 1.00 24.84 ? 418 HOH A O   1 
HETATM 1235 O O   . HOH C 3 .   ? 3.639   -16.147 -10.489 1.00 21.86 ? 419 HOH A O   1 
# 
loop_
_pdbx_poly_seq_scheme.asym_id 
_pdbx_poly_seq_scheme.entity_id 
_pdbx_poly_seq_scheme.seq_id 
_pdbx_poly_seq_scheme.mon_id 
_pdbx_poly_seq_scheme.ndb_seq_num 
_pdbx_poly_seq_scheme.pdb_seq_num 
_pdbx_poly_seq_scheme.auth_seq_num 
_pdbx_poly_seq_scheme.pdb_mon_id 
_pdbx_poly_seq_scheme.auth_mon_id 
_pdbx_poly_seq_scheme.pdb_strand_id 
_pdbx_poly_seq_scheme.pdb_ins_code 
_pdbx_poly_seq_scheme.hetero 
A 1 1   LEU 1   42  42  LEU LEU A . n 
A 1 2   GLU 2   43  43  GLU GLU A . n 
A 1 3   ASN 3   44  44  ASN ASN A . n 
A 1 4   PRO 4   45  45  PRO PRO A . n 
A 1 5   PRO 5   46  46  PRO PRO A . n 
A 1 6   PRO 6   47  47  PRO PRO A . n 
A 1 7   PRO 7   48  48  PRO PRO A . n 
A 1 8   GLU 8   49  49  GLU GLU A . n 
A 1 9   THR 9   50  50  THR THR A . n 
A 1 10  SER 10  51  51  SER SER A . n 
A 1 11  ASN 11  52  52  ASN ASN A . n 
A 1 12  PRO 12  53  53  PRO PRO A . n 
A 1 13  ASN 13  54  54  ASN ASN A . n 
A 1 14  LYS 14  55  55  LYS LYS A . n 
A 1 15  PRO 15  56  56  PRO PRO A . n 
A 1 16  LYS 16  57  57  LYS LYS A . n 
A 1 17  ARG 17  58  58  ARG ARG A . n 
A 1 18  GLN 18  59  59  GLN GLN A . n 
A 1 19  THR 19  60  60  THR THR A . n 
A 1 20  ASN 20  61  61  ASN ASN A . n 
A 1 21  GLN 21  62  62  GLN GLN A . n 
A 1 22  LEU 22  63  63  LEU LEU A . n 
A 1 23  GLN 23  64  64  GLN GLN A . n 
A 1 24  TYR 24  65  65  TYR TYR A . n 
A 1 25  LEU 25  66  66  LEU LEU A . n 
A 1 26  LEU 26  67  67  LEU LEU A . n 
A 1 27  ARG 27  68  68  ARG ARG A . n 
A 1 28  VAL 28  69  69  VAL VAL A . n 
A 1 29  VAL 29  70  70  VAL VAL A . n 
A 1 30  LEU 30  71  71  LEU LEU A . n 
A 1 31  LYS 31  72  72  LYS LYS A . n 
A 1 32  THR 32  73  73  THR THR A . n 
A 1 33  LEU 33  74  74  LEU LEU A . n 
A 1 34  TRP 34  75  75  TRP TRP A . n 
A 1 35  LYS 35  76  76  LYS LYS A . n 
A 1 36  HIS 36  77  77  HIS HIS A . n 
A 1 37  GLN 37  78  78  GLN GLN A . n 
A 1 38  PHE 38  79  79  PHE PHE A . n 
A 1 39  ALA 39  80  80  ALA ALA A . n 
A 1 40  TRP 40  81  81  TRP TRP A . n 
A 1 41  PRO 41  82  82  PRO PRO A . n 
A 1 42  PHE 42  83  83  PHE PHE A . n 
A 1 43  GLN 43  84  84  GLN GLN A . n 
A 1 44  GLN 44  85  85  GLN GLN A . n 
A 1 45  PRO 45  86  86  PRO PRO A . n 
A 1 46  VAL 46  87  87  VAL VAL A . n 
A 1 47  ASP 47  88  88  ASP ASP A . n 
A 1 48  ALA 48  89  89  ALA ALA A . n 
A 1 49  VAL 49  90  90  VAL VAL A . n 
A 1 50  LYS 50  91  91  LYS LYS A . n 
A 1 51  LEU 51  92  92  LEU LEU A . n 
A 1 52  ASN 52  93  93  ASN ASN A . n 
A 1 53  LEU 53  94  94  LEU LEU A . n 
A 1 54  PRO 54  95  95  PRO PRO A . n 
A 1 55  ASP 55  96  96  ASP ASP A . n 
A 1 56  TYR 56  97  97  TYR TYR A . n 
A 1 57  TYR 57  98  98  TYR TYR A . n 
A 1 58  LYS 58  99  99  LYS LYS A . n 
A 1 59  ILE 59  100 100 ILE ILE A . n 
A 1 60  ILE 60  101 101 ILE ILE A . n 
A 1 61  LYS 61  102 102 LYS LYS A . n 
A 1 62  THR 62  103 103 THR THR A . n 
A 1 63  PRO 63  104 104 PRO PRO A . n 
A 1 64  MET 64  105 105 MET MET A . n 
A 1 65  ASP 65  106 106 ASP ASP A . n 
A 1 66  MET 66  107 107 MET MET A . n 
A 1 67  GLY 67  108 108 GLY GLY A . n 
A 1 68  THR 68  109 109 THR THR A . n 
A 1 69  ILE 69  110 110 ILE ILE A . n 
A 1 70  LYS 70  111 111 LYS LYS A . n 
A 1 71  LYS 71  112 112 LYS LYS A . n 
A 1 72  ARG 72  113 113 ARG ARG A . n 
A 1 73  LEU 73  114 114 LEU LEU A . n 
A 1 74  GLU 74  115 115 GLU GLU A . n 
A 1 75  ASN 75  116 116 ASN ASN A . n 
A 1 76  ASN 76  117 117 ASN ASN A . n 
A 1 77  TYR 77  118 118 TYR TYR A . n 
A 1 78  TYR 78  119 119 TYR TYR A . n 
A 1 79  TRP 79  120 120 TRP TRP A . n 
A 1 80  ASN 80  121 121 ASN ASN A . n 
A 1 81  ALA 81  122 122 ALA ALA A . n 
A 1 82  GLN 82  123 123 GLN GLN A . n 
A 1 83  GLU 83  124 124 GLU GLU A . n 
A 1 84  CYS 84  125 125 CYS CYS A . n 
A 1 85  ILE 85  126 126 ILE ILE A . n 
A 1 86  GLN 86  127 127 GLN GLN A . n 
A 1 87  ASP 87  128 128 ASP ASP A . n 
A 1 88  PHE 88  129 129 PHE PHE A . n 
A 1 89  ASN 89  130 130 ASN ASN A . n 
A 1 90  THR 90  131 131 THR THR A . n 
A 1 91  MET 91  132 132 MET MET A . n 
A 1 92  PHE 92  133 133 PHE PHE A . n 
A 1 93  THR 93  134 134 THR THR A . n 
A 1 94  ASN 94  135 135 ASN ASN A . n 
A 1 95  CYS 95  136 136 CYS CYS A . n 
A 1 96  TYR 96  137 137 TYR TYR A . n 
A 1 97  ILE 97  138 138 ILE ILE A . n 
A 1 98  TYR 98  139 139 TYR TYR A . n 
A 1 99  ASN 99  140 140 ASN ASN A . n 
A 1 100 LYS 100 141 141 LYS LYS A . n 
A 1 101 PRO 101 142 142 PRO PRO A . n 
A 1 102 GLY 102 143 143 GLY GLY A . n 
A 1 103 ASP 103 144 144 ASP ASP A . n 
A 1 104 ASP 104 145 145 ASP ASP A . n 
A 1 105 ILE 105 146 146 ILE ILE A . n 
A 1 106 VAL 106 147 147 VAL VAL A . n 
A 1 107 LEU 107 148 148 LEU LEU A . n 
A 1 108 MET 108 149 149 MET MET A . n 
A 1 109 ALA 109 150 150 ALA ALA A . n 
A 1 110 GLU 110 151 151 GLU GLU A . n 
A 1 111 ALA 111 152 152 ALA ALA A . n 
A 1 112 LEU 112 153 153 LEU LEU A . n 
A 1 113 GLU 113 154 154 GLU GLU A . n 
A 1 114 LYS 114 155 155 LYS LYS A . n 
A 1 115 LEU 115 156 156 LEU LEU A . n 
A 1 116 PHE 116 157 157 PHE PHE A . n 
A 1 117 LEU 117 158 158 LEU LEU A . n 
A 1 118 GLN 118 159 159 GLN GLN A . n 
A 1 119 LYS 119 160 160 LYS LYS A . n 
A 1 120 ILE 120 161 161 ILE ILE A . n 
A 1 121 ASN 121 162 162 ASN ASN A . n 
A 1 122 GLU 122 163 163 GLU GLU A . n 
A 1 123 LEU 123 164 164 LEU LEU A . n 
A 1 124 PRO 124 165 165 PRO PRO A . n 
A 1 125 THR 125 166 166 THR THR A . n 
A 1 126 GLU 126 167 167 GLU GLU A . n 
A 1 127 GLU 127 168 168 GLU GLU A . n 
# 
loop_
_pdbx_nonpoly_scheme.asym_id 
_pdbx_nonpoly_scheme.entity_id 
_pdbx_nonpoly_scheme.mon_id 
_pdbx_nonpoly_scheme.ndb_seq_num 
_pdbx_nonpoly_scheme.pdb_seq_num 
_pdbx_nonpoly_scheme.auth_seq_num 
_pdbx_nonpoly_scheme.pdb_mon_id 
_pdbx_nonpoly_scheme.auth_mon_id 
_pdbx_nonpoly_scheme.pdb_strand_id 
_pdbx_nonpoly_scheme.pdb_ins_code 
B 2 7QZ 1   201 201 7QZ X44 A . 
C 3 HOH 1   301 99  HOH HOH A . 
C 3 HOH 2   302 86  HOH HOH A . 
C 3 HOH 3   303 102 HOH HOH A . 
C 3 HOH 4   304 62  HOH HOH A . 
C 3 HOH 5   305 85  HOH HOH A . 
C 3 HOH 6   306 80  HOH HOH A . 
C 3 HOH 7   307 108 HOH HOH A . 
C 3 HOH 8   308 82  HOH HOH A . 
C 3 HOH 9   309 105 HOH HOH A . 
C 3 HOH 10  310 39  HOH HOH A . 
C 3 HOH 11  311 14  HOH HOH A . 
C 3 HOH 12  312 73  HOH HOH A . 
C 3 HOH 13  313 65  HOH HOH A . 
C 3 HOH 14  314 8   HOH HOH A . 
C 3 HOH 15  315 32  HOH HOH A . 
C 3 HOH 16  316 93  HOH HOH A . 
C 3 HOH 17  317 7   HOH HOH A . 
C 3 HOH 18  318 116 HOH HOH A . 
C 3 HOH 19  319 28  HOH HOH A . 
C 3 HOH 20  320 2   HOH HOH A . 
C 3 HOH 21  321 118 HOH HOH A . 
C 3 HOH 22  322 83  HOH HOH A . 
C 3 HOH 23  323 46  HOH HOH A . 
C 3 HOH 24  324 17  HOH HOH A . 
C 3 HOH 25  325 33  HOH HOH A . 
C 3 HOH 26  326 24  HOH HOH A . 
C 3 HOH 27  327 50  HOH HOH A . 
C 3 HOH 28  328 5   HOH HOH A . 
C 3 HOH 29  329 11  HOH HOH A . 
C 3 HOH 30  330 119 HOH HOH A . 
C 3 HOH 31  331 76  HOH HOH A . 
C 3 HOH 32  332 94  HOH HOH A . 
C 3 HOH 33  333 52  HOH HOH A . 
C 3 HOH 34  334 90  HOH HOH A . 
C 3 HOH 35  335 68  HOH HOH A . 
C 3 HOH 36  336 77  HOH HOH A . 
C 3 HOH 37  337 78  HOH HOH A . 
C 3 HOH 38  338 59  HOH HOH A . 
C 3 HOH 39  339 31  HOH HOH A . 
C 3 HOH 40  340 107 HOH HOH A . 
C 3 HOH 41  341 26  HOH HOH A . 
C 3 HOH 42  342 19  HOH HOH A . 
C 3 HOH 43  343 48  HOH HOH A . 
C 3 HOH 44  344 3   HOH HOH A . 
C 3 HOH 45  345 34  HOH HOH A . 
C 3 HOH 46  346 60  HOH HOH A . 
C 3 HOH 47  347 23  HOH HOH A . 
C 3 HOH 48  348 9   HOH HOH A . 
C 3 HOH 49  349 63  HOH HOH A . 
C 3 HOH 50  350 88  HOH HOH A . 
C 3 HOH 51  351 75  HOH HOH A . 
C 3 HOH 52  352 4   HOH HOH A . 
C 3 HOH 53  353 13  HOH HOH A . 
C 3 HOH 54  354 37  HOH HOH A . 
C 3 HOH 55  355 70  HOH HOH A . 
C 3 HOH 56  356 12  HOH HOH A . 
C 3 HOH 57  357 54  HOH HOH A . 
C 3 HOH 58  358 16  HOH HOH A . 
C 3 HOH 59  359 1   HOH HOH A . 
C 3 HOH 60  360 74  HOH HOH A . 
C 3 HOH 61  361 112 HOH HOH A . 
C 3 HOH 62  362 98  HOH HOH A . 
C 3 HOH 63  363 38  HOH HOH A . 
C 3 HOH 64  364 56  HOH HOH A . 
C 3 HOH 65  365 101 HOH HOH A . 
C 3 HOH 66  366 97  HOH HOH A . 
C 3 HOH 67  367 47  HOH HOH A . 
C 3 HOH 68  368 42  HOH HOH A . 
C 3 HOH 69  369 61  HOH HOH A . 
C 3 HOH 70  370 21  HOH HOH A . 
C 3 HOH 71  371 25  HOH HOH A . 
C 3 HOH 72  372 36  HOH HOH A . 
C 3 HOH 73  373 111 HOH HOH A . 
C 3 HOH 74  374 91  HOH HOH A . 
C 3 HOH 75  375 104 HOH HOH A . 
C 3 HOH 76  376 45  HOH HOH A . 
C 3 HOH 77  377 6   HOH HOH A . 
C 3 HOH 78  378 44  HOH HOH A . 
C 3 HOH 79  379 49  HOH HOH A . 
C 3 HOH 80  380 109 HOH HOH A . 
C 3 HOH 81  381 51  HOH HOH A . 
C 3 HOH 82  382 43  HOH HOH A . 
C 3 HOH 83  383 10  HOH HOH A . 
C 3 HOH 84  384 55  HOH HOH A . 
C 3 HOH 85  385 18  HOH HOH A . 
C 3 HOH 86  386 35  HOH HOH A . 
C 3 HOH 87  387 72  HOH HOH A . 
C 3 HOH 88  388 71  HOH HOH A . 
C 3 HOH 89  389 30  HOH HOH A . 
C 3 HOH 90  390 115 HOH HOH A . 
C 3 HOH 91  391 64  HOH HOH A . 
C 3 HOH 92  392 27  HOH HOH A . 
C 3 HOH 93  393 87  HOH HOH A . 
C 3 HOH 94  394 15  HOH HOH A . 
C 3 HOH 95  395 69  HOH HOH A . 
C 3 HOH 96  396 67  HOH HOH A . 
C 3 HOH 97  397 58  HOH HOH A . 
C 3 HOH 98  398 95  HOH HOH A . 
C 3 HOH 99  399 96  HOH HOH A . 
C 3 HOH 100 400 20  HOH HOH A . 
C 3 HOH 101 401 89  HOH HOH A . 
C 3 HOH 102 402 110 HOH HOH A . 
C 3 HOH 103 403 113 HOH HOH A . 
C 3 HOH 104 404 40  HOH HOH A . 
C 3 HOH 105 405 117 HOH HOH A . 
C 3 HOH 106 406 106 HOH HOH A . 
C 3 HOH 107 407 22  HOH HOH A . 
C 3 HOH 108 408 57  HOH HOH A . 
C 3 HOH 109 409 84  HOH HOH A . 
C 3 HOH 110 410 114 HOH HOH A . 
C 3 HOH 111 411 29  HOH HOH A . 
C 3 HOH 112 412 41  HOH HOH A . 
C 3 HOH 113 413 92  HOH HOH A . 
C 3 HOH 114 414 66  HOH HOH A . 
C 3 HOH 115 415 103 HOH HOH A . 
C 3 HOH 116 416 100 HOH HOH A . 
C 3 HOH 117 417 79  HOH HOH A . 
C 3 HOH 118 418 53  HOH HOH A . 
C 3 HOH 119 419 81  HOH HOH A . 
# 
_pdbx_struct_assembly.id                   1 
_pdbx_struct_assembly.details              author_and_software_defined_assembly 
_pdbx_struct_assembly.method_details       PISA 
_pdbx_struct_assembly.oligomeric_details   monomeric 
_pdbx_struct_assembly.oligomeric_count     1 
# 
_pdbx_struct_assembly_gen.assembly_id       1 
_pdbx_struct_assembly_gen.oper_expression   1 
_pdbx_struct_assembly_gen.asym_id_list      A,B,C 
# 
loop_
_pdbx_struct_assembly_prop.biol_id 
_pdbx_struct_assembly_prop.type 
_pdbx_struct_assembly_prop.value 
_pdbx_struct_assembly_prop.details 
1 'ABSA (A^2)' 0    ? 
1 MORE         0    ? 
1 'SSA (A^2)'  7740 ? 
# 
_pdbx_struct_oper_list.id                   1 
_pdbx_struct_oper_list.type                 'identity operation' 
_pdbx_struct_oper_list.name                 1_555 
_pdbx_struct_oper_list.symmetry_operation   x,y,z 
_pdbx_struct_oper_list.matrix[1][1]         1.0000000000 
_pdbx_struct_oper_list.matrix[1][2]         0.0000000000 
_pdbx_struct_oper_list.matrix[1][3]         0.0000000000 
_pdbx_struct_oper_list.vector[1]            0.0000000000 
_pdbx_struct_oper_list.matrix[2][1]         0.0000000000 
_pdbx_struct_oper_list.matrix[2][2]         1.0000000000 
_pdbx_struct_oper_list.matrix[2][3]         0.0000000000 
_pdbx_struct_oper_list.vector[2]            0.0000000000 
_pdbx_struct_oper_list.matrix[3][1]         0.0000000000 
_pdbx_struct_oper_list.matrix[3][2]         0.0000000000 
_pdbx_struct_oper_list.matrix[3][3]         1.0000000000 
_pdbx_struct_oper_list.vector[3]            0.0000000000 
# 
loop_
_pdbx_audit_revision_history.ordinal 
_pdbx_audit_revision_history.data_content_type 
_pdbx_audit_revision_history.major_revision 
_pdbx_audit_revision_history.minor_revision 
_pdbx_audit_revision_history.revision_date 
1 'Structure model' 1 0 2022-08-24 
2 'Structure model' 1 1 2023-10-18 
# 
_pdbx_audit_revision_details.ordinal             1 
_pdbx_audit_revision_details.revision_ordinal    1 
_pdbx_audit_revision_details.data_content_type   'Structure model' 
_pdbx_audit_revision_details.provider            repository 
_pdbx_audit_revision_details.type                'Initial release' 
_pdbx_audit_revision_details.description         ? 
_pdbx_audit_revision_details.details             ? 
# 
loop_
_pdbx_audit_revision_group.ordinal 
_pdbx_audit_revision_group.revision_ordinal 
_pdbx_audit_revision_group.data_content_type 
_pdbx_audit_revision_group.group 
1 2 'Structure model' 'Data collection'        
2 2 'Structure model' 'Refinement description' 
# 
loop_
_pdbx_audit_revision_category.ordinal 
_pdbx_audit_revision_category.revision_ordinal 
_pdbx_audit_revision_category.data_content_type 
_pdbx_audit_revision_category.category 
1 2 'Structure model' chem_comp_atom                
2 2 'Structure model' chem_comp_bond                
3 2 'Structure model' pdbx_initial_refinement_model 
# 
loop_
_software.citation_id 
_software.classification 
_software.compiler_name 
_software.compiler_version 
_software.contact_author 
_software.contact_author_email 
_software.date 
_software.description 
_software.dependencies 
_software.hardware 
_software.language 
_software.location 
_software.mods 
_software.name 
_software.os 
_software.os_version 
_software.type 
_software.version 
_software.pdbx_ordinal 
? 'data reduction'  ? ? ? ? ? ? ? ? ? ? ? XDS         ? ? ? .        1 
? 'data scaling'    ? ? ? ? ? ? ? ? ? ? ? Aimless     ? ? ? 0.7.4    2 
? phasing           ? ? ? ? ? ? ? ? ? ? ? MOLREP      ? ? ? .        3 
? refinement        ? ? ? ? ? ? ? ? ? ? ? REFMAC      ? ? ? 5.8.0258 4 
? 'data extraction' ? ? ? ? ? ? ? ? ? ? ? PDB_EXTRACT ? ? ? 3.27     5 
# 
_pdbx_entry_details.entry_id                 7RUI 
_pdbx_entry_details.has_ligand_of_interest   Y 
_pdbx_entry_details.compound_details         ? 
_pdbx_entry_details.source_details           ? 
_pdbx_entry_details.nonpolymer_details       ? 
_pdbx_entry_details.sequence_details         ? 
# 
_pdbx_validate_torsion.id              1 
_pdbx_validate_torsion.PDB_model_num   1 
_pdbx_validate_torsion.auth_comp_id    LEU 
_pdbx_validate_torsion.auth_asym_id    A 
_pdbx_validate_torsion.auth_seq_id     94 
_pdbx_validate_torsion.PDB_ins_code    ? 
_pdbx_validate_torsion.label_alt_id    ? 
_pdbx_validate_torsion.phi             -116.75 
_pdbx_validate_torsion.psi             66.59 
# 
loop_
_chem_comp_atom.comp_id 
_chem_comp_atom.atom_id 
_chem_comp_atom.type_symbol 
_chem_comp_atom.pdbx_aromatic_flag 
_chem_comp_atom.pdbx_stereo_config 
_chem_comp_atom.pdbx_ordinal 
7QZ C07  C N N 1   
7QZ C08  C Y N 2   
7QZ C09  C Y N 3   
7QZ C10  C Y N 4   
7QZ C11  C Y N 5   
7QZ C12  C Y N 6   
7QZ C13  C Y N 7   
7QZ C15  C Y N 8   
7QZ C16  C Y N 9   
7QZ C17  C N R 10  
7QZ C18  C N N 11  
7QZ C19  C Y N 12  
7QZ C21  C Y N 13  
7QZ C01  C N N 14  
7QZ C02  C N N 15  
7QZ C03  C N N 16  
7QZ C04  C N N 17  
7QZ C05  C N N 18  
7QZ N06  N N N 19  
7QZ N14  N Y N 20  
7QZ N20  N Y N 21  
7QZ C22  C Y N 22  
7QZ C23  C Y N 23  
7QZ C24  C Y N 24  
7QZ C25  C Y N 25  
7QZ C26  C Y N 26  
7QZ C27  C Y N 27  
7QZ C28  C Y N 28  
7QZ C29  C Y N 29  
7QZ N30  N Y N 30  
7QZ N31  N N N 31  
7QZ S32  S N N 32  
7QZ C33  C N N 33  
7QZ C34  C N N 34  
7QZ F35  F N N 35  
7QZ F36  F N N 36  
7QZ F37  F N N 37  
7QZ O38  O N N 38  
7QZ O39  O N N 39  
7QZ N40  N N N 40  
7QZ C41  C N N 41  
7QZ N42  N N N 42  
7QZ C43  C Y N 43  
7QZ C44  C Y N 44  
7QZ C45  C Y N 45  
7QZ C46  C Y N 46  
7QZ C47  C Y N 47  
7QZ C48  C Y N 48  
7QZ F49  F N N 49  
7QZ O50  O N N 50  
7QZ O51  O N N 51  
7QZ H1   H N N 52  
7QZ H2   H N N 53  
7QZ H3   H N N 54  
7QZ H4   H N N 55  
7QZ H5   H N N 56  
7QZ H6   H N N 57  
7QZ H7   H N N 58  
7QZ H8   H N N 59  
7QZ H9   H N N 60  
7QZ H10  H N N 61  
7QZ H11  H N N 62  
7QZ H12  H N N 63  
7QZ H13  H N N 64  
7QZ H14  H N N 65  
7QZ H15  H N N 66  
7QZ H16  H N N 67  
7QZ H17  H N N 68  
7QZ H18  H N N 69  
7QZ H19  H N N 70  
7QZ H20  H N N 71  
7QZ H21  H N N 72  
7QZ H22  H N N 73  
7QZ H23  H N N 74  
7QZ H24  H N N 75  
7QZ H25  H N N 76  
7QZ H26  H N N 77  
7QZ H27  H N N 78  
7QZ H28  H N N 79  
7QZ H29  H N N 80  
ALA N    N N N 81  
ALA CA   C N S 82  
ALA C    C N N 83  
ALA O    O N N 84  
ALA CB   C N N 85  
ALA OXT  O N N 86  
ALA H    H N N 87  
ALA H2   H N N 88  
ALA HA   H N N 89  
ALA HB1  H N N 90  
ALA HB2  H N N 91  
ALA HB3  H N N 92  
ALA HXT  H N N 93  
ARG N    N N N 94  
ARG CA   C N S 95  
ARG C    C N N 96  
ARG O    O N N 97  
ARG CB   C N N 98  
ARG CG   C N N 99  
ARG CD   C N N 100 
ARG NE   N N N 101 
ARG CZ   C N N 102 
ARG NH1  N N N 103 
ARG NH2  N N N 104 
ARG OXT  O N N 105 
ARG H    H N N 106 
ARG H2   H N N 107 
ARG HA   H N N 108 
ARG HB2  H N N 109 
ARG HB3  H N N 110 
ARG HG2  H N N 111 
ARG HG3  H N N 112 
ARG HD2  H N N 113 
ARG HD3  H N N 114 
ARG HE   H N N 115 
ARG HH11 H N N 116 
ARG HH12 H N N 117 
ARG HH21 H N N 118 
ARG HH22 H N N 119 
ARG HXT  H N N 120 
ASN N    N N N 121 
ASN CA   C N S 122 
ASN C    C N N 123 
ASN O    O N N 124 
ASN CB   C N N 125 
ASN CG   C N N 126 
ASN OD1  O N N 127 
ASN ND2  N N N 128 
ASN OXT  O N N 129 
ASN H    H N N 130 
ASN H2   H N N 131 
ASN HA   H N N 132 
ASN HB2  H N N 133 
ASN HB3  H N N 134 
ASN HD21 H N N 135 
ASN HD22 H N N 136 
ASN HXT  H N N 137 
ASP N    N N N 138 
ASP CA   C N S 139 
ASP C    C N N 140 
ASP O    O N N 141 
ASP CB   C N N 142 
ASP CG   C N N 143 
ASP OD1  O N N 144 
ASP OD2  O N N 145 
ASP OXT  O N N 146 
ASP H    H N N 147 
ASP H2   H N N 148 
ASP HA   H N N 149 
ASP HB2  H N N 150 
ASP HB3  H N N 151 
ASP HD2  H N N 152 
ASP HXT  H N N 153 
CYS N    N N N 154 
CYS CA   C N R 155 
CYS C    C N N 156 
CYS O    O N N 157 
CYS CB   C N N 158 
CYS SG   S N N 159 
CYS OXT  O N N 160 
CYS H    H N N 161 
CYS H2   H N N 162 
CYS HA   H N N 163 
CYS HB2  H N N 164 
CYS HB3  H N N 165 
CYS HG   H N N 166 
CYS HXT  H N N 167 
GLN N    N N N 168 
GLN CA   C N S 169 
GLN C    C N N 170 
GLN O    O N N 171 
GLN CB   C N N 172 
GLN CG   C N N 173 
GLN CD   C N N 174 
GLN OE1  O N N 175 
GLN NE2  N N N 176 
GLN OXT  O N N 177 
GLN H    H N N 178 
GLN H2   H N N 179 
GLN HA   H N N 180 
GLN HB2  H N N 181 
GLN HB3  H N N 182 
GLN HG2  H N N 183 
GLN HG3  H N N 184 
GLN HE21 H N N 185 
GLN HE22 H N N 186 
GLN HXT  H N N 187 
GLU N    N N N 188 
GLU CA   C N S 189 
GLU C    C N N 190 
GLU O    O N N 191 
GLU CB   C N N 192 
GLU CG   C N N 193 
GLU CD   C N N 194 
GLU OE1  O N N 195 
GLU OE2  O N N 196 
GLU OXT  O N N 197 
GLU H    H N N 198 
GLU H2   H N N 199 
GLU HA   H N N 200 
GLU HB2  H N N 201 
GLU HB3  H N N 202 
GLU HG2  H N N 203 
GLU HG3  H N N 204 
GLU HE2  H N N 205 
GLU HXT  H N N 206 
GLY N    N N N 207 
GLY CA   C N N 208 
GLY C    C N N 209 
GLY O    O N N 210 
GLY OXT  O N N 211 
GLY H    H N N 212 
GLY H2   H N N 213 
GLY HA2  H N N 214 
GLY HA3  H N N 215 
GLY HXT  H N N 216 
HIS N    N N N 217 
HIS CA   C N S 218 
HIS C    C N N 219 
HIS O    O N N 220 
HIS CB   C N N 221 
HIS CG   C Y N 222 
HIS ND1  N Y N 223 
HIS CD2  C Y N 224 
HIS CE1  C Y N 225 
HIS NE2  N Y N 226 
HIS OXT  O N N 227 
HIS H    H N N 228 
HIS H2   H N N 229 
HIS HA   H N N 230 
HIS HB2  H N N 231 
HIS HB3  H N N 232 
HIS HD1  H N N 233 
HIS HD2  H N N 234 
HIS HE1  H N N 235 
HIS HE2  H N N 236 
HIS HXT  H N N 237 
HOH O    O N N 238 
HOH H1   H N N 239 
HOH H2   H N N 240 
ILE N    N N N 241 
ILE CA   C N S 242 
ILE C    C N N 243 
ILE O    O N N 244 
ILE CB   C N S 245 
ILE CG1  C N N 246 
ILE CG2  C N N 247 
ILE CD1  C N N 248 
ILE OXT  O N N 249 
ILE H    H N N 250 
ILE H2   H N N 251 
ILE HA   H N N 252 
ILE HB   H N N 253 
ILE HG12 H N N 254 
ILE HG13 H N N 255 
ILE HG21 H N N 256 
ILE HG22 H N N 257 
ILE HG23 H N N 258 
ILE HD11 H N N 259 
ILE HD12 H N N 260 
ILE HD13 H N N 261 
ILE HXT  H N N 262 
LEU N    N N N 263 
LEU CA   C N S 264 
LEU C    C N N 265 
LEU O    O N N 266 
LEU CB   C N N 267 
LEU CG   C N N 268 
LEU CD1  C N N 269 
LEU CD2  C N N 270 
LEU OXT  O N N 271 
LEU H    H N N 272 
LEU H2   H N N 273 
LEU HA   H N N 274 
LEU HB2  H N N 275 
LEU HB3  H N N 276 
LEU HG   H N N 277 
LEU HD11 H N N 278 
LEU HD12 H N N 279 
LEU HD13 H N N 280 
LEU HD21 H N N 281 
LEU HD22 H N N 282 
LEU HD23 H N N 283 
LEU HXT  H N N 284 
LYS N    N N N 285 
LYS CA   C N S 286 
LYS C    C N N 287 
LYS O    O N N 288 
LYS CB   C N N 289 
LYS CG   C N N 290 
LYS CD   C N N 291 
LYS CE   C N N 292 
LYS NZ   N N N 293 
LYS OXT  O N N 294 
LYS H    H N N 295 
LYS H2   H N N 296 
LYS HA   H N N 297 
LYS HB2  H N N 298 
LYS HB3  H N N 299 
LYS HG2  H N N 300 
LYS HG3  H N N 301 
LYS HD2  H N N 302 
LYS HD3  H N N 303 
LYS HE2  H N N 304 
LYS HE3  H N N 305 
LYS HZ1  H N N 306 
LYS HZ2  H N N 307 
LYS HZ3  H N N 308 
LYS HXT  H N N 309 
MET N    N N N 310 
MET CA   C N S 311 
MET C    C N N 312 
MET O    O N N 313 
MET CB   C N N 314 
MET CG   C N N 315 
MET SD   S N N 316 
MET CE   C N N 317 
MET OXT  O N N 318 
MET H    H N N 319 
MET H2   H N N 320 
MET HA   H N N 321 
MET HB2  H N N 322 
MET HB3  H N N 323 
MET HG2  H N N 324 
MET HG3  H N N 325 
MET HE1  H N N 326 
MET HE2  H N N 327 
MET HE3  H N N 328 
MET HXT  H N N 329 
PHE N    N N N 330 
PHE CA   C N S 331 
PHE C    C N N 332 
PHE O    O N N 333 
PHE CB   C N N 334 
PHE CG   C Y N 335 
PHE CD1  C Y N 336 
PHE CD2  C Y N 337 
PHE CE1  C Y N 338 
PHE CE2  C Y N 339 
PHE CZ   C Y N 340 
PHE OXT  O N N 341 
PHE H    H N N 342 
PHE H2   H N N 343 
PHE HA   H N N 344 
PHE HB2  H N N 345 
PHE HB3  H N N 346 
PHE HD1  H N N 347 
PHE HD2  H N N 348 
PHE HE1  H N N 349 
PHE HE2  H N N 350 
PHE HZ   H N N 351 
PHE HXT  H N N 352 
PRO N    N N N 353 
PRO CA   C N S 354 
PRO C    C N N 355 
PRO O    O N N 356 
PRO CB   C N N 357 
PRO CG   C N N 358 
PRO CD   C N N 359 
PRO OXT  O N N 360 
PRO H    H N N 361 
PRO HA   H N N 362 
PRO HB2  H N N 363 
PRO HB3  H N N 364 
PRO HG2  H N N 365 
PRO HG3  H N N 366 
PRO HD2  H N N 367 
PRO HD3  H N N 368 
PRO HXT  H N N 369 
SER N    N N N 370 
SER CA   C N S 371 
SER C    C N N 372 
SER O    O N N 373 
SER CB   C N N 374 
SER OG   O N N 375 
SER OXT  O N N 376 
SER H    H N N 377 
SER H2   H N N 378 
SER HA   H N N 379 
SER HB2  H N N 380 
SER HB3  H N N 381 
SER HG   H N N 382 
SER HXT  H N N 383 
THR N    N N N 384 
THR CA   C N S 385 
THR C    C N N 386 
THR O    O N N 387 
THR CB   C N R 388 
THR OG1  O N N 389 
THR CG2  C N N 390 
THR OXT  O N N 391 
THR H    H N N 392 
THR H2   H N N 393 
THR HA   H N N 394 
THR HB   H N N 395 
THR HG1  H N N 396 
THR HG21 H N N 397 
THR HG22 H N N 398 
THR HG23 H N N 399 
THR HXT  H N N 400 
TRP N    N N N 401 
TRP CA   C N S 402 
TRP C    C N N 403 
TRP O    O N N 404 
TRP CB   C N N 405 
TRP CG   C Y N 406 
TRP CD1  C Y N 407 
TRP CD2  C Y N 408 
TRP NE1  N Y N 409 
TRP CE2  C Y N 410 
TRP CE3  C Y N 411 
TRP CZ2  C Y N 412 
TRP CZ3  C Y N 413 
TRP CH2  C Y N 414 
TRP OXT  O N N 415 
TRP H    H N N 416 
TRP H2   H N N 417 
TRP HA   H N N 418 
TRP HB2  H N N 419 
TRP HB3  H N N 420 
TRP HD1  H N N 421 
TRP HE1  H N N 422 
TRP HE3  H N N 423 
TRP HZ2  H N N 424 
TRP HZ3  H N N 425 
TRP HH2  H N N 426 
TRP HXT  H N N 427 
TYR N    N N N 428 
TYR CA   C N S 429 
TYR C    C N N 430 
TYR O    O N N 431 
TYR CB   C N N 432 
TYR CG   C Y N 433 
TYR CD1  C Y N 434 
TYR CD2  C Y N 435 
TYR CE1  C Y N 436 
TYR CE2  C Y N 437 
TYR CZ   C Y N 438 
TYR OH   O N N 439 
TYR OXT  O N N 440 
TYR H    H N N 441 
TYR H2   H N N 442 
TYR HA   H N N 443 
TYR HB2  H N N 444 
TYR HB3  H N N 445 
TYR HD1  H N N 446 
TYR HD2  H N N 447 
TYR HE1  H N N 448 
TYR HE2  H N N 449 
TYR HH   H N N 450 
TYR HXT  H N N 451 
VAL N    N N N 452 
VAL CA   C N S 453 
VAL C    C N N 454 
VAL O    O N N 455 
VAL CB   C N N 456 
VAL CG1  C N N 457 
VAL CG2  C N N 458 
VAL OXT  O N N 459 
VAL H    H N N 460 
VAL H2   H N N 461 
VAL HA   H N N 462 
VAL HB   H N N 463 
VAL HG11 H N N 464 
VAL HG12 H N N 465 
VAL HG13 H N N 466 
VAL HG21 H N N 467 
VAL HG22 H N N 468 
VAL HG23 H N N 469 
VAL HXT  H N N 470 
# 
loop_
_chem_comp_bond.comp_id 
_chem_comp_bond.atom_id_1 
_chem_comp_bond.atom_id_2 
_chem_comp_bond.value_order 
_chem_comp_bond.pdbx_aromatic_flag 
_chem_comp_bond.pdbx_stereo_config 
_chem_comp_bond.pdbx_ordinal 
7QZ C46 C47  doub Y N 1   
7QZ C46 C45  sing Y N 2   
7QZ C47 C48  sing Y N 3   
7QZ C45 C44  doub Y N 4   
7QZ C48 F49  sing N N 5   
7QZ C48 C43  doub Y N 6   
7QZ C44 C43  sing Y N 7   
7QZ C29 N30  doub Y N 8   
7QZ C29 C28  sing Y N 9   
7QZ C43 N42  sing N N 10  
7QZ N30 C25  sing Y N 11  
7QZ C23 C24  doub Y N 12  
7QZ C23 C22  sing Y N 13  
7QZ C28 C27  doub Y N 14  
7QZ C24 C19  sing Y N 15  
7QZ N42 C41  sing N N 16  
7QZ C22 C21  doub Y N 17  
7QZ C18 C17  sing N N 18  
7QZ C25 C17  sing N N 19  
7QZ C25 C26  doub Y N 20  
7QZ C19 C17  sing N N 21  
7QZ C19 N20  doub Y N 22  
7QZ C27 C26  sing Y N 23  
7QZ C41 O50  doub N N 24  
7QZ C41 N40  sing N N 25  
7QZ C21 N20  sing Y N 26  
7QZ C17 N14  sing N N 27  
7QZ N40 C02  sing N N 28  
7QZ N14 C15  sing Y N 29  
7QZ N14 C12  sing Y N 30  
7QZ C02 C03  doub N N 31  
7QZ C02 C01  sing N N 32  
7QZ C03 C04  sing N N 33  
7QZ C15 C16  doub Y N 34  
7QZ C13 C12  doub Y N 35  
7QZ C13 C08  sing Y N 36  
7QZ O51 C01  doub N N 37  
7QZ C12 C11  sing Y N 38  
7QZ C01 N06  sing N N 39  
7QZ C04 C08  sing N N 40  
7QZ C04 C05  doub N N 41  
7QZ C08 C09  doub Y N 42  
7QZ C16 C11  sing Y N 43  
7QZ N06 C05  sing N N 44  
7QZ N06 C07  sing N N 45  
7QZ C11 C10  doub Y N 46  
7QZ C09 C10  sing Y N 47  
7QZ C10 N31  sing N N 48  
7QZ N31 S32  sing N N 49  
7QZ O38 S32  doub N N 50  
7QZ S32 C33  sing N N 51  
7QZ S32 O39  doub N N 52  
7QZ F36 C34  sing N N 53  
7QZ C33 C34  sing N N 54  
7QZ C34 F35  sing N N 55  
7QZ C34 F37  sing N N 56  
7QZ C07 H1   sing N N 57  
7QZ C07 H2   sing N N 58  
7QZ C07 H3   sing N N 59  
7QZ C09 H4   sing N N 60  
7QZ C13 H5   sing N N 61  
7QZ C15 H6   sing N N 62  
7QZ C16 H7   sing N N 63  
7QZ C18 H8   sing N N 64  
7QZ C18 H9   sing N N 65  
7QZ C18 H10  sing N N 66  
7QZ C21 H11  sing N N 67  
7QZ C03 H12  sing N N 68  
7QZ C05 H13  sing N N 69  
7QZ C22 H14  sing N N 70  
7QZ C23 H15  sing N N 71  
7QZ C24 H16  sing N N 72  
7QZ C26 H17  sing N N 73  
7QZ C27 H18  sing N N 74  
7QZ C28 H19  sing N N 75  
7QZ C29 H20  sing N N 76  
7QZ N31 H21  sing N N 77  
7QZ C33 H22  sing N N 78  
7QZ C33 H23  sing N N 79  
7QZ N40 H24  sing N N 80  
7QZ N42 H25  sing N N 81  
7QZ C44 H26  sing N N 82  
7QZ C45 H27  sing N N 83  
7QZ C46 H28  sing N N 84  
7QZ C47 H29  sing N N 85  
ALA N   CA   sing N N 86  
ALA N   H    sing N N 87  
ALA N   H2   sing N N 88  
ALA CA  C    sing N N 89  
ALA CA  CB   sing N N 90  
ALA CA  HA   sing N N 91  
ALA C   O    doub N N 92  
ALA C   OXT  sing N N 93  
ALA CB  HB1  sing N N 94  
ALA CB  HB2  sing N N 95  
ALA CB  HB3  sing N N 96  
ALA OXT HXT  sing N N 97  
ARG N   CA   sing N N 98  
ARG N   H    sing N N 99  
ARG N   H2   sing N N 100 
ARG CA  C    sing N N 101 
ARG CA  CB   sing N N 102 
ARG CA  HA   sing N N 103 
ARG C   O    doub N N 104 
ARG C   OXT  sing N N 105 
ARG CB  CG   sing N N 106 
ARG CB  HB2  sing N N 107 
ARG CB  HB3  sing N N 108 
ARG CG  CD   sing N N 109 
ARG CG  HG2  sing N N 110 
ARG CG  HG3  sing N N 111 
ARG CD  NE   sing N N 112 
ARG CD  HD2  sing N N 113 
ARG CD  HD3  sing N N 114 
ARG NE  CZ   sing N N 115 
ARG NE  HE   sing N N 116 
ARG CZ  NH1  sing N N 117 
ARG CZ  NH2  doub N N 118 
ARG NH1 HH11 sing N N 119 
ARG NH1 HH12 sing N N 120 
ARG NH2 HH21 sing N N 121 
ARG NH2 HH22 sing N N 122 
ARG OXT HXT  sing N N 123 
ASN N   CA   sing N N 124 
ASN N   H    sing N N 125 
ASN N   H2   sing N N 126 
ASN CA  C    sing N N 127 
ASN CA  CB   sing N N 128 
ASN CA  HA   sing N N 129 
ASN C   O    doub N N 130 
ASN C   OXT  sing N N 131 
ASN CB  CG   sing N N 132 
ASN CB  HB2  sing N N 133 
ASN CB  HB3  sing N N 134 
ASN CG  OD1  doub N N 135 
ASN CG  ND2  sing N N 136 
ASN ND2 HD21 sing N N 137 
ASN ND2 HD22 sing N N 138 
ASN OXT HXT  sing N N 139 
ASP N   CA   sing N N 140 
ASP N   H    sing N N 141 
ASP N   H2   sing N N 142 
ASP CA  C    sing N N 143 
ASP CA  CB   sing N N 144 
ASP CA  HA   sing N N 145 
ASP C   O    doub N N 146 
ASP C   OXT  sing N N 147 
ASP CB  CG   sing N N 148 
ASP CB  HB2  sing N N 149 
ASP CB  HB3  sing N N 150 
ASP CG  OD1  doub N N 151 
ASP CG  OD2  sing N N 152 
ASP OD2 HD2  sing N N 153 
ASP OXT HXT  sing N N 154 
CYS N   CA   sing N N 155 
CYS N   H    sing N N 156 
CYS N   H2   sing N N 157 
CYS CA  C    sing N N 158 
CYS CA  CB   sing N N 159 
CYS CA  HA   sing N N 160 
CYS C   O    doub N N 161 
CYS C   OXT  sing N N 162 
CYS CB  SG   sing N N 163 
CYS CB  HB2  sing N N 164 
CYS CB  HB3  sing N N 165 
CYS SG  HG   sing N N 166 
CYS OXT HXT  sing N N 167 
GLN N   CA   sing N N 168 
GLN N   H    sing N N 169 
GLN N   H2   sing N N 170 
GLN CA  C    sing N N 171 
GLN CA  CB   sing N N 172 
GLN CA  HA   sing N N 173 
GLN C   O    doub N N 174 
GLN C   OXT  sing N N 175 
GLN CB  CG   sing N N 176 
GLN CB  HB2  sing N N 177 
GLN CB  HB3  sing N N 178 
GLN CG  CD   sing N N 179 
GLN CG  HG2  sing N N 180 
GLN CG  HG3  sing N N 181 
GLN CD  OE1  doub N N 182 
GLN CD  NE2  sing N N 183 
GLN NE2 HE21 sing N N 184 
GLN NE2 HE22 sing N N 185 
GLN OXT HXT  sing N N 186 
GLU N   CA   sing N N 187 
GLU N   H    sing N N 188 
GLU N   H2   sing N N 189 
GLU CA  C    sing N N 190 
GLU CA  CB   sing N N 191 
GLU CA  HA   sing N N 192 
GLU C   O    doub N N 193 
GLU C   OXT  sing N N 194 
GLU CB  CG   sing N N 195 
GLU CB  HB2  sing N N 196 
GLU CB  HB3  sing N N 197 
GLU CG  CD   sing N N 198 
GLU CG  HG2  sing N N 199 
GLU CG  HG3  sing N N 200 
GLU CD  OE1  doub N N 201 
GLU CD  OE2  sing N N 202 
GLU OE2 HE2  sing N N 203 
GLU OXT HXT  sing N N 204 
GLY N   CA   sing N N 205 
GLY N   H    sing N N 206 
GLY N   H2   sing N N 207 
GLY CA  C    sing N N 208 
GLY CA  HA2  sing N N 209 
GLY CA  HA3  sing N N 210 
GLY C   O    doub N N 211 
GLY C   OXT  sing N N 212 
GLY OXT HXT  sing N N 213 
HIS N   CA   sing N N 214 
HIS N   H    sing N N 215 
HIS N   H2   sing N N 216 
HIS CA  C    sing N N 217 
HIS CA  CB   sing N N 218 
HIS CA  HA   sing N N 219 
HIS C   O    doub N N 220 
HIS C   OXT  sing N N 221 
HIS CB  CG   sing N N 222 
HIS CB  HB2  sing N N 223 
HIS CB  HB3  sing N N 224 
HIS CG  ND1  sing Y N 225 
HIS CG  CD2  doub Y N 226 
HIS ND1 CE1  doub Y N 227 
HIS ND1 HD1  sing N N 228 
HIS CD2 NE2  sing Y N 229 
HIS CD2 HD2  sing N N 230 
HIS CE1 NE2  sing Y N 231 
HIS CE1 HE1  sing N N 232 
HIS NE2 HE2  sing N N 233 
HIS OXT HXT  sing N N 234 
HOH O   H1   sing N N 235 
HOH O   H2   sing N N 236 
ILE N   CA   sing N N 237 
ILE N   H    sing N N 238 
ILE N   H2   sing N N 239 
ILE CA  C    sing N N 240 
ILE CA  CB   sing N N 241 
ILE CA  HA   sing N N 242 
ILE C   O    doub N N 243 
ILE C   OXT  sing N N 244 
ILE CB  CG1  sing N N 245 
ILE CB  CG2  sing N N 246 
ILE CB  HB   sing N N 247 
ILE CG1 CD1  sing N N 248 
ILE CG1 HG12 sing N N 249 
ILE CG1 HG13 sing N N 250 
ILE CG2 HG21 sing N N 251 
ILE CG2 HG22 sing N N 252 
ILE CG2 HG23 sing N N 253 
ILE CD1 HD11 sing N N 254 
ILE CD1 HD12 sing N N 255 
ILE CD1 HD13 sing N N 256 
ILE OXT HXT  sing N N 257 
LEU N   CA   sing N N 258 
LEU N   H    sing N N 259 
LEU N   H2   sing N N 260 
LEU CA  C    sing N N 261 
LEU CA  CB   sing N N 262 
LEU CA  HA   sing N N 263 
LEU C   O    doub N N 264 
LEU C   OXT  sing N N 265 
LEU CB  CG   sing N N 266 
LEU CB  HB2  sing N N 267 
LEU CB  HB3  sing N N 268 
LEU CG  CD1  sing N N 269 
LEU CG  CD2  sing N N 270 
LEU CG  HG   sing N N 271 
LEU CD1 HD11 sing N N 272 
LEU CD1 HD12 sing N N 273 
LEU CD1 HD13 sing N N 274 
LEU CD2 HD21 sing N N 275 
LEU CD2 HD22 sing N N 276 
LEU CD2 HD23 sing N N 277 
LEU OXT HXT  sing N N 278 
LYS N   CA   sing N N 279 
LYS N   H    sing N N 280 
LYS N   H2   sing N N 281 
LYS CA  C    sing N N 282 
LYS CA  CB   sing N N 283 
LYS CA  HA   sing N N 284 
LYS C   O    doub N N 285 
LYS C   OXT  sing N N 286 
LYS CB  CG   sing N N 287 
LYS CB  HB2  sing N N 288 
LYS CB  HB3  sing N N 289 
LYS CG  CD   sing N N 290 
LYS CG  HG2  sing N N 291 
LYS CG  HG3  sing N N 292 
LYS CD  CE   sing N N 293 
LYS CD  HD2  sing N N 294 
LYS CD  HD3  sing N N 295 
LYS CE  NZ   sing N N 296 
LYS CE  HE2  sing N N 297 
LYS CE  HE3  sing N N 298 
LYS NZ  HZ1  sing N N 299 
LYS NZ  HZ2  sing N N 300 
LYS NZ  HZ3  sing N N 301 
LYS OXT HXT  sing N N 302 
MET N   CA   sing N N 303 
MET N   H    sing N N 304 
MET N   H2   sing N N 305 
MET CA  C    sing N N 306 
MET CA  CB   sing N N 307 
MET CA  HA   sing N N 308 
MET C   O    doub N N 309 
MET C   OXT  sing N N 310 
MET CB  CG   sing N N 311 
MET CB  HB2  sing N N 312 
MET CB  HB3  sing N N 313 
MET CG  SD   sing N N 314 
MET CG  HG2  sing N N 315 
MET CG  HG3  sing N N 316 
MET SD  CE   sing N N 317 
MET CE  HE1  sing N N 318 
MET CE  HE2  sing N N 319 
MET CE  HE3  sing N N 320 
MET OXT HXT  sing N N 321 
PHE N   CA   sing N N 322 
PHE N   H    sing N N 323 
PHE N   H2   sing N N 324 
PHE CA  C    sing N N 325 
PHE CA  CB   sing N N 326 
PHE CA  HA   sing N N 327 
PHE C   O    doub N N 328 
PHE C   OXT  sing N N 329 
PHE CB  CG   sing N N 330 
PHE CB  HB2  sing N N 331 
PHE CB  HB3  sing N N 332 
PHE CG  CD1  doub Y N 333 
PHE CG  CD2  sing Y N 334 
PHE CD1 CE1  sing Y N 335 
PHE CD1 HD1  sing N N 336 
PHE CD2 CE2  doub Y N 337 
PHE CD2 HD2  sing N N 338 
PHE CE1 CZ   doub Y N 339 
PHE CE1 HE1  sing N N 340 
PHE CE2 CZ   sing Y N 341 
PHE CE2 HE2  sing N N 342 
PHE CZ  HZ   sing N N 343 
PHE OXT HXT  sing N N 344 
PRO N   CA   sing N N 345 
PRO N   CD   sing N N 346 
PRO N   H    sing N N 347 
PRO CA  C    sing N N 348 
PRO CA  CB   sing N N 349 
PRO CA  HA   sing N N 350 
PRO C   O    doub N N 351 
PRO C   OXT  sing N N 352 
PRO CB  CG   sing N N 353 
PRO CB  HB2  sing N N 354 
PRO CB  HB3  sing N N 355 
PRO CG  CD   sing N N 356 
PRO CG  HG2  sing N N 357 
PRO CG  HG3  sing N N 358 
PRO CD  HD2  sing N N 359 
PRO CD  HD3  sing N N 360 
PRO OXT HXT  sing N N 361 
SER N   CA   sing N N 362 
SER N   H    sing N N 363 
SER N   H2   sing N N 364 
SER CA  C    sing N N 365 
SER CA  CB   sing N N 366 
SER CA  HA   sing N N 367 
SER C   O    doub N N 368 
SER C   OXT  sing N N 369 
SER CB  OG   sing N N 370 
SER CB  HB2  sing N N 371 
SER CB  HB3  sing N N 372 
SER OG  HG   sing N N 373 
SER OXT HXT  sing N N 374 
THR N   CA   sing N N 375 
THR N   H    sing N N 376 
THR N   H2   sing N N 377 
THR CA  C    sing N N 378 
THR CA  CB   sing N N 379 
THR CA  HA   sing N N 380 
THR C   O    doub N N 381 
THR C   OXT  sing N N 382 
THR CB  OG1  sing N N 383 
THR CB  CG2  sing N N 384 
THR CB  HB   sing N N 385 
THR OG1 HG1  sing N N 386 
THR CG2 HG21 sing N N 387 
THR CG2 HG22 sing N N 388 
THR CG2 HG23 sing N N 389 
THR OXT HXT  sing N N 390 
TRP N   CA   sing N N 391 
TRP N   H    sing N N 392 
TRP N   H2   sing N N 393 
TRP CA  C    sing N N 394 
TRP CA  CB   sing N N 395 
TRP CA  HA   sing N N 396 
TRP C   O    doub N N 397 
TRP C   OXT  sing N N 398 
TRP CB  CG   sing N N 399 
TRP CB  HB2  sing N N 400 
TRP CB  HB3  sing N N 401 
TRP CG  CD1  doub Y N 402 
TRP CG  CD2  sing Y N 403 
TRP CD1 NE1  sing Y N 404 
TRP CD1 HD1  sing N N 405 
TRP CD2 CE2  doub Y N 406 
TRP CD2 CE3  sing Y N 407 
TRP NE1 CE2  sing Y N 408 
TRP NE1 HE1  sing N N 409 
TRP CE2 CZ2  sing Y N 410 
TRP CE3 CZ3  doub Y N 411 
TRP CE3 HE3  sing N N 412 
TRP CZ2 CH2  doub Y N 413 
TRP CZ2 HZ2  sing N N 414 
TRP CZ3 CH2  sing Y N 415 
TRP CZ3 HZ3  sing N N 416 
TRP CH2 HH2  sing N N 417 
TRP OXT HXT  sing N N 418 
TYR N   CA   sing N N 419 
TYR N   H    sing N N 420 
TYR N   H2   sing N N 421 
TYR CA  C    sing N N 422 
TYR CA  CB   sing N N 423 
TYR CA  HA   sing N N 424 
TYR C   O    doub N N 425 
TYR C   OXT  sing N N 426 
TYR CB  CG   sing N N 427 
TYR CB  HB2  sing N N 428 
TYR CB  HB3  sing N N 429 
TYR CG  CD1  doub Y N 430 
TYR CG  CD2  sing Y N 431 
TYR CD1 CE1  sing Y N 432 
TYR CD1 HD1  sing N N 433 
TYR CD2 CE2  doub Y N 434 
TYR CD2 HD2  sing N N 435 
TYR CE1 CZ   doub Y N 436 
TYR CE1 HE1  sing N N 437 
TYR CE2 CZ   sing Y N 438 
TYR CE2 HE2  sing N N 439 
TYR CZ  OH   sing N N 440 
TYR OH  HH   sing N N 441 
TYR OXT HXT  sing N N 442 
VAL N   CA   sing N N 443 
VAL N   H    sing N N 444 
VAL N   H2   sing N N 445 
VAL CA  C    sing N N 446 
VAL CA  CB   sing N N 447 
VAL CA  HA   sing N N 448 
VAL C   O    doub N N 449 
VAL C   OXT  sing N N 450 
VAL CB  CG1  sing N N 451 
VAL CB  CG2  sing N N 452 
VAL CB  HB   sing N N 453 
VAL CG1 HG11 sing N N 454 
VAL CG1 HG12 sing N N 455 
VAL CG1 HG13 sing N N 456 
VAL CG2 HG21 sing N N 457 
VAL CG2 HG22 sing N N 458 
VAL CG2 HG23 sing N N 459 
VAL OXT HXT  sing N N 460 
# 
_pdbx_audit_support.funding_organization   'National Institutes of Health/National Center for Research Resources (NIH/NCRR)' 
_pdbx_audit_support.country                'United States' 
_pdbx_audit_support.grant_number           UL1RR029879 
_pdbx_audit_support.ordinal                1 
# 
_pdbx_entity_instance_feature.ordinal        1 
_pdbx_entity_instance_feature.comp_id        7QZ 
_pdbx_entity_instance_feature.asym_id        ? 
_pdbx_entity_instance_feature.seq_num        ? 
_pdbx_entity_instance_feature.auth_comp_id   7QZ 
_pdbx_entity_instance_feature.auth_asym_id   ? 
_pdbx_entity_instance_feature.auth_seq_num   ? 
_pdbx_entity_instance_feature.feature_type   'SUBJECT OF INVESTIGATION' 
_pdbx_entity_instance_feature.details        ? 
# 
loop_
_pdbx_entity_nonpoly.entity_id 
_pdbx_entity_nonpoly.name 
_pdbx_entity_nonpoly.comp_id 
2 
;N-{1-[1,1-di(pyridin-2-yl)ethyl]-6-(5-{[(2-fluorophenyl)carbamoyl]amino}-1-methyl-6-oxo-1,6-dihydropyridin-3-yl)-1H-indol-4-yl}-2,2,2-trifluoroethane-1-sulfonamide
;
7QZ 
3 water HOH 
# 
_pdbx_initial_refinement_model.id               1 
_pdbx_initial_refinement_model.entity_id_list   ? 
_pdbx_initial_refinement_model.type             'experimental model' 
_pdbx_initial_refinement_model.source_name      PDB 
_pdbx_initial_refinement_model.accession_code   3MXF 
_pdbx_initial_refinement_model.details          'PDB entry 3MXF' 
# 
_pdbx_struct_assembly_auth_evidence.id                     1 
_pdbx_struct_assembly_auth_evidence.assembly_id            1 
_pdbx_struct_assembly_auth_evidence.experimental_support   'gel filtration' 
_pdbx_struct_assembly_auth_evidence.details                ? 
# 
